data_5CQA
# 
_entry.id   5CQA 
# 
_audit_conform.dict_name       mmcif_pdbx.dic 
_audit_conform.dict_version    5.391 
_audit_conform.dict_location   http://mmcif.pdb.org/dictionaries/ascii/mmcif_pdbx.dic 
# 
loop_
_database_2.database_id 
_database_2.database_code 
_database_2.pdbx_database_accession 
_database_2.pdbx_DOI 
PDB   5CQA         pdb_00005cqa 10.2210/pdb5cqa/pdb 
WWPDB D_1000212029 ?            ?                   
# 
loop_
_pdbx_audit_revision_history.ordinal 
_pdbx_audit_revision_history.data_content_type 
_pdbx_audit_revision_history.major_revision 
_pdbx_audit_revision_history.minor_revision 
_pdbx_audit_revision_history.revision_date 
1 'Structure model' 1 0 2015-09-09 
2 'Structure model' 1 1 2024-05-08 
# 
_pdbx_audit_revision_details.ordinal             1 
_pdbx_audit_revision_details.revision_ordinal    1 
_pdbx_audit_revision_details.data_content_type   'Structure model' 
_pdbx_audit_revision_details.provider            repository 
_pdbx_audit_revision_details.type                'Initial release' 
_pdbx_audit_revision_details.description         ? 
_pdbx_audit_revision_details.details             ? 
# 
loop_
_pdbx_audit_revision_group.ordinal 
_pdbx_audit_revision_group.revision_ordinal 
_pdbx_audit_revision_group.data_content_type 
_pdbx_audit_revision_group.group 
1 2 'Structure model' 'Data collection'     
2 2 'Structure model' 'Database references' 
# 
loop_
_pdbx_audit_revision_category.ordinal 
_pdbx_audit_revision_category.revision_ordinal 
_pdbx_audit_revision_category.data_content_type 
_pdbx_audit_revision_category.category 
1 2 'Structure model' chem_comp_atom              
2 2 'Structure model' chem_comp_bond              
3 2 'Structure model' database_2                  
4 2 'Structure model' diffrn_radiation_wavelength 
# 
loop_
_pdbx_audit_revision_item.ordinal 
_pdbx_audit_revision_item.revision_ordinal 
_pdbx_audit_revision_item.data_content_type 
_pdbx_audit_revision_item.item 
1 2 'Structure model' '_database_2.pdbx_DOI'                
2 2 'Structure model' '_database_2.pdbx_database_accession' 
# 
_pdbx_database_status.status_code                     REL 
_pdbx_database_status.status_code_sf                  REL 
_pdbx_database_status.status_code_mr                  ? 
_pdbx_database_status.entry_id                        5CQA 
_pdbx_database_status.recvd_initial_deposition_date   2015-07-21 
_pdbx_database_status.SG_entry                        Y 
_pdbx_database_status.deposit_site                    RCSB 
_pdbx_database_status.process_site                    PDBE 
_pdbx_database_status.status_code_cs                  ? 
_pdbx_database_status.methods_development_category    ? 
_pdbx_database_status.pdb_format_compatible           Y 
_pdbx_database_status.status_code_nmr_data            ? 
# 
loop_
_audit_author.name 
_audit_author.pdbx_ordinal 
'Bradley, A.'                          1  
'Pearce, N.'                           2  
'Krojer, T.'                           3  
'Ng, J.'                               4  
'Talon, R.'                            5  
'Vollmar, M.'                          6  
'Jose, B.'                             7  
'von Delft, F.'                        8  
'Bountra, C.'                          9  
'Arrowsmith, C.H.'                     10 
'Edwards, A.'                          11 
'Knapp, S.'                            12 
'Structural Genomics Consortium (SGC)' 13 
# 
_citation.abstract                  ? 
_citation.abstract_id_CAS           ? 
_citation.book_id_ISBN              ? 
_citation.book_publisher            ? 
_citation.book_publisher_city       ? 
_citation.book_title                ? 
_citation.coordinate_linkage        ? 
_citation.country                   ? 
_citation.database_id_Medline       ? 
_citation.details                   ? 
_citation.id                        primary 
_citation.journal_abbrev            'To be published' 
_citation.journal_id_ASTM           ? 
_citation.journal_id_CSD            0353 
_citation.journal_id_ISSN           ? 
_citation.journal_full              ? 
_citation.journal_issue             ? 
_citation.journal_volume            ? 
_citation.language                  ? 
_citation.page_first                ? 
_citation.page_last                 ? 
_citation.title                     
;Crystal structure of the second bromodomain of bromodomain adjancent to zinc finger domain protein 2B (BAZ2B) in complex with N-methyl-2,3-dihydrothieno[3,4-b][1,4]dioxine-5-carboxamide (SGC - Diamond I04-1 fragment screening)
;
_citation.year                      ? 
_citation.database_id_CSD           ? 
_citation.pdbx_database_id_DOI      ? 
_citation.pdbx_database_id_PubMed   ? 
_citation.unpublished_flag          ? 
# 
loop_
_citation_author.citation_id 
_citation_author.name 
_citation_author.ordinal 
_citation_author.identifier_ORCID 
primary 'Bradley, A.'                          1  ? 
primary 'Pearce, N.'                           2  ? 
primary 'Krojer, T.'                           3  ? 
primary 'Ng, J.'                               4  ? 
primary 'Talon, R.'                            5  ? 
primary 'Vollmar, M.'                          6  ? 
primary 'Jose, B.'                             7  ? 
primary 'von Delft, F.'                        8  ? 
primary 'Bountra, C.'                          9  ? 
primary 'Arrowsmith, C.H.'                     10 ? 
primary 'Edwards, A.'                          11 ? 
primary 'Knapp, S.'                            12 ? 
primary 'Structural Genomics Consortium (SGC)' 13 ? 
# 
loop_
_entity.id 
_entity.type 
_entity.src_method 
_entity.pdbx_description 
_entity.formula_weight 
_entity.pdbx_number_of_molecules 
_entity.pdbx_ec 
_entity.pdbx_mutation 
_entity.pdbx_fragment 
_entity.details 
1 polymer     man 'Bromodomain adjacent to zinc finger domain protein 2B'       13432.443 1   ? ? 
'Bromodomain, UNP residues 1858-1970' ? 
2 non-polymer syn 'N-methyl-2,3-dihydrothieno[3,4-b][1,4]dioxine-5-carboxamide' 199.227   1   ? ? ? ? 
3 non-polymer syn 1,2-ETHANEDIOL                                                62.068    1   ? ? ? ? 
4 water       nat water                                                         18.015    166 ? ? ? ? 
# 
_entity_name_com.entity_id   1 
_entity_name_com.name        hWALp4 
# 
_entity_poly.entity_id                      1 
_entity_poly.type                           'polypeptide(L)' 
_entity_poly.nstd_linkage                   no 
_entity_poly.nstd_monomer                   no 
_entity_poly.pdbx_seq_one_letter_code       
;SMSVKKPKRDDSKDLALCSMILTEMETHEDAWPFLLPVNLKLVPGYKKVIKKPMDFSTIREKLSSGQYPNLETFALDVRL
VFDNCETFNEDDSDIGRAGHNMRKYFEKKWTDTFK
;
_entity_poly.pdbx_seq_one_letter_code_can   
;SMSVKKPKRDDSKDLALCSMILTEMETHEDAWPFLLPVNLKLVPGYKKVIKKPMDFSTIREKLSSGQYPNLETFALDVRL
VFDNCETFNEDDSDIGRAGHNMRKYFEKKWTDTFK
;
_entity_poly.pdbx_strand_id                 A 
_entity_poly.pdbx_target_identifier         ? 
# 
loop_
_pdbx_entity_nonpoly.entity_id 
_pdbx_entity_nonpoly.name 
_pdbx_entity_nonpoly.comp_id 
2 'N-methyl-2,3-dihydrothieno[3,4-b][1,4]dioxine-5-carboxamide' 2LY 
3 1,2-ETHANEDIOL                                                EDO 
4 water                                                         HOH 
# 
loop_
_entity_poly_seq.entity_id 
_entity_poly_seq.num 
_entity_poly_seq.mon_id 
_entity_poly_seq.hetero 
1 1   SER n 
1 2   MET n 
1 3   SER n 
1 4   VAL n 
1 5   LYS n 
1 6   LYS n 
1 7   PRO n 
1 8   LYS n 
1 9   ARG n 
1 10  ASP n 
1 11  ASP n 
1 12  SER n 
1 13  LYS n 
1 14  ASP n 
1 15  LEU n 
1 16  ALA n 
1 17  LEU n 
1 18  CYS n 
1 19  SER n 
1 20  MET n 
1 21  ILE n 
1 22  LEU n 
1 23  THR n 
1 24  GLU n 
1 25  MET n 
1 26  GLU n 
1 27  THR n 
1 28  HIS n 
1 29  GLU n 
1 30  ASP n 
1 31  ALA n 
1 32  TRP n 
1 33  PRO n 
1 34  PHE n 
1 35  LEU n 
1 36  LEU n 
1 37  PRO n 
1 38  VAL n 
1 39  ASN n 
1 40  LEU n 
1 41  LYS n 
1 42  LEU n 
1 43  VAL n 
1 44  PRO n 
1 45  GLY n 
1 46  TYR n 
1 47  LYS n 
1 48  LYS n 
1 49  VAL n 
1 50  ILE n 
1 51  LYS n 
1 52  LYS n 
1 53  PRO n 
1 54  MET n 
1 55  ASP n 
1 56  PHE n 
1 57  SER n 
1 58  THR n 
1 59  ILE n 
1 60  ARG n 
1 61  GLU n 
1 62  LYS n 
1 63  LEU n 
1 64  SER n 
1 65  SER n 
1 66  GLY n 
1 67  GLN n 
1 68  TYR n 
1 69  PRO n 
1 70  ASN n 
1 71  LEU n 
1 72  GLU n 
1 73  THR n 
1 74  PHE n 
1 75  ALA n 
1 76  LEU n 
1 77  ASP n 
1 78  VAL n 
1 79  ARG n 
1 80  LEU n 
1 81  VAL n 
1 82  PHE n 
1 83  ASP n 
1 84  ASN n 
1 85  CYS n 
1 86  GLU n 
1 87  THR n 
1 88  PHE n 
1 89  ASN n 
1 90  GLU n 
1 91  ASP n 
1 92  ASP n 
1 93  SER n 
1 94  ASP n 
1 95  ILE n 
1 96  GLY n 
1 97  ARG n 
1 98  ALA n 
1 99  GLY n 
1 100 HIS n 
1 101 ASN n 
1 102 MET n 
1 103 ARG n 
1 104 LYS n 
1 105 TYR n 
1 106 PHE n 
1 107 GLU n 
1 108 LYS n 
1 109 LYS n 
1 110 TRP n 
1 111 THR n 
1 112 ASP n 
1 113 THR n 
1 114 PHE n 
1 115 LYS n 
# 
_entity_src_gen.entity_id                          1 
_entity_src_gen.pdbx_src_id                        1 
_entity_src_gen.pdbx_alt_source_flag               sample 
_entity_src_gen.pdbx_seq_type                      'Biological sequence' 
_entity_src_gen.pdbx_beg_seq_num                   1 
_entity_src_gen.pdbx_end_seq_num                   115 
_entity_src_gen.gene_src_common_name               Human 
_entity_src_gen.gene_src_genus                     ? 
_entity_src_gen.pdbx_gene_src_gene                 'BAZ2B, KIAA1476' 
_entity_src_gen.gene_src_species                   ? 
_entity_src_gen.gene_src_strain                    ? 
_entity_src_gen.gene_src_tissue                    ? 
_entity_src_gen.gene_src_tissue_fraction           ? 
_entity_src_gen.gene_src_details                   ? 
_entity_src_gen.pdbx_gene_src_fragment             ? 
_entity_src_gen.pdbx_gene_src_scientific_name      'Homo sapiens' 
_entity_src_gen.pdbx_gene_src_ncbi_taxonomy_id     9606 
_entity_src_gen.pdbx_gene_src_variant              ? 
_entity_src_gen.pdbx_gene_src_cell_line            ? 
_entity_src_gen.pdbx_gene_src_atcc                 ? 
_entity_src_gen.pdbx_gene_src_organ                ? 
_entity_src_gen.pdbx_gene_src_organelle            ? 
_entity_src_gen.pdbx_gene_src_cell                 ? 
_entity_src_gen.pdbx_gene_src_cellular_location    ? 
_entity_src_gen.host_org_common_name               ? 
_entity_src_gen.pdbx_host_org_scientific_name      'Escherichia coli' 
_entity_src_gen.pdbx_host_org_ncbi_taxonomy_id     562 
_entity_src_gen.host_org_genus                     ? 
_entity_src_gen.pdbx_host_org_gene                 ? 
_entity_src_gen.pdbx_host_org_organ                ? 
_entity_src_gen.host_org_species                   ? 
_entity_src_gen.pdbx_host_org_tissue               ? 
_entity_src_gen.pdbx_host_org_tissue_fraction      ? 
_entity_src_gen.pdbx_host_org_strain               ? 
_entity_src_gen.pdbx_host_org_variant              ? 
_entity_src_gen.pdbx_host_org_cell_line            ? 
_entity_src_gen.pdbx_host_org_atcc                 ? 
_entity_src_gen.pdbx_host_org_culture_collection   ? 
_entity_src_gen.pdbx_host_org_cell                 ? 
_entity_src_gen.pdbx_host_org_organelle            ? 
_entity_src_gen.pdbx_host_org_cellular_location    ? 
_entity_src_gen.pdbx_host_org_vector_type          ? 
_entity_src_gen.pdbx_host_org_vector               ? 
_entity_src_gen.host_org_details                   ? 
_entity_src_gen.expression_system_id               ? 
_entity_src_gen.plasmid_name                       pNIC28 
_entity_src_gen.plasmid_details                    ? 
_entity_src_gen.pdbx_description                   ? 
# 
loop_
_chem_comp.id 
_chem_comp.type 
_chem_comp.mon_nstd_flag 
_chem_comp.name 
_chem_comp.pdbx_synonyms 
_chem_comp.formula 
_chem_comp.formula_weight 
2LY non-polymer         . 'N-methyl-2,3-dihydrothieno[3,4-b][1,4]dioxine-5-carboxamide' ?                 'C8 H9 N O3 S'   199.227 
ALA 'L-peptide linking' y ALANINE                                                       ?                 'C3 H7 N O2'     89.093  
ARG 'L-peptide linking' y ARGININE                                                      ?                 'C6 H15 N4 O2 1' 175.209 
ASN 'L-peptide linking' y ASPARAGINE                                                    ?                 'C4 H8 N2 O3'    132.118 
ASP 'L-peptide linking' y 'ASPARTIC ACID'                                               ?                 'C4 H7 N O4'     133.103 
CYS 'L-peptide linking' y CYSTEINE                                                      ?                 'C3 H7 N O2 S'   121.158 
EDO non-polymer         . 1,2-ETHANEDIOL                                                'ETHYLENE GLYCOL' 'C2 H6 O2'       62.068  
GLN 'L-peptide linking' y GLUTAMINE                                                     ?                 'C5 H10 N2 O3'   146.144 
GLU 'L-peptide linking' y 'GLUTAMIC ACID'                                               ?                 'C5 H9 N O4'     147.129 
GLY 'peptide linking'   y GLYCINE                                                       ?                 'C2 H5 N O2'     75.067  
HIS 'L-peptide linking' y HISTIDINE                                                     ?                 'C6 H10 N3 O2 1' 156.162 
HOH non-polymer         . WATER                                                         ?                 'H2 O'           18.015  
ILE 'L-peptide linking' y ISOLEUCINE                                                    ?                 'C6 H13 N O2'    131.173 
LEU 'L-peptide linking' y LEUCINE                                                       ?                 'C6 H13 N O2'    131.173 
LYS 'L-peptide linking' y LYSINE                                                        ?                 'C6 H15 N2 O2 1' 147.195 
MET 'L-peptide linking' y METHIONINE                                                    ?                 'C5 H11 N O2 S'  149.211 
PHE 'L-peptide linking' y PHENYLALANINE                                                 ?                 'C9 H11 N O2'    165.189 
PRO 'L-peptide linking' y PROLINE                                                       ?                 'C5 H9 N O2'     115.130 
SER 'L-peptide linking' y SERINE                                                        ?                 'C3 H7 N O3'     105.093 
THR 'L-peptide linking' y THREONINE                                                     ?                 'C4 H9 N O3'     119.119 
TRP 'L-peptide linking' y TRYPTOPHAN                                                    ?                 'C11 H12 N2 O2'  204.225 
TYR 'L-peptide linking' y TYROSINE                                                      ?                 'C9 H11 N O3'    181.189 
VAL 'L-peptide linking' y VALINE                                                        ?                 'C5 H11 N O2'    117.146 
# 
loop_
_pdbx_poly_seq_scheme.asym_id 
_pdbx_poly_seq_scheme.entity_id 
_pdbx_poly_seq_scheme.seq_id 
_pdbx_poly_seq_scheme.mon_id 
_pdbx_poly_seq_scheme.ndb_seq_num 
_pdbx_poly_seq_scheme.pdb_seq_num 
_pdbx_poly_seq_scheme.auth_seq_num 
_pdbx_poly_seq_scheme.pdb_mon_id 
_pdbx_poly_seq_scheme.auth_mon_id 
_pdbx_poly_seq_scheme.pdb_strand_id 
_pdbx_poly_seq_scheme.pdb_ins_code 
_pdbx_poly_seq_scheme.hetero 
A 1 1   SER 1   1856 1856 SER SER A . n 
A 1 2   MET 2   1857 1857 MET MET A . n 
A 1 3   SER 3   1858 1858 SER SER A . n 
A 1 4   VAL 4   1859 1859 VAL VAL A . n 
A 1 5   LYS 5   1860 1860 LYS LYS A . n 
A 1 6   LYS 6   1861 1861 LYS LYS A . n 
A 1 7   PRO 7   1862 1862 PRO PRO A . n 
A 1 8   LYS 8   1863 1863 LYS LYS A . n 
A 1 9   ARG 9   1864 1864 ARG ARG A . n 
A 1 10  ASP 10  1865 1865 ASP ASP A . n 
A 1 11  ASP 11  1866 1866 ASP ASP A . n 
A 1 12  SER 12  1867 1867 SER SER A . n 
A 1 13  LYS 13  1868 1868 LYS LYS A . n 
A 1 14  ASP 14  1869 1869 ASP ASP A . n 
A 1 15  LEU 15  1870 1870 LEU LEU A . n 
A 1 16  ALA 16  1871 1871 ALA ALA A . n 
A 1 17  LEU 17  1872 1872 LEU LEU A . n 
A 1 18  CYS 18  1873 1873 CYS CYS A . n 
A 1 19  SER 19  1874 1874 SER SER A . n 
A 1 20  MET 20  1875 1875 MET MET A . n 
A 1 21  ILE 21  1876 1876 ILE ILE A . n 
A 1 22  LEU 22  1877 1877 LEU LEU A . n 
A 1 23  THR 23  1878 1878 THR THR A . n 
A 1 24  GLU 24  1879 1879 GLU GLU A . n 
A 1 25  MET 25  1880 1880 MET MET A . n 
A 1 26  GLU 26  1881 1881 GLU GLU A . n 
A 1 27  THR 27  1882 1882 THR THR A . n 
A 1 28  HIS 28  1883 1883 HIS HIS A . n 
A 1 29  GLU 29  1884 1884 GLU GLU A . n 
A 1 30  ASP 30  1885 1885 ASP ASP A . n 
A 1 31  ALA 31  1886 1886 ALA ALA A . n 
A 1 32  TRP 32  1887 1887 TRP TRP A . n 
A 1 33  PRO 33  1888 1888 PRO PRO A . n 
A 1 34  PHE 34  1889 1889 PHE PHE A . n 
A 1 35  LEU 35  1890 1890 LEU LEU A . n 
A 1 36  LEU 36  1891 1891 LEU LEU A . n 
A 1 37  PRO 37  1892 1892 PRO PRO A . n 
A 1 38  VAL 38  1893 1893 VAL VAL A . n 
A 1 39  ASN 39  1894 1894 ASN ASN A . n 
A 1 40  LEU 40  1895 1895 LEU LEU A . n 
A 1 41  LYS 41  1896 1896 LYS LYS A . n 
A 1 42  LEU 42  1897 1897 LEU LEU A . n 
A 1 43  VAL 43  1898 1898 VAL VAL A . n 
A 1 44  PRO 44  1899 1899 PRO PRO A . n 
A 1 45  GLY 45  1900 1900 GLY GLY A . n 
A 1 46  TYR 46  1901 1901 TYR TYR A . n 
A 1 47  LYS 47  1902 1902 LYS LYS A . n 
A 1 48  LYS 48  1903 1903 LYS LYS A . n 
A 1 49  VAL 49  1904 1904 VAL VAL A . n 
A 1 50  ILE 50  1905 1905 ILE ILE A . n 
A 1 51  LYS 51  1906 1906 LYS LYS A . n 
A 1 52  LYS 52  1907 1907 LYS LYS A . n 
A 1 53  PRO 53  1908 1908 PRO PRO A . n 
A 1 54  MET 54  1909 1909 MET MET A . n 
A 1 55  ASP 55  1910 1910 ASP ASP A . n 
A 1 56  PHE 56  1911 1911 PHE PHE A . n 
A 1 57  SER 57  1912 1912 SER SER A . n 
A 1 58  THR 58  1913 1913 THR THR A . n 
A 1 59  ILE 59  1914 1914 ILE ILE A . n 
A 1 60  ARG 60  1915 1915 ARG ARG A . n 
A 1 61  GLU 61  1916 1916 GLU GLU A . n 
A 1 62  LYS 62  1917 1917 LYS LYS A . n 
A 1 63  LEU 63  1918 1918 LEU LEU A . n 
A 1 64  SER 64  1919 1919 SER SER A . n 
A 1 65  SER 65  1920 1920 SER SER A . n 
A 1 66  GLY 66  1921 1921 GLY GLY A . n 
A 1 67  GLN 67  1922 1922 GLN GLN A . n 
A 1 68  TYR 68  1923 1923 TYR TYR A . n 
A 1 69  PRO 69  1924 1924 PRO PRO A . n 
A 1 70  ASN 70  1925 1925 ASN ASN A . n 
A 1 71  LEU 71  1926 1926 LEU LEU A . n 
A 1 72  GLU 72  1927 1927 GLU GLU A . n 
A 1 73  THR 73  1928 1928 THR THR A . n 
A 1 74  PHE 74  1929 1929 PHE PHE A . n 
A 1 75  ALA 75  1930 1930 ALA ALA A . n 
A 1 76  LEU 76  1931 1931 LEU LEU A . n 
A 1 77  ASP 77  1932 1932 ASP ASP A . n 
A 1 78  VAL 78  1933 1933 VAL VAL A . n 
A 1 79  ARG 79  1934 1934 ARG ARG A . n 
A 1 80  LEU 80  1935 1935 LEU LEU A . n 
A 1 81  VAL 81  1936 1936 VAL VAL A . n 
A 1 82  PHE 82  1937 1937 PHE PHE A . n 
A 1 83  ASP 83  1938 1938 ASP ASP A . n 
A 1 84  ASN 84  1939 1939 ASN ASN A . n 
A 1 85  CYS 85  1940 1940 CYS CYS A . n 
A 1 86  GLU 86  1941 1941 GLU GLU A . n 
A 1 87  THR 87  1942 1942 THR THR A . n 
A 1 88  PHE 88  1943 1943 PHE PHE A . n 
A 1 89  ASN 89  1944 1944 ASN ASN A . n 
A 1 90  GLU 90  1945 1945 GLU GLU A . n 
A 1 91  ASP 91  1946 1946 ASP ASP A . n 
A 1 92  ASP 92  1947 1947 ASP ASP A . n 
A 1 93  SER 93  1948 1948 SER SER A . n 
A 1 94  ASP 94  1949 1949 ASP ASP A . n 
A 1 95  ILE 95  1950 1950 ILE ILE A . n 
A 1 96  GLY 96  1951 1951 GLY GLY A . n 
A 1 97  ARG 97  1952 1952 ARG ARG A . n 
A 1 98  ALA 98  1953 1953 ALA ALA A . n 
A 1 99  GLY 99  1954 1954 GLY GLY A . n 
A 1 100 HIS 100 1955 1955 HIS HIS A . n 
A 1 101 ASN 101 1956 1956 ASN ASN A . n 
A 1 102 MET 102 1957 1957 MET MET A . n 
A 1 103 ARG 103 1958 1958 ARG ARG A . n 
A 1 104 LYS 104 1959 1959 LYS LYS A . n 
A 1 105 TYR 105 1960 1960 TYR TYR A . n 
A 1 106 PHE 106 1961 1961 PHE PHE A . n 
A 1 107 GLU 107 1962 1962 GLU GLU A . n 
A 1 108 LYS 108 1963 1963 LYS LYS A . n 
A 1 109 LYS 109 1964 1964 LYS LYS A . n 
A 1 110 TRP 110 1965 1965 TRP TRP A . n 
A 1 111 THR 111 1966 1966 THR THR A . n 
A 1 112 ASP 112 1967 1967 ASP ASP A . n 
A 1 113 THR 113 1968 1968 THR THR A . n 
A 1 114 PHE 114 1969 1969 PHE PHE A . n 
A 1 115 LYS 115 1970 1970 LYS LYS A . n 
# 
loop_
_pdbx_nonpoly_scheme.asym_id 
_pdbx_nonpoly_scheme.entity_id 
_pdbx_nonpoly_scheme.mon_id 
_pdbx_nonpoly_scheme.ndb_seq_num 
_pdbx_nonpoly_scheme.pdb_seq_num 
_pdbx_nonpoly_scheme.auth_seq_num 
_pdbx_nonpoly_scheme.pdb_mon_id 
_pdbx_nonpoly_scheme.auth_mon_id 
_pdbx_nonpoly_scheme.pdb_strand_id 
_pdbx_nonpoly_scheme.pdb_ins_code 
B 2 2LY 1   2001 1   2LY LIG A . 
C 3 EDO 1   2002 1   EDO EDO A . 
D 4 HOH 1   2101 158 HOH HOH A . 
D 4 HOH 2   2102 63  HOH HOH A . 
D 4 HOH 3   2103 97  HOH HOH A . 
D 4 HOH 4   2104 37  HOH HOH A . 
D 4 HOH 5   2105 6   HOH HOH A . 
D 4 HOH 6   2106 41  HOH HOH A . 
D 4 HOH 7   2107 45  HOH HOH A . 
D 4 HOH 8   2108 155 HOH HOH A . 
D 4 HOH 9   2109 9   HOH HOH A . 
D 4 HOH 10  2110 51  HOH HOH A . 
D 4 HOH 11  2111 39  HOH HOH A . 
D 4 HOH 12  2112 85  HOH HOH A . 
D 4 HOH 13  2113 70  HOH HOH A . 
D 4 HOH 14  2114 49  HOH HOH A . 
D 4 HOH 15  2115 22  HOH HOH A . 
D 4 HOH 16  2116 10  HOH HOH A . 
D 4 HOH 17  2117 38  HOH HOH A . 
D 4 HOH 18  2118 125 HOH HOH A . 
D 4 HOH 19  2119 137 HOH HOH A . 
D 4 HOH 20  2120 72  HOH HOH A . 
D 4 HOH 21  2121 35  HOH HOH A . 
D 4 HOH 22  2122 26  HOH HOH A . 
D 4 HOH 23  2123 40  HOH HOH A . 
D 4 HOH 24  2124 47  HOH HOH A . 
D 4 HOH 25  2125 24  HOH HOH A . 
D 4 HOH 26  2126 78  HOH HOH A . 
D 4 HOH 27  2127 29  HOH HOH A . 
D 4 HOH 28  2128 66  HOH HOH A . 
D 4 HOH 29  2129 46  HOH HOH A . 
D 4 HOH 30  2130 25  HOH HOH A . 
D 4 HOH 31  2131 65  HOH HOH A . 
D 4 HOH 32  2132 7   HOH HOH A . 
D 4 HOH 33  2133 54  HOH HOH A . 
D 4 HOH 34  2134 42  HOH HOH A . 
D 4 HOH 35  2135 20  HOH HOH A . 
D 4 HOH 36  2136 112 HOH HOH A . 
D 4 HOH 37  2137 33  HOH HOH A . 
D 4 HOH 38  2138 16  HOH HOH A . 
D 4 HOH 39  2139 96  HOH HOH A . 
D 4 HOH 40  2140 74  HOH HOH A . 
D 4 HOH 41  2141 86  HOH HOH A . 
D 4 HOH 42  2142 31  HOH HOH A . 
D 4 HOH 43  2143 48  HOH HOH A . 
D 4 HOH 44  2144 134 HOH HOH A . 
D 4 HOH 45  2145 88  HOH HOH A . 
D 4 HOH 46  2146 64  HOH HOH A . 
D 4 HOH 47  2147 5   HOH HOH A . 
D 4 HOH 48  2148 92  HOH HOH A . 
D 4 HOH 49  2149 113 HOH HOH A . 
D 4 HOH 50  2150 17  HOH HOH A . 
D 4 HOH 51  2151 21  HOH HOH A . 
D 4 HOH 52  2152 118 HOH HOH A . 
D 4 HOH 53  2153 2   HOH HOH A . 
D 4 HOH 54  2154 124 HOH HOH A . 
D 4 HOH 55  2155 91  HOH HOH A . 
D 4 HOH 56  2156 119 HOH HOH A . 
D 4 HOH 57  2157 80  HOH HOH A . 
D 4 HOH 58  2158 168 HOH HOH A . 
D 4 HOH 59  2159 98  HOH HOH A . 
D 4 HOH 60  2160 75  HOH HOH A . 
D 4 HOH 61  2161 141 HOH HOH A . 
D 4 HOH 62  2162 95  HOH HOH A . 
D 4 HOH 63  2163 18  HOH HOH A . 
D 4 HOH 64  2164 55  HOH HOH A . 
D 4 HOH 65  2165 4   HOH HOH A . 
D 4 HOH 66  2166 36  HOH HOH A . 
D 4 HOH 67  2167 89  HOH HOH A . 
D 4 HOH 68  2168 77  HOH HOH A . 
D 4 HOH 69  2169 14  HOH HOH A . 
D 4 HOH 70  2170 106 HOH HOH A . 
D 4 HOH 71  2171 67  HOH HOH A . 
D 4 HOH 72  2172 61  HOH HOH A . 
D 4 HOH 73  2173 1   HOH HOH A . 
D 4 HOH 74  2174 52  HOH HOH A . 
D 4 HOH 75  2175 101 HOH HOH A . 
D 4 HOH 76  2176 135 HOH HOH A . 
D 4 HOH 77  2177 87  HOH HOH A . 
D 4 HOH 78  2178 83  HOH HOH A . 
D 4 HOH 79  2179 12  HOH HOH A . 
D 4 HOH 80  2180 138 HOH HOH A . 
D 4 HOH 81  2181 53  HOH HOH A . 
D 4 HOH 82  2182 28  HOH HOH A . 
D 4 HOH 83  2183 99  HOH HOH A . 
D 4 HOH 84  2184 151 HOH HOH A . 
D 4 HOH 85  2185 116 HOH HOH A . 
D 4 HOH 86  2186 100 HOH HOH A . 
D 4 HOH 87  2187 94  HOH HOH A . 
D 4 HOH 88  2188 19  HOH HOH A . 
D 4 HOH 89  2189 84  HOH HOH A . 
D 4 HOH 90  2190 11  HOH HOH A . 
D 4 HOH 91  2191 121 HOH HOH A . 
D 4 HOH 92  2192 117 HOH HOH A . 
D 4 HOH 93  2193 3   HOH HOH A . 
D 4 HOH 94  2194 15  HOH HOH A . 
D 4 HOH 95  2195 131 HOH HOH A . 
D 4 HOH 96  2196 59  HOH HOH A . 
D 4 HOH 97  2197 167 HOH HOH A . 
D 4 HOH 98  2198 140 HOH HOH A . 
D 4 HOH 99  2199 128 HOH HOH A . 
D 4 HOH 100 2200 126 HOH HOH A . 
D 4 HOH 101 2201 58  HOH HOH A . 
D 4 HOH 102 2202 79  HOH HOH A . 
D 4 HOH 103 2203 157 HOH HOH A . 
D 4 HOH 104 2204 164 HOH HOH A . 
D 4 HOH 105 2205 160 HOH HOH A . 
D 4 HOH 106 2206 162 HOH HOH A . 
D 4 HOH 107 2207 30  HOH HOH A . 
D 4 HOH 108 2208 109 HOH HOH A . 
D 4 HOH 109 2209 27  HOH HOH A . 
D 4 HOH 110 2210 8   HOH HOH A . 
D 4 HOH 111 2211 34  HOH HOH A . 
D 4 HOH 112 2212 13  HOH HOH A . 
D 4 HOH 113 2213 159 HOH HOH A . 
D 4 HOH 114 2214 56  HOH HOH A . 
D 4 HOH 115 2215 127 HOH HOH A . 
D 4 HOH 116 2216 147 HOH HOH A . 
D 4 HOH 117 2217 104 HOH HOH A . 
D 4 HOH 118 2218 71  HOH HOH A . 
D 4 HOH 119 2219 23  HOH HOH A . 
D 4 HOH 120 2220 154 HOH HOH A . 
D 4 HOH 121 2221 142 HOH HOH A . 
D 4 HOH 122 2222 110 HOH HOH A . 
D 4 HOH 123 2223 111 HOH HOH A . 
D 4 HOH 124 2224 149 HOH HOH A . 
D 4 HOH 125 2225 136 HOH HOH A . 
D 4 HOH 126 2226 44  HOH HOH A . 
D 4 HOH 127 2227 144 HOH HOH A . 
D 4 HOH 128 2228 153 HOH HOH A . 
D 4 HOH 129 2229 107 HOH HOH A . 
D 4 HOH 130 2230 143 HOH HOH A . 
D 4 HOH 131 2231 163 HOH HOH A . 
D 4 HOH 132 2232 146 HOH HOH A . 
D 4 HOH 133 2233 32  HOH HOH A . 
D 4 HOH 134 2234 62  HOH HOH A . 
D 4 HOH 135 2235 103 HOH HOH A . 
D 4 HOH 136 2236 108 HOH HOH A . 
D 4 HOH 137 2237 50  HOH HOH A . 
D 4 HOH 138 2238 115 HOH HOH A . 
D 4 HOH 139 2239 102 HOH HOH A . 
D 4 HOH 140 2240 60  HOH HOH A . 
D 4 HOH 141 2241 114 HOH HOH A . 
D 4 HOH 142 2242 156 HOH HOH A . 
D 4 HOH 143 2243 129 HOH HOH A . 
D 4 HOH 144 2244 68  HOH HOH A . 
D 4 HOH 145 2245 150 HOH HOH A . 
D 4 HOH 146 2246 122 HOH HOH A . 
D 4 HOH 147 2247 105 HOH HOH A . 
D 4 HOH 148 2248 90  HOH HOH A . 
D 4 HOH 149 2249 165 HOH HOH A . 
D 4 HOH 150 2250 82  HOH HOH A . 
D 4 HOH 151 2251 93  HOH HOH A . 
D 4 HOH 152 2252 81  HOH HOH A . 
D 4 HOH 153 2253 57  HOH HOH A . 
D 4 HOH 154 2254 161 HOH HOH A . 
D 4 HOH 155 2255 73  HOH HOH A . 
D 4 HOH 156 2256 120 HOH HOH A . 
D 4 HOH 157 2257 43  HOH HOH A . 
D 4 HOH 158 2258 148 HOH HOH A . 
D 4 HOH 159 2259 139 HOH HOH A . 
D 4 HOH 160 2260 132 HOH HOH A . 
D 4 HOH 161 2261 152 HOH HOH A . 
D 4 HOH 162 2262 69  HOH HOH A . 
D 4 HOH 163 2263 133 HOH HOH A . 
D 4 HOH 164 2264 145 HOH HOH A . 
D 4 HOH 165 2265 123 HOH HOH A . 
D 4 HOH 166 2266 130 HOH HOH A . 
# 
loop_
_pdbx_unobs_or_zero_occ_atoms.id 
_pdbx_unobs_or_zero_occ_atoms.PDB_model_num 
_pdbx_unobs_or_zero_occ_atoms.polymer_flag 
_pdbx_unobs_or_zero_occ_atoms.occupancy_flag 
_pdbx_unobs_or_zero_occ_atoms.auth_asym_id 
_pdbx_unobs_or_zero_occ_atoms.auth_comp_id 
_pdbx_unobs_or_zero_occ_atoms.auth_seq_id 
_pdbx_unobs_or_zero_occ_atoms.PDB_ins_code 
_pdbx_unobs_or_zero_occ_atoms.auth_atom_id 
_pdbx_unobs_or_zero_occ_atoms.label_alt_id 
_pdbx_unobs_or_zero_occ_atoms.label_asym_id 
_pdbx_unobs_or_zero_occ_atoms.label_comp_id 
_pdbx_unobs_or_zero_occ_atoms.label_seq_id 
_pdbx_unobs_or_zero_occ_atoms.label_atom_id 
1  1 Y 1 A LYS 1863 ? CG  ? A LYS 8   CG  
2  1 Y 1 A LYS 1863 ? CD  ? A LYS 8   CD  
3  1 Y 1 A LYS 1863 ? CE  ? A LYS 8   CE  
4  1 Y 1 A LYS 1863 ? NZ  ? A LYS 8   NZ  
5  1 Y 1 A LYS 1868 ? CE  ? A LYS 13  CE  
6  1 Y 1 A LYS 1868 ? NZ  ? A LYS 13  NZ  
7  1 Y 1 A GLU 1927 ? CD  ? A GLU 72  CD  
8  1 Y 1 A GLU 1927 ? OE1 ? A GLU 72  OE1 
9  1 Y 1 A GLU 1927 ? OE2 ? A GLU 72  OE2 
10 1 Y 1 A LYS 1970 ? CG  ? A LYS 115 CG  
11 1 Y 1 A LYS 1970 ? CD  ? A LYS 115 CD  
12 1 Y 1 A LYS 1970 ? CE  ? A LYS 115 CE  
13 1 Y 1 A LYS 1970 ? NZ  ? A LYS 115 NZ  
# 
loop_
_software.citation_id 
_software.classification 
_software.compiler_name 
_software.compiler_version 
_software.contact_author 
_software.contact_author_email 
_software.date 
_software.description 
_software.dependencies 
_software.hardware 
_software.language 
_software.location 
_software.mods 
_software.name 
_software.os 
_software.os_version 
_software.type 
_software.version 
_software.pdbx_ordinal 
? 'data scaling'    ? ? ? ? ? ? ? ? ? ? ? Aimless     ? ? ? 0.2.17 1 
? refinement        ? ? ? ? ? ? ? ? ? ? ? PHENIX      ? ? ? .      2 
? 'data extraction' ? ? ? ? ? ? ? ? ? ? ? PDB_EXTRACT ? ? ? 3.15   3 
# 
_cell.angle_alpha                  90.000 
_cell.angle_alpha_esd              ? 
_cell.angle_beta                   90.000 
_cell.angle_beta_esd               ? 
_cell.angle_gamma                  90.000 
_cell.angle_gamma_esd              ? 
_cell.entry_id                     5CQA 
_cell.details                      ? 
_cell.formula_units_Z              ? 
_cell.length_a                     83.160 
_cell.length_a_esd                 ? 
_cell.length_b                     96.940 
_cell.length_b_esd                 ? 
_cell.length_c                     58.110 
_cell.length_c_esd                 ? 
_cell.volume                       ? 
_cell.volume_esd                   ? 
_cell.Z_PDB                        8 
_cell.reciprocal_angle_alpha       ? 
_cell.reciprocal_angle_beta        ? 
_cell.reciprocal_angle_gamma       ? 
_cell.reciprocal_angle_alpha_esd   ? 
_cell.reciprocal_angle_beta_esd    ? 
_cell.reciprocal_angle_gamma_esd   ? 
_cell.reciprocal_length_a          ? 
_cell.reciprocal_length_b          ? 
_cell.reciprocal_length_c          ? 
_cell.reciprocal_length_a_esd      ? 
_cell.reciprocal_length_b_esd      ? 
_cell.reciprocal_length_c_esd      ? 
_cell.pdbx_unique_axis             ? 
# 
_symmetry.entry_id                         5CQA 
_symmetry.cell_setting                     ? 
_symmetry.Int_Tables_number                20 
_symmetry.space_group_name_Hall            ? 
_symmetry.space_group_name_H-M             'C 2 2 21' 
_symmetry.pdbx_full_space_group_name_H-M   ? 
# 
_exptl.absorpt_coefficient_mu     ? 
_exptl.absorpt_correction_T_max   ? 
_exptl.absorpt_correction_T_min   ? 
_exptl.absorpt_correction_type    ? 
_exptl.absorpt_process_details    ? 
_exptl.entry_id                   5CQA 
_exptl.crystals_number            1 
_exptl.details                    ? 
_exptl.method                     'X-RAY DIFFRACTION' 
_exptl.method_details             ? 
# 
_exptl_crystal.colour                      ? 
_exptl_crystal.density_diffrn              ? 
_exptl_crystal.density_Matthews            4.56 
_exptl_crystal.density_method              ? 
_exptl_crystal.density_percent_sol         73.03 
_exptl_crystal.description                 ? 
_exptl_crystal.F_000                       ? 
_exptl_crystal.id                          1 
_exptl_crystal.preparation                 ? 
_exptl_crystal.size_max                    ? 
_exptl_crystal.size_mid                    ? 
_exptl_crystal.size_min                    ? 
_exptl_crystal.size_rad                    ? 
_exptl_crystal.colour_lustre               ? 
_exptl_crystal.colour_modifier             ? 
_exptl_crystal.colour_primary              ? 
_exptl_crystal.density_meas                ? 
_exptl_crystal.density_meas_esd            ? 
_exptl_crystal.density_meas_gt             ? 
_exptl_crystal.density_meas_lt             ? 
_exptl_crystal.density_meas_temp           ? 
_exptl_crystal.density_meas_temp_esd       ? 
_exptl_crystal.density_meas_temp_gt        ? 
_exptl_crystal.density_meas_temp_lt        ? 
_exptl_crystal.pdbx_crystal_image_url      ? 
_exptl_crystal.pdbx_crystal_image_format   ? 
_exptl_crystal.pdbx_mosaicity              ? 
_exptl_crystal.pdbx_mosaicity_esd          ? 
# 
_exptl_crystal_grow.apparatus       ? 
_exptl_crystal_grow.atmosphere      ? 
_exptl_crystal_grow.crystal_id      1 
_exptl_crystal_grow.details         ? 
_exptl_crystal_grow.method          'VAPOR DIFFUSION, SITTING DROP' 
_exptl_crystal_grow.method_ref      ? 
_exptl_crystal_grow.pH              6.0 
_exptl_crystal_grow.pressure        ? 
_exptl_crystal_grow.pressure_esd    ? 
_exptl_crystal_grow.seeding         ? 
_exptl_crystal_grow.seeding_ref     ? 
_exptl_crystal_grow.temp            277 
_exptl_crystal_grow.temp_details    ? 
_exptl_crystal_grow.temp_esd        ? 
_exptl_crystal_grow.time            ? 
_exptl_crystal_grow.pdbx_details    '20% PEG6000 , 10% ethylene glycol , 0.1M MES pH 6.0 , 0.1M calcium chloride' 
_exptl_crystal_grow.pdbx_pH_range   ? 
# 
_diffrn.ambient_environment    ? 
_diffrn.ambient_temp           100 
_diffrn.ambient_temp_details   ? 
_diffrn.ambient_temp_esd       ? 
_diffrn.crystal_id             1 
_diffrn.crystal_support        ? 
_diffrn.crystal_treatment      ? 
_diffrn.details                ? 
_diffrn.id                     1 
_diffrn.ambient_pressure       ? 
_diffrn.ambient_pressure_esd   ? 
_diffrn.ambient_pressure_gt    ? 
_diffrn.ambient_pressure_lt    ? 
_diffrn.ambient_temp_gt        ? 
_diffrn.ambient_temp_lt        ? 
# 
_diffrn_detector.details                      ? 
_diffrn_detector.detector                     PIXEL 
_diffrn_detector.diffrn_id                    1 
_diffrn_detector.type                         'PSI PILATUS 6M' 
_diffrn_detector.area_resol_mean              ? 
_diffrn_detector.dtime                        ? 
_diffrn_detector.pdbx_frames_total            ? 
_diffrn_detector.pdbx_collection_time_total   ? 
_diffrn_detector.pdbx_collection_date         2014-05-16 
# 
_diffrn_radiation.collimation                      ? 
_diffrn_radiation.diffrn_id                        1 
_diffrn_radiation.filter_edge                      ? 
_diffrn_radiation.inhomogeneity                    ? 
_diffrn_radiation.monochromator                    ? 
_diffrn_radiation.polarisn_norm                    ? 
_diffrn_radiation.polarisn_ratio                   ? 
_diffrn_radiation.probe                            ? 
_diffrn_radiation.type                             ? 
_diffrn_radiation.xray_symbol                      ? 
_diffrn_radiation.wavelength_id                    1 
_diffrn_radiation.pdbx_monochromatic_or_laue_m_l   M 
_diffrn_radiation.pdbx_wavelength_list             ? 
_diffrn_radiation.pdbx_wavelength                  ? 
_diffrn_radiation.pdbx_diffrn_protocol             'SINGLE WAVELENGTH' 
_diffrn_radiation.pdbx_analyzer                    ? 
_diffrn_radiation.pdbx_scattering_type             x-ray 
# 
_diffrn_radiation_wavelength.id           1 
_diffrn_radiation_wavelength.wavelength   0.92001 
_diffrn_radiation_wavelength.wt           1.0 
# 
_diffrn_source.current                     ? 
_diffrn_source.details                     ? 
_diffrn_source.diffrn_id                   1 
_diffrn_source.power                       ? 
_diffrn_source.size                        ? 
_diffrn_source.source                      SYNCHROTRON 
_diffrn_source.target                      ? 
_diffrn_source.type                        'DIAMOND BEAMLINE I04-1' 
_diffrn_source.voltage                     ? 
_diffrn_source.take-off_angle              ? 
_diffrn_source.pdbx_wavelength_list        0.92001 
_diffrn_source.pdbx_wavelength             ? 
_diffrn_source.pdbx_synchrotron_beamline   I04-1 
_diffrn_source.pdbx_synchrotron_site       Diamond 
# 
_reflns.B_iso_Wilson_estimate            ? 
_reflns.entry_id                         5CQA 
_reflns.data_reduction_details           ? 
_reflns.data_reduction_method            ? 
_reflns.d_resolution_high                2.130 
_reflns.d_resolution_low                 37.220 
_reflns.details                          ? 
_reflns.limit_h_max                      ? 
_reflns.limit_h_min                      ? 
_reflns.limit_k_max                      ? 
_reflns.limit_k_min                      ? 
_reflns.limit_l_max                      ? 
_reflns.limit_l_min                      ? 
_reflns.number_all                       ? 
_reflns.number_obs                       13238 
_reflns.observed_criterion               ? 
_reflns.observed_criterion_F_max         ? 
_reflns.observed_criterion_F_min         ? 
_reflns.observed_criterion_I_max         ? 
_reflns.observed_criterion_I_min         ? 
_reflns.observed_criterion_sigma_F       ? 
_reflns.observed_criterion_sigma_I       ? 
_reflns.percent_possible_obs             98.400 
_reflns.R_free_details                   ? 
_reflns.Rmerge_F_all                     ? 
_reflns.Rmerge_F_obs                     ? 
_reflns.Friedel_coverage                 ? 
_reflns.number_gt                        ? 
_reflns.threshold_expression             ? 
_reflns.pdbx_redundancy                  6.300 
_reflns.pdbx_Rmerge_I_obs                0.156 
_reflns.pdbx_Rmerge_I_all                ? 
_reflns.pdbx_Rsym_value                  ? 
_reflns.pdbx_netI_over_av_sigmaI         ? 
_reflns.pdbx_netI_over_sigmaI            16.300 
_reflns.pdbx_res_netI_over_av_sigmaI_2   ? 
_reflns.pdbx_res_netI_over_sigmaI_2      ? 
_reflns.pdbx_chi_squared                 ? 
_reflns.pdbx_scaling_rejects             ? 
_reflns.pdbx_d_res_high_opt              ? 
_reflns.pdbx_d_res_low_opt               ? 
_reflns.pdbx_d_res_opt_method            ? 
_reflns.phase_calculation_details        ? 
_reflns.pdbx_Rrim_I_all                  ? 
_reflns.pdbx_Rpim_I_all                  0.067 
_reflns.pdbx_d_opt                       ? 
_reflns.pdbx_number_measured_all         83872 
_reflns.pdbx_diffrn_id                   1 
_reflns.pdbx_ordinal                     1 
_reflns.pdbx_CC_half                     0.996 
_reflns.pdbx_R_split                     ? 
# 
loop_
_reflns_shell.d_res_high 
_reflns_shell.d_res_low 
_reflns_shell.meanI_over_sigI_all 
_reflns_shell.meanI_over_sigI_obs 
_reflns_shell.number_measured_all 
_reflns_shell.number_measured_obs 
_reflns_shell.number_possible 
_reflns_shell.number_unique_all 
_reflns_shell.number_unique_obs 
_reflns_shell.percent_possible_all 
_reflns_shell.percent_possible_obs 
_reflns_shell.Rmerge_F_all 
_reflns_shell.Rmerge_F_obs 
_reflns_shell.Rmerge_I_all 
_reflns_shell.Rmerge_I_obs 
_reflns_shell.meanI_over_sigI_gt 
_reflns_shell.meanI_over_uI_all 
_reflns_shell.meanI_over_uI_gt 
_reflns_shell.number_measured_gt 
_reflns_shell.number_unique_gt 
_reflns_shell.percent_possible_gt 
_reflns_shell.Rmerge_F_gt 
_reflns_shell.Rmerge_I_gt 
_reflns_shell.pdbx_redundancy 
_reflns_shell.pdbx_Rsym_value 
_reflns_shell.pdbx_chi_squared 
_reflns_shell.pdbx_netI_over_sigmaI_all 
_reflns_shell.pdbx_netI_over_sigmaI_obs 
_reflns_shell.pdbx_Rrim_I_all 
_reflns_shell.pdbx_Rpim_I_all 
_reflns_shell.pdbx_rejects 
_reflns_shell.pdbx_ordinal 
_reflns_shell.pdbx_diffrn_id 
_reflns_shell.pdbx_CC_half 
_reflns_shell.pdbx_R_split 
2.130 2.190  ? 3.200  5985 ? ? 955 ? 98.500 ? ? ? ? 0.792 ? ? ? ? ? ? ? ? 6.300 ? ? ? ? ? 0.344 0 1 1 0.713 ? 
9.530 37.220 ? 49.400 1019 ? ? 177 ? 97.900 ? ? ? ? 0.034 ? ? ? ? ? ? ? ? 5.800 ? ? ? ? ? 0.015 0 2 1 0.999 ? 
# 
_refine.aniso_B[1][1]                            ? 
_refine.aniso_B[1][2]                            ? 
_refine.aniso_B[1][3]                            ? 
_refine.aniso_B[2][2]                            ? 
_refine.aniso_B[2][3]                            ? 
_refine.aniso_B[3][3]                            ? 
_refine.B_iso_max                                65.650 
_refine.B_iso_mean                               30.6952 
_refine.B_iso_min                                15.710 
_refine.correlation_coeff_Fo_to_Fc               ? 
_refine.correlation_coeff_Fo_to_Fc_free          ? 
_refine.details                                  ? 
_refine.diff_density_max                         ? 
_refine.diff_density_max_esd                     ? 
_refine.diff_density_min                         ? 
_refine.diff_density_min_esd                     ? 
_refine.diff_density_rms                         ? 
_refine.diff_density_rms_esd                     ? 
_refine.entry_id                                 5CQA 
_refine.pdbx_refine_id                           'X-RAY DIFFRACTION' 
_refine.ls_abs_structure_details                 ? 
_refine.ls_abs_structure_Flack                   ? 
_refine.ls_abs_structure_Flack_esd               ? 
_refine.ls_abs_structure_Rogers                  ? 
_refine.ls_abs_structure_Rogers_esd              ? 
_refine.ls_d_res_high                            2.1300 
_refine.ls_d_res_low                             37.20 
_refine.ls_extinction_coef                       ? 
_refine.ls_extinction_coef_esd                   ? 
_refine.ls_extinction_expression                 ? 
_refine.ls_extinction_method                     ? 
_refine.ls_goodness_of_fit_all                   ? 
_refine.ls_goodness_of_fit_all_esd               ? 
_refine.ls_goodness_of_fit_obs                   ? 
_refine.ls_goodness_of_fit_obs_esd               ? 
_refine.ls_hydrogen_treatment                    ? 
_refine.ls_matrix_type                           ? 
_refine.ls_number_constraints                    ? 
_refine.ls_number_parameters                     ? 
_refine.ls_number_reflns_all                     ? 
_refine.ls_number_reflns_obs                     13223 
_refine.ls_number_reflns_R_free                  662 
_refine.ls_number_reflns_R_work                  ? 
_refine.ls_number_restraints                     ? 
_refine.ls_percent_reflns_obs                    98.0300 
_refine.ls_percent_reflns_R_free                 5.0100 
_refine.ls_R_factor_all                          ? 
_refine.ls_R_factor_obs                          0.1776 
_refine.ls_R_factor_R_free                       0.2222 
_refine.ls_R_factor_R_free_error                 ? 
_refine.ls_R_factor_R_free_error_details         ? 
_refine.ls_R_factor_R_work                       0.1753 
_refine.ls_R_Fsqd_factor_obs                     ? 
_refine.ls_R_I_factor_obs                        ? 
_refine.ls_redundancy_reflns_all                 ? 
_refine.ls_redundancy_reflns_obs                 ? 
_refine.ls_restrained_S_all                      ? 
_refine.ls_restrained_S_obs                      ? 
_refine.ls_shift_over_esd_max                    ? 
_refine.ls_shift_over_esd_mean                   ? 
_refine.ls_structure_factor_coef                 ? 
_refine.ls_weighting_details                     ? 
_refine.ls_weighting_scheme                      ? 
_refine.ls_wR_factor_all                         ? 
_refine.ls_wR_factor_obs                         ? 
_refine.ls_wR_factor_R_free                      ? 
_refine.ls_wR_factor_R_work                      ? 
_refine.occupancy_max                            ? 
_refine.occupancy_min                            ? 
_refine.solvent_model_details                    'FLAT BULK SOLVENT MODEL' 
_refine.solvent_model_param_bsol                 ? 
_refine.solvent_model_param_ksol                 ? 
_refine.ls_R_factor_gt                           ? 
_refine.ls_goodness_of_fit_gt                    ? 
_refine.ls_goodness_of_fit_ref                   ? 
_refine.ls_shift_over_su_max                     ? 
_refine.ls_shift_over_su_max_lt                  ? 
_refine.ls_shift_over_su_mean                    ? 
_refine.ls_shift_over_su_mean_lt                 ? 
_refine.pdbx_ls_sigma_I                          ? 
_refine.pdbx_ls_sigma_F                          1.360 
_refine.pdbx_ls_sigma_Fsqd                       ? 
_refine.pdbx_data_cutoff_high_absF               ? 
_refine.pdbx_data_cutoff_high_rms_absF           ? 
_refine.pdbx_data_cutoff_low_absF                ? 
_refine.pdbx_isotropic_thermal_model             ? 
_refine.pdbx_ls_cross_valid_method               'FREE R-VALUE' 
_refine.pdbx_method_to_determine_struct          'MOLECULAR REPLACEMENT' 
_refine.pdbx_starting_model                      ? 
_refine.pdbx_stereochemistry_target_values       ML 
_refine.pdbx_R_Free_selection_details            ? 
_refine.pdbx_stereochem_target_val_spec_case     ? 
_refine.pdbx_overall_ESU_R                       ? 
_refine.pdbx_overall_ESU_R_Free                  ? 
_refine.pdbx_solvent_vdw_probe_radii             1.1100 
_refine.pdbx_solvent_ion_probe_radii             ? 
_refine.pdbx_solvent_shrinkage_radii             0.9000 
_refine.pdbx_real_space_R                        ? 
_refine.pdbx_density_correlation                 ? 
_refine.pdbx_pd_number_of_powder_patterns        ? 
_refine.pdbx_pd_number_of_points                 ? 
_refine.pdbx_pd_meas_number_of_points            ? 
_refine.pdbx_pd_proc_ls_prof_R_factor            ? 
_refine.pdbx_pd_proc_ls_prof_wR_factor           ? 
_refine.pdbx_pd_Marquardt_correlation_coeff      ? 
_refine.pdbx_pd_Fsqrd_R_factor                   ? 
_refine.pdbx_pd_ls_matrix_band_width             ? 
_refine.pdbx_overall_phase_error                 21.2600 
_refine.pdbx_overall_SU_R_free_Cruickshank_DPI   ? 
_refine.pdbx_overall_SU_R_free_Blow_DPI          ? 
_refine.pdbx_overall_SU_R_Blow_DPI               ? 
_refine.pdbx_TLS_residual_ADP_flag               ? 
_refine.pdbx_diffrn_id                           1 
_refine.overall_SU_B                             ? 
_refine.overall_SU_ML                            0.2100 
_refine.overall_SU_R_Cruickshank_DPI             ? 
_refine.overall_SU_R_free                        ? 
_refine.overall_FOM_free_R_set                   ? 
_refine.overall_FOM_work_R_set                   ? 
_refine.pdbx_average_fsc_overall                 ? 
_refine.pdbx_average_fsc_work                    ? 
_refine.pdbx_average_fsc_free                    ? 
# 
_refine_hist.cycle_id                         final 
_refine_hist.pdbx_refine_id                   'X-RAY DIFFRACTION' 
_refine_hist.d_res_high                       2.1300 
_refine_hist.d_res_low                        37.20 
_refine_hist.pdbx_number_atoms_ligand         17 
_refine_hist.number_atoms_solvent             166 
_refine_hist.number_atoms_total               1110 
_refine_hist.pdbx_number_residues_total       115 
_refine_hist.pdbx_B_iso_mean_ligand           37.37 
_refine_hist.pdbx_B_iso_mean_solvent          38.02 
_refine_hist.pdbx_number_atoms_protein        927 
_refine_hist.pdbx_number_atoms_nucleic_acid   0 
# 
_struct.entry_id                     5CQA 
_struct.title                        
;Crystal structure of the bromodomain of bromodomain adjacent to zinc finger domain protein 2B (BAZ2B) in complex with N-methyl-2,3-dihydrothieno[3,4-b][1,4]dioxine-5-carboxamide (SGC - Diamond I04-1 fragment screening)
;
_struct.pdbx_model_details           ? 
_struct.pdbx_formula_weight          ? 
_struct.pdbx_formula_weight_method   ? 
_struct.pdbx_model_type_details      ? 
_struct.pdbx_CASP_flag               ? 
# 
_struct_keywords.entry_id        5CQA 
_struct_keywords.text            'Structural Genomics, Structural Genomics Consortium, SGC, transcription' 
_struct_keywords.pdbx_keywords   TRANSCRIPTION 
# 
loop_
_struct_asym.id 
_struct_asym.pdbx_blank_PDB_chainid_flag 
_struct_asym.pdbx_modified 
_struct_asym.entity_id 
_struct_asym.details 
A N N 1 ? 
B N N 2 ? 
C N N 3 ? 
D N N 4 ? 
# 
_struct_ref.id                         1 
_struct_ref.db_name                    UNP 
_struct_ref.db_code                    BAZ2B_HUMAN 
_struct_ref.pdbx_db_accession          Q9UIF8 
_struct_ref.pdbx_db_isoform            Q9UIF8-4 
_struct_ref.entity_id                  1 
_struct_ref.pdbx_seq_one_letter_code   
;SVKKPKRDDSKDLALCSMILTEMETHEDAWPFLLPVNLKLVPGYKKVIKKPMDFSTIREKLSSGQYPNLETFALDVRLVF
DNCETFNEDDSDIGRAGHNMRKYFEKKWTDTFK
;
_struct_ref.pdbx_align_begin           1858 
# 
_struct_ref_seq.align_id                      1 
_struct_ref_seq.ref_id                        1 
_struct_ref_seq.pdbx_PDB_id_code              5CQA 
_struct_ref_seq.pdbx_strand_id                A 
_struct_ref_seq.seq_align_beg                 3 
_struct_ref_seq.pdbx_seq_align_beg_ins_code   ? 
_struct_ref_seq.seq_align_end                 115 
_struct_ref_seq.pdbx_seq_align_end_ins_code   ? 
_struct_ref_seq.pdbx_db_accession             Q9UIF8 
_struct_ref_seq.db_align_beg                  1858 
_struct_ref_seq.pdbx_db_align_beg_ins_code    ? 
_struct_ref_seq.db_align_end                  1970 
_struct_ref_seq.pdbx_db_align_end_ins_code    ? 
_struct_ref_seq.pdbx_auth_seq_align_beg       1858 
_struct_ref_seq.pdbx_auth_seq_align_end       1970 
# 
loop_
_struct_ref_seq_dif.align_id 
_struct_ref_seq_dif.pdbx_pdb_id_code 
_struct_ref_seq_dif.mon_id 
_struct_ref_seq_dif.pdbx_pdb_strand_id 
_struct_ref_seq_dif.seq_num 
_struct_ref_seq_dif.pdbx_pdb_ins_code 
_struct_ref_seq_dif.pdbx_seq_db_name 
_struct_ref_seq_dif.pdbx_seq_db_accession_code 
_struct_ref_seq_dif.db_mon_id 
_struct_ref_seq_dif.pdbx_seq_db_seq_num 
_struct_ref_seq_dif.details 
_struct_ref_seq_dif.pdbx_auth_seq_num 
_struct_ref_seq_dif.pdbx_ordinal 
1 5CQA SER A 1 ? UNP Q9UIF8 ? ? 'expression tag' 1856 1 
1 5CQA MET A 2 ? UNP Q9UIF8 ? ? 'expression tag' 1857 2 
# 
_pdbx_struct_assembly.id                   1 
_pdbx_struct_assembly.details              author_and_software_defined_assembly 
_pdbx_struct_assembly.method_details       PISA 
_pdbx_struct_assembly.oligomeric_details   monomeric 
_pdbx_struct_assembly.oligomeric_count     1 
# 
loop_
_pdbx_struct_assembly_prop.biol_id 
_pdbx_struct_assembly_prop.type 
_pdbx_struct_assembly_prop.value 
_pdbx_struct_assembly_prop.details 
1 'ABSA (A^2)' 210  ? 
1 MORE         3    ? 
1 'SSA (A^2)'  7740 ? 
# 
_pdbx_struct_assembly_gen.assembly_id       1 
_pdbx_struct_assembly_gen.oper_expression   1 
_pdbx_struct_assembly_gen.asym_id_list      A,B,C,D 
# 
_pdbx_struct_oper_list.id                   1 
_pdbx_struct_oper_list.type                 'identity operation' 
_pdbx_struct_oper_list.name                 1_555 
_pdbx_struct_oper_list.symmetry_operation   x,y,z 
_pdbx_struct_oper_list.matrix[1][1]         1.0000000000 
_pdbx_struct_oper_list.matrix[1][2]         0.0000000000 
_pdbx_struct_oper_list.matrix[1][3]         0.0000000000 
_pdbx_struct_oper_list.vector[1]            0.0000000000 
_pdbx_struct_oper_list.matrix[2][1]         0.0000000000 
_pdbx_struct_oper_list.matrix[2][2]         1.0000000000 
_pdbx_struct_oper_list.matrix[2][3]         0.0000000000 
_pdbx_struct_oper_list.vector[2]            0.0000000000 
_pdbx_struct_oper_list.matrix[3][1]         0.0000000000 
_pdbx_struct_oper_list.matrix[3][2]         0.0000000000 
_pdbx_struct_oper_list.matrix[3][3]         1.0000000000 
_pdbx_struct_oper_list.vector[3]            0.0000000000 
# 
loop_
_struct_conf.conf_type_id 
_struct_conf.id 
_struct_conf.pdbx_PDB_helix_id 
_struct_conf.beg_label_comp_id 
_struct_conf.beg_label_asym_id 
_struct_conf.beg_label_seq_id 
_struct_conf.pdbx_beg_PDB_ins_code 
_struct_conf.end_label_comp_id 
_struct_conf.end_label_asym_id 
_struct_conf.end_label_seq_id 
_struct_conf.pdbx_end_PDB_ins_code 
_struct_conf.beg_auth_comp_id 
_struct_conf.beg_auth_asym_id 
_struct_conf.beg_auth_seq_id 
_struct_conf.end_auth_comp_id 
_struct_conf.end_auth_asym_id 
_struct_conf.end_auth_seq_id 
_struct_conf.pdbx_PDB_helix_class 
_struct_conf.details 
_struct_conf.pdbx_PDB_helix_length 
HELX_P HELX_P1 AA1 LYS A 13 ? THR A 27  ? LYS A 1868 THR A 1882 1 ? 15 
HELX_P HELX_P2 AA2 ALA A 31 ? LEU A 35  ? ALA A 1886 LEU A 1890 5 ? 5  
HELX_P HELX_P3 AA3 GLY A 45 ? ILE A 50  ? GLY A 1900 ILE A 1905 1 ? 6  
HELX_P HELX_P4 AA4 ASP A 55 ? SER A 65  ? ASP A 1910 SER A 1920 1 ? 11 
HELX_P HELX_P5 AA5 ASN A 70 ? ASN A 89  ? ASN A 1925 ASN A 1944 1 ? 20 
HELX_P HELX_P6 AA6 SER A 93 ? LYS A 115 ? SER A 1948 LYS A 1970 1 ? 23 
# 
_struct_conf_type.id          HELX_P 
_struct_conf_type.criteria    ? 
_struct_conf_type.reference   ? 
# 
loop_
_struct_site.id 
_struct_site.pdbx_evidence_code 
_struct_site.pdbx_auth_asym_id 
_struct_site.pdbx_auth_comp_id 
_struct_site.pdbx_auth_seq_id 
_struct_site.pdbx_auth_ins_code 
_struct_site.pdbx_num_residues 
_struct_site.details 
AC1 Software A 2LY 2001 ? 4 'binding site for residue 2LY A 2001' 
AC2 Software A EDO 2002 ? 5 'binding site for residue EDO A 2002' 
# 
loop_
_struct_site_gen.id 
_struct_site_gen.site_id 
_struct_site_gen.pdbx_num_res 
_struct_site_gen.label_comp_id 
_struct_site_gen.label_asym_id 
_struct_site_gen.label_seq_id 
_struct_site_gen.pdbx_auth_ins_code 
_struct_site_gen.auth_comp_id 
_struct_site_gen.auth_asym_id 
_struct_site_gen.auth_seq_id 
_struct_site_gen.label_atom_id 
_struct_site_gen.label_alt_id 
_struct_site_gen.symmetry 
_struct_site_gen.details 
1 AC1 4 PRO A 33  ? PRO A 1888 . ? 1_555 ? 
2 AC1 4 PHE A 34  ? PHE A 1889 . ? 1_555 ? 
3 AC1 4 ASN A 89  ? ASN A 1944 . ? 1_555 ? 
4 AC1 4 HOH D .   ? HOH A 2111 . ? 1_555 ? 
5 AC2 5 MET A 20  ? MET A 1875 . ? 1_555 ? 
6 AC2 5 GLU A 24  ? GLU A 1879 . ? 1_555 ? 
7 AC2 5 THR A 113 ? THR A 1968 . ? 1_555 ? 
8 AC2 5 HOH D .   ? HOH A 2112 . ? 1_555 ? 
9 AC2 5 HOH D .   ? HOH A 2159 . ? 1_555 ? 
# 
_pdbx_validate_close_contact.id               1 
_pdbx_validate_close_contact.PDB_model_num    1 
_pdbx_validate_close_contact.auth_atom_id_1   O 
_pdbx_validate_close_contact.auth_asym_id_1   A 
_pdbx_validate_close_contact.auth_comp_id_1   HOH 
_pdbx_validate_close_contact.auth_seq_id_1    2201 
_pdbx_validate_close_contact.PDB_ins_code_1   ? 
_pdbx_validate_close_contact.label_alt_id_1   ? 
_pdbx_validate_close_contact.auth_atom_id_2   O 
_pdbx_validate_close_contact.auth_asym_id_2   A 
_pdbx_validate_close_contact.auth_comp_id_2   HOH 
_pdbx_validate_close_contact.auth_seq_id_2    2207 
_pdbx_validate_close_contact.PDB_ins_code_2   ? 
_pdbx_validate_close_contact.label_alt_id_2   ? 
_pdbx_validate_close_contact.dist             2.16 
# 
_pdbx_SG_project.id                    1 
_pdbx_SG_project.project_name          ? 
_pdbx_SG_project.full_name_of_center   'Structural Genomics Consortium' 
_pdbx_SG_project.initial_of_center     SGC 
# 
_phasing.method   MR 
# 
loop_
_pdbx_distant_solvent_atoms.id 
_pdbx_distant_solvent_atoms.PDB_model_num 
_pdbx_distant_solvent_atoms.auth_atom_id 
_pdbx_distant_solvent_atoms.label_alt_id 
_pdbx_distant_solvent_atoms.auth_asym_id 
_pdbx_distant_solvent_atoms.auth_comp_id 
_pdbx_distant_solvent_atoms.auth_seq_id 
_pdbx_distant_solvent_atoms.PDB_ins_code 
_pdbx_distant_solvent_atoms.neighbor_macromolecule_distance 
_pdbx_distant_solvent_atoms.neighbor_ligand_distance 
1 1 O ? A HOH 2265 ? 5.85 . 
2 1 O ? A HOH 2266 ? 6.15 . 
# 
loop_
_chem_comp_atom.comp_id 
_chem_comp_atom.atom_id 
_chem_comp_atom.type_symbol 
_chem_comp_atom.pdbx_aromatic_flag 
_chem_comp_atom.pdbx_stereo_config 
_chem_comp_atom.pdbx_ordinal 
2LY C01  C N N 1   
2LY N02  N N N 2   
2LY C03  C N N 3   
2LY C04  C Y N 4   
2LY C05  C Y N 5   
2LY C06  C Y N 6   
2LY C07  C Y N 7   
2LY S08  S Y N 8   
2LY O09  O N N 9   
2LY C10  C N N 10  
2LY C11  C N N 11  
2LY O12  O N N 12  
2LY O13  O N N 13  
2LY H1   H N N 14  
2LY H2   H N N 15  
2LY H3   H N N 16  
2LY H4   H N N 17  
2LY H5   H N N 18  
2LY H6   H N N 19  
2LY H7   H N N 20  
2LY H8   H N N 21  
2LY H9   H N N 22  
ALA N    N N N 23  
ALA CA   C N S 24  
ALA C    C N N 25  
ALA O    O N N 26  
ALA CB   C N N 27  
ALA OXT  O N N 28  
ALA H    H N N 29  
ALA H2   H N N 30  
ALA HA   H N N 31  
ALA HB1  H N N 32  
ALA HB2  H N N 33  
ALA HB3  H N N 34  
ALA HXT  H N N 35  
ARG N    N N N 36  
ARG CA   C N S 37  
ARG C    C N N 38  
ARG O    O N N 39  
ARG CB   C N N 40  
ARG CG   C N N 41  
ARG CD   C N N 42  
ARG NE   N N N 43  
ARG CZ   C N N 44  
ARG NH1  N N N 45  
ARG NH2  N N N 46  
ARG OXT  O N N 47  
ARG H    H N N 48  
ARG H2   H N N 49  
ARG HA   H N N 50  
ARG HB2  H N N 51  
ARG HB3  H N N 52  
ARG HG2  H N N 53  
ARG HG3  H N N 54  
ARG HD2  H N N 55  
ARG HD3  H N N 56  
ARG HE   H N N 57  
ARG HH11 H N N 58  
ARG HH12 H N N 59  
ARG HH21 H N N 60  
ARG HH22 H N N 61  
ARG HXT  H N N 62  
ASN N    N N N 63  
ASN CA   C N S 64  
ASN C    C N N 65  
ASN O    O N N 66  
ASN CB   C N N 67  
ASN CG   C N N 68  
ASN OD1  O N N 69  
ASN ND2  N N N 70  
ASN OXT  O N N 71  
ASN H    H N N 72  
ASN H2   H N N 73  
ASN HA   H N N 74  
ASN HB2  H N N 75  
ASN HB3  H N N 76  
ASN HD21 H N N 77  
ASN HD22 H N N 78  
ASN HXT  H N N 79  
ASP N    N N N 80  
ASP CA   C N S 81  
ASP C    C N N 82  
ASP O    O N N 83  
ASP CB   C N N 84  
ASP CG   C N N 85  
ASP OD1  O N N 86  
ASP OD2  O N N 87  
ASP OXT  O N N 88  
ASP H    H N N 89  
ASP H2   H N N 90  
ASP HA   H N N 91  
ASP HB2  H N N 92  
ASP HB3  H N N 93  
ASP HD2  H N N 94  
ASP HXT  H N N 95  
CYS N    N N N 96  
CYS CA   C N R 97  
CYS C    C N N 98  
CYS O    O N N 99  
CYS CB   C N N 100 
CYS SG   S N N 101 
CYS OXT  O N N 102 
CYS H    H N N 103 
CYS H2   H N N 104 
CYS HA   H N N 105 
CYS HB2  H N N 106 
CYS HB3  H N N 107 
CYS HG   H N N 108 
CYS HXT  H N N 109 
EDO C1   C N N 110 
EDO O1   O N N 111 
EDO C2   C N N 112 
EDO O2   O N N 113 
EDO H11  H N N 114 
EDO H12  H N N 115 
EDO HO1  H N N 116 
EDO H21  H N N 117 
EDO H22  H N N 118 
EDO HO2  H N N 119 
GLN N    N N N 120 
GLN CA   C N S 121 
GLN C    C N N 122 
GLN O    O N N 123 
GLN CB   C N N 124 
GLN CG   C N N 125 
GLN CD   C N N 126 
GLN OE1  O N N 127 
GLN NE2  N N N 128 
GLN OXT  O N N 129 
GLN H    H N N 130 
GLN H2   H N N 131 
GLN HA   H N N 132 
GLN HB2  H N N 133 
GLN HB3  H N N 134 
GLN HG2  H N N 135 
GLN HG3  H N N 136 
GLN HE21 H N N 137 
GLN HE22 H N N 138 
GLN HXT  H N N 139 
GLU N    N N N 140 
GLU CA   C N S 141 
GLU C    C N N 142 
GLU O    O N N 143 
GLU CB   C N N 144 
GLU CG   C N N 145 
GLU CD   C N N 146 
GLU OE1  O N N 147 
GLU OE2  O N N 148 
GLU OXT  O N N 149 
GLU H    H N N 150 
GLU H2   H N N 151 
GLU HA   H N N 152 
GLU HB2  H N N 153 
GLU HB3  H N N 154 
GLU HG2  H N N 155 
GLU HG3  H N N 156 
GLU HE2  H N N 157 
GLU HXT  H N N 158 
GLY N    N N N 159 
GLY CA   C N N 160 
GLY C    C N N 161 
GLY O    O N N 162 
GLY OXT  O N N 163 
GLY H    H N N 164 
GLY H2   H N N 165 
GLY HA2  H N N 166 
GLY HA3  H N N 167 
GLY HXT  H N N 168 
HIS N    N N N 169 
HIS CA   C N S 170 
HIS C    C N N 171 
HIS O    O N N 172 
HIS CB   C N N 173 
HIS CG   C Y N 174 
HIS ND1  N Y N 175 
HIS CD2  C Y N 176 
HIS CE1  C Y N 177 
HIS NE2  N Y N 178 
HIS OXT  O N N 179 
HIS H    H N N 180 
HIS H2   H N N 181 
HIS HA   H N N 182 
HIS HB2  H N N 183 
HIS HB3  H N N 184 
HIS HD1  H N N 185 
HIS HD2  H N N 186 
HIS HE1  H N N 187 
HIS HE2  H N N 188 
HIS HXT  H N N 189 
HOH O    O N N 190 
HOH H1   H N N 191 
HOH H2   H N N 192 
ILE N    N N N 193 
ILE CA   C N S 194 
ILE C    C N N 195 
ILE O    O N N 196 
ILE CB   C N S 197 
ILE CG1  C N N 198 
ILE CG2  C N N 199 
ILE CD1  C N N 200 
ILE OXT  O N N 201 
ILE H    H N N 202 
ILE H2   H N N 203 
ILE HA   H N N 204 
ILE HB   H N N 205 
ILE HG12 H N N 206 
ILE HG13 H N N 207 
ILE HG21 H N N 208 
ILE HG22 H N N 209 
ILE HG23 H N N 210 
ILE HD11 H N N 211 
ILE HD12 H N N 212 
ILE HD13 H N N 213 
ILE HXT  H N N 214 
LEU N    N N N 215 
LEU CA   C N S 216 
LEU C    C N N 217 
LEU O    O N N 218 
LEU CB   C N N 219 
LEU CG   C N N 220 
LEU CD1  C N N 221 
LEU CD2  C N N 222 
LEU OXT  O N N 223 
LEU H    H N N 224 
LEU H2   H N N 225 
LEU HA   H N N 226 
LEU HB2  H N N 227 
LEU HB3  H N N 228 
LEU HG   H N N 229 
LEU HD11 H N N 230 
LEU HD12 H N N 231 
LEU HD13 H N N 232 
LEU HD21 H N N 233 
LEU HD22 H N N 234 
LEU HD23 H N N 235 
LEU HXT  H N N 236 
LYS N    N N N 237 
LYS CA   C N S 238 
LYS C    C N N 239 
LYS O    O N N 240 
LYS CB   C N N 241 
LYS CG   C N N 242 
LYS CD   C N N 243 
LYS CE   C N N 244 
LYS NZ   N N N 245 
LYS OXT  O N N 246 
LYS H    H N N 247 
LYS H2   H N N 248 
LYS HA   H N N 249 
LYS HB2  H N N 250 
LYS HB3  H N N 251 
LYS HG2  H N N 252 
LYS HG3  H N N 253 
LYS HD2  H N N 254 
LYS HD3  H N N 255 
LYS HE2  H N N 256 
LYS HE3  H N N 257 
LYS HZ1  H N N 258 
LYS HZ2  H N N 259 
LYS HZ3  H N N 260 
LYS HXT  H N N 261 
MET N    N N N 262 
MET CA   C N S 263 
MET C    C N N 264 
MET O    O N N 265 
MET CB   C N N 266 
MET CG   C N N 267 
MET SD   S N N 268 
MET CE   C N N 269 
MET OXT  O N N 270 
MET H    H N N 271 
MET H2   H N N 272 
MET HA   H N N 273 
MET HB2  H N N 274 
MET HB3  H N N 275 
MET HG2  H N N 276 
MET HG3  H N N 277 
MET HE1  H N N 278 
MET HE2  H N N 279 
MET HE3  H N N 280 
MET HXT  H N N 281 
PHE N    N N N 282 
PHE CA   C N S 283 
PHE C    C N N 284 
PHE O    O N N 285 
PHE CB   C N N 286 
PHE CG   C Y N 287 
PHE CD1  C Y N 288 
PHE CD2  C Y N 289 
PHE CE1  C Y N 290 
PHE CE2  C Y N 291 
PHE CZ   C Y N 292 
PHE OXT  O N N 293 
PHE H    H N N 294 
PHE H2   H N N 295 
PHE HA   H N N 296 
PHE HB2  H N N 297 
PHE HB3  H N N 298 
PHE HD1  H N N 299 
PHE HD2  H N N 300 
PHE HE1  H N N 301 
PHE HE2  H N N 302 
PHE HZ   H N N 303 
PHE HXT  H N N 304 
PRO N    N N N 305 
PRO CA   C N S 306 
PRO C    C N N 307 
PRO O    O N N 308 
PRO CB   C N N 309 
PRO CG   C N N 310 
PRO CD   C N N 311 
PRO OXT  O N N 312 
PRO H    H N N 313 
PRO HA   H N N 314 
PRO HB2  H N N 315 
PRO HB3  H N N 316 
PRO HG2  H N N 317 
PRO HG3  H N N 318 
PRO HD2  H N N 319 
PRO HD3  H N N 320 
PRO HXT  H N N 321 
SER N    N N N 322 
SER CA   C N S 323 
SER C    C N N 324 
SER O    O N N 325 
SER CB   C N N 326 
SER OG   O N N 327 
SER OXT  O N N 328 
SER H    H N N 329 
SER H2   H N N 330 
SER HA   H N N 331 
SER HB2  H N N 332 
SER HB3  H N N 333 
SER HG   H N N 334 
SER HXT  H N N 335 
THR N    N N N 336 
THR CA   C N S 337 
THR C    C N N 338 
THR O    O N N 339 
THR CB   C N R 340 
THR OG1  O N N 341 
THR CG2  C N N 342 
THR OXT  O N N 343 
THR H    H N N 344 
THR H2   H N N 345 
THR HA   H N N 346 
THR HB   H N N 347 
THR HG1  H N N 348 
THR HG21 H N N 349 
THR HG22 H N N 350 
THR HG23 H N N 351 
THR HXT  H N N 352 
TRP N    N N N 353 
TRP CA   C N S 354 
TRP C    C N N 355 
TRP O    O N N 356 
TRP CB   C N N 357 
TRP CG   C Y N 358 
TRP CD1  C Y N 359 
TRP CD2  C Y N 360 
TRP NE1  N Y N 361 
TRP CE2  C Y N 362 
TRP CE3  C Y N 363 
TRP CZ2  C Y N 364 
TRP CZ3  C Y N 365 
TRP CH2  C Y N 366 
TRP OXT  O N N 367 
TRP H    H N N 368 
TRP H2   H N N 369 
TRP HA   H N N 370 
TRP HB2  H N N 371 
TRP HB3  H N N 372 
TRP HD1  H N N 373 
TRP HE1  H N N 374 
TRP HE3  H N N 375 
TRP HZ2  H N N 376 
TRP HZ3  H N N 377 
TRP HH2  H N N 378 
TRP HXT  H N N 379 
TYR N    N N N 380 
TYR CA   C N S 381 
TYR C    C N N 382 
TYR O    O N N 383 
TYR CB   C N N 384 
TYR CG   C Y N 385 
TYR CD1  C Y N 386 
TYR CD2  C Y N 387 
TYR CE1  C Y N 388 
TYR CE2  C Y N 389 
TYR CZ   C Y N 390 
TYR OH   O N N 391 
TYR OXT  O N N 392 
TYR H    H N N 393 
TYR H2   H N N 394 
TYR HA   H N N 395 
TYR HB2  H N N 396 
TYR HB3  H N N 397 
TYR HD1  H N N 398 
TYR HD2  H N N 399 
TYR HE1  H N N 400 
TYR HE2  H N N 401 
TYR HH   H N N 402 
TYR HXT  H N N 403 
VAL N    N N N 404 
VAL CA   C N S 405 
VAL C    C N N 406 
VAL O    O N N 407 
VAL CB   C N N 408 
VAL CG1  C N N 409 
VAL CG2  C N N 410 
VAL OXT  O N N 411 
VAL H    H N N 412 
VAL H2   H N N 413 
VAL HA   H N N 414 
VAL HB   H N N 415 
VAL HG11 H N N 416 
VAL HG12 H N N 417 
VAL HG13 H N N 418 
VAL HG21 H N N 419 
VAL HG22 H N N 420 
VAL HG23 H N N 421 
VAL HXT  H N N 422 
# 
loop_
_chem_comp_bond.comp_id 
_chem_comp_bond.atom_id_1 
_chem_comp_bond.atom_id_2 
_chem_comp_bond.value_order 
_chem_comp_bond.pdbx_aromatic_flag 
_chem_comp_bond.pdbx_stereo_config 
_chem_comp_bond.pdbx_ordinal 
2LY C10 O09  sing N N 1   
2LY C10 C11  sing N N 2   
2LY O09 C06  sing N N 3   
2LY C06 C05  sing Y N 4   
2LY C06 C07  doub Y N 5   
2LY O12 C05  sing N N 6   
2LY O12 C11  sing N N 7   
2LY C05 C04  doub Y N 8   
2LY C07 S08  sing Y N 9   
2LY N02 C01  sing N N 10  
2LY N02 C03  sing N N 11  
2LY C04 S08  sing Y N 12  
2LY C04 C03  sing N N 13  
2LY C03 O13  doub N N 14  
2LY C01 H1   sing N N 15  
2LY C01 H2   sing N N 16  
2LY C01 H3   sing N N 17  
2LY N02 H4   sing N N 18  
2LY C07 H5   sing N N 19  
2LY C10 H6   sing N N 20  
2LY C10 H7   sing N N 21  
2LY C11 H8   sing N N 22  
2LY C11 H9   sing N N 23  
ALA N   CA   sing N N 24  
ALA N   H    sing N N 25  
ALA N   H2   sing N N 26  
ALA CA  C    sing N N 27  
ALA CA  CB   sing N N 28  
ALA CA  HA   sing N N 29  
ALA C   O    doub N N 30  
ALA C   OXT  sing N N 31  
ALA CB  HB1  sing N N 32  
ALA CB  HB2  sing N N 33  
ALA CB  HB3  sing N N 34  
ALA OXT HXT  sing N N 35  
ARG N   CA   sing N N 36  
ARG N   H    sing N N 37  
ARG N   H2   sing N N 38  
ARG CA  C    sing N N 39  
ARG CA  CB   sing N N 40  
ARG CA  HA   sing N N 41  
ARG C   O    doub N N 42  
ARG C   OXT  sing N N 43  
ARG CB  CG   sing N N 44  
ARG CB  HB2  sing N N 45  
ARG CB  HB3  sing N N 46  
ARG CG  CD   sing N N 47  
ARG CG  HG2  sing N N 48  
ARG CG  HG3  sing N N 49  
ARG CD  NE   sing N N 50  
ARG CD  HD2  sing N N 51  
ARG CD  HD3  sing N N 52  
ARG NE  CZ   sing N N 53  
ARG NE  HE   sing N N 54  
ARG CZ  NH1  sing N N 55  
ARG CZ  NH2  doub N N 56  
ARG NH1 HH11 sing N N 57  
ARG NH1 HH12 sing N N 58  
ARG NH2 HH21 sing N N 59  
ARG NH2 HH22 sing N N 60  
ARG OXT HXT  sing N N 61  
ASN N   CA   sing N N 62  
ASN N   H    sing N N 63  
ASN N   H2   sing N N 64  
ASN CA  C    sing N N 65  
ASN CA  CB   sing N N 66  
ASN CA  HA   sing N N 67  
ASN C   O    doub N N 68  
ASN C   OXT  sing N N 69  
ASN CB  CG   sing N N 70  
ASN CB  HB2  sing N N 71  
ASN CB  HB3  sing N N 72  
ASN CG  OD1  doub N N 73  
ASN CG  ND2  sing N N 74  
ASN ND2 HD21 sing N N 75  
ASN ND2 HD22 sing N N 76  
ASN OXT HXT  sing N N 77  
ASP N   CA   sing N N 78  
ASP N   H    sing N N 79  
ASP N   H2   sing N N 80  
ASP CA  C    sing N N 81  
ASP CA  CB   sing N N 82  
ASP CA  HA   sing N N 83  
ASP C   O    doub N N 84  
ASP C   OXT  sing N N 85  
ASP CB  CG   sing N N 86  
ASP CB  HB2  sing N N 87  
ASP CB  HB3  sing N N 88  
ASP CG  OD1  doub N N 89  
ASP CG  OD2  sing N N 90  
ASP OD2 HD2  sing N N 91  
ASP OXT HXT  sing N N 92  
CYS N   CA   sing N N 93  
CYS N   H    sing N N 94  
CYS N   H2   sing N N 95  
CYS CA  C    sing N N 96  
CYS CA  CB   sing N N 97  
CYS CA  HA   sing N N 98  
CYS C   O    doub N N 99  
CYS C   OXT  sing N N 100 
CYS CB  SG   sing N N 101 
CYS CB  HB2  sing N N 102 
CYS CB  HB3  sing N N 103 
CYS SG  HG   sing N N 104 
CYS OXT HXT  sing N N 105 
EDO C1  O1   sing N N 106 
EDO C1  C2   sing N N 107 
EDO C1  H11  sing N N 108 
EDO C1  H12  sing N N 109 
EDO O1  HO1  sing N N 110 
EDO C2  O2   sing N N 111 
EDO C2  H21  sing N N 112 
EDO C2  H22  sing N N 113 
EDO O2  HO2  sing N N 114 
GLN N   CA   sing N N 115 
GLN N   H    sing N N 116 
GLN N   H2   sing N N 117 
GLN CA  C    sing N N 118 
GLN CA  CB   sing N N 119 
GLN CA  HA   sing N N 120 
GLN C   O    doub N N 121 
GLN C   OXT  sing N N 122 
GLN CB  CG   sing N N 123 
GLN CB  HB2  sing N N 124 
GLN CB  HB3  sing N N 125 
GLN CG  CD   sing N N 126 
GLN CG  HG2  sing N N 127 
GLN CG  HG3  sing N N 128 
GLN CD  OE1  doub N N 129 
GLN CD  NE2  sing N N 130 
GLN NE2 HE21 sing N N 131 
GLN NE2 HE22 sing N N 132 
GLN OXT HXT  sing N N 133 
GLU N   CA   sing N N 134 
GLU N   H    sing N N 135 
GLU N   H2   sing N N 136 
GLU CA  C    sing N N 137 
GLU CA  CB   sing N N 138 
GLU CA  HA   sing N N 139 
GLU C   O    doub N N 140 
GLU C   OXT  sing N N 141 
GLU CB  CG   sing N N 142 
GLU CB  HB2  sing N N 143 
GLU CB  HB3  sing N N 144 
GLU CG  CD   sing N N 145 
GLU CG  HG2  sing N N 146 
GLU CG  HG3  sing N N 147 
GLU CD  OE1  doub N N 148 
GLU CD  OE2  sing N N 149 
GLU OE2 HE2  sing N N 150 
GLU OXT HXT  sing N N 151 
GLY N   CA   sing N N 152 
GLY N   H    sing N N 153 
GLY N   H2   sing N N 154 
GLY CA  C    sing N N 155 
GLY CA  HA2  sing N N 156 
GLY CA  HA3  sing N N 157 
GLY C   O    doub N N 158 
GLY C   OXT  sing N N 159 
GLY OXT HXT  sing N N 160 
HIS N   CA   sing N N 161 
HIS N   H    sing N N 162 
HIS N   H2   sing N N 163 
HIS CA  C    sing N N 164 
HIS CA  CB   sing N N 165 
HIS CA  HA   sing N N 166 
HIS C   O    doub N N 167 
HIS C   OXT  sing N N 168 
HIS CB  CG   sing N N 169 
HIS CB  HB2  sing N N 170 
HIS CB  HB3  sing N N 171 
HIS CG  ND1  sing Y N 172 
HIS CG  CD2  doub Y N 173 
HIS ND1 CE1  doub Y N 174 
HIS ND1 HD1  sing N N 175 
HIS CD2 NE2  sing Y N 176 
HIS CD2 HD2  sing N N 177 
HIS CE1 NE2  sing Y N 178 
HIS CE1 HE1  sing N N 179 
HIS NE2 HE2  sing N N 180 
HIS OXT HXT  sing N N 181 
HOH O   H1   sing N N 182 
HOH O   H2   sing N N 183 
ILE N   CA   sing N N 184 
ILE N   H    sing N N 185 
ILE N   H2   sing N N 186 
ILE CA  C    sing N N 187 
ILE CA  CB   sing N N 188 
ILE CA  HA   sing N N 189 
ILE C   O    doub N N 190 
ILE C   OXT  sing N N 191 
ILE CB  CG1  sing N N 192 
ILE CB  CG2  sing N N 193 
ILE CB  HB   sing N N 194 
ILE CG1 CD1  sing N N 195 
ILE CG1 HG12 sing N N 196 
ILE CG1 HG13 sing N N 197 
ILE CG2 HG21 sing N N 198 
ILE CG2 HG22 sing N N 199 
ILE CG2 HG23 sing N N 200 
ILE CD1 HD11 sing N N 201 
ILE CD1 HD12 sing N N 202 
ILE CD1 HD13 sing N N 203 
ILE OXT HXT  sing N N 204 
LEU N   CA   sing N N 205 
LEU N   H    sing N N 206 
LEU N   H2   sing N N 207 
LEU CA  C    sing N N 208 
LEU CA  CB   sing N N 209 
LEU CA  HA   sing N N 210 
LEU C   O    doub N N 211 
LEU C   OXT  sing N N 212 
LEU CB  CG   sing N N 213 
LEU CB  HB2  sing N N 214 
LEU CB  HB3  sing N N 215 
LEU CG  CD1  sing N N 216 
LEU CG  CD2  sing N N 217 
LEU CG  HG   sing N N 218 
LEU CD1 HD11 sing N N 219 
LEU CD1 HD12 sing N N 220 
LEU CD1 HD13 sing N N 221 
LEU CD2 HD21 sing N N 222 
LEU CD2 HD22 sing N N 223 
LEU CD2 HD23 sing N N 224 
LEU OXT HXT  sing N N 225 
LYS N   CA   sing N N 226 
LYS N   H    sing N N 227 
LYS N   H2   sing N N 228 
LYS CA  C    sing N N 229 
LYS CA  CB   sing N N 230 
LYS CA  HA   sing N N 231 
LYS C   O    doub N N 232 
LYS C   OXT  sing N N 233 
LYS CB  CG   sing N N 234 
LYS CB  HB2  sing N N 235 
LYS CB  HB3  sing N N 236 
LYS CG  CD   sing N N 237 
LYS CG  HG2  sing N N 238 
LYS CG  HG3  sing N N 239 
LYS CD  CE   sing N N 240 
LYS CD  HD2  sing N N 241 
LYS CD  HD3  sing N N 242 
LYS CE  NZ   sing N N 243 
LYS CE  HE2  sing N N 244 
LYS CE  HE3  sing N N 245 
LYS NZ  HZ1  sing N N 246 
LYS NZ  HZ2  sing N N 247 
LYS NZ  HZ3  sing N N 248 
LYS OXT HXT  sing N N 249 
MET N   CA   sing N N 250 
MET N   H    sing N N 251 
MET N   H2   sing N N 252 
MET CA  C    sing N N 253 
MET CA  CB   sing N N 254 
MET CA  HA   sing N N 255 
MET C   O    doub N N 256 
MET C   OXT  sing N N 257 
MET CB  CG   sing N N 258 
MET CB  HB2  sing N N 259 
MET CB  HB3  sing N N 260 
MET CG  SD   sing N N 261 
MET CG  HG2  sing N N 262 
MET CG  HG3  sing N N 263 
MET SD  CE   sing N N 264 
MET CE  HE1  sing N N 265 
MET CE  HE2  sing N N 266 
MET CE  HE3  sing N N 267 
MET OXT HXT  sing N N 268 
PHE N   CA   sing N N 269 
PHE N   H    sing N N 270 
PHE N   H2   sing N N 271 
PHE CA  C    sing N N 272 
PHE CA  CB   sing N N 273 
PHE CA  HA   sing N N 274 
PHE C   O    doub N N 275 
PHE C   OXT  sing N N 276 
PHE CB  CG   sing N N 277 
PHE CB  HB2  sing N N 278 
PHE CB  HB3  sing N N 279 
PHE CG  CD1  doub Y N 280 
PHE CG  CD2  sing Y N 281 
PHE CD1 CE1  sing Y N 282 
PHE CD1 HD1  sing N N 283 
PHE CD2 CE2  doub Y N 284 
PHE CD2 HD2  sing N N 285 
PHE CE1 CZ   doub Y N 286 
PHE CE1 HE1  sing N N 287 
PHE CE2 CZ   sing Y N 288 
PHE CE2 HE2  sing N N 289 
PHE CZ  HZ   sing N N 290 
PHE OXT HXT  sing N N 291 
PRO N   CA   sing N N 292 
PRO N   CD   sing N N 293 
PRO N   H    sing N N 294 
PRO CA  C    sing N N 295 
PRO CA  CB   sing N N 296 
PRO CA  HA   sing N N 297 
PRO C   O    doub N N 298 
PRO C   OXT  sing N N 299 
PRO CB  CG   sing N N 300 
PRO CB  HB2  sing N N 301 
PRO CB  HB3  sing N N 302 
PRO CG  CD   sing N N 303 
PRO CG  HG2  sing N N 304 
PRO CG  HG3  sing N N 305 
PRO CD  HD2  sing N N 306 
PRO CD  HD3  sing N N 307 
PRO OXT HXT  sing N N 308 
SER N   CA   sing N N 309 
SER N   H    sing N N 310 
SER N   H2   sing N N 311 
SER CA  C    sing N N 312 
SER CA  CB   sing N N 313 
SER CA  HA   sing N N 314 
SER C   O    doub N N 315 
SER C   OXT  sing N N 316 
SER CB  OG   sing N N 317 
SER CB  HB2  sing N N 318 
SER CB  HB3  sing N N 319 
SER OG  HG   sing N N 320 
SER OXT HXT  sing N N 321 
THR N   CA   sing N N 322 
THR N   H    sing N N 323 
THR N   H2   sing N N 324 
THR CA  C    sing N N 325 
THR CA  CB   sing N N 326 
THR CA  HA   sing N N 327 
THR C   O    doub N N 328 
THR C   OXT  sing N N 329 
THR CB  OG1  sing N N 330 
THR CB  CG2  sing N N 331 
THR CB  HB   sing N N 332 
THR OG1 HG1  sing N N 333 
THR CG2 HG21 sing N N 334 
THR CG2 HG22 sing N N 335 
THR CG2 HG23 sing N N 336 
THR OXT HXT  sing N N 337 
TRP N   CA   sing N N 338 
TRP N   H    sing N N 339 
TRP N   H2   sing N N 340 
TRP CA  C    sing N N 341 
TRP CA  CB   sing N N 342 
TRP CA  HA   sing N N 343 
TRP C   O    doub N N 344 
TRP C   OXT  sing N N 345 
TRP CB  CG   sing N N 346 
TRP CB  HB2  sing N N 347 
TRP CB  HB3  sing N N 348 
TRP CG  CD1  doub Y N 349 
TRP CG  CD2  sing Y N 350 
TRP CD1 NE1  sing Y N 351 
TRP CD1 HD1  sing N N 352 
TRP CD2 CE2  doub Y N 353 
TRP CD2 CE3  sing Y N 354 
TRP NE1 CE2  sing Y N 355 
TRP NE1 HE1  sing N N 356 
TRP CE2 CZ2  sing Y N 357 
TRP CE3 CZ3  doub Y N 358 
TRP CE3 HE3  sing N N 359 
TRP CZ2 CH2  doub Y N 360 
TRP CZ2 HZ2  sing N N 361 
TRP CZ3 CH2  sing Y N 362 
TRP CZ3 HZ3  sing N N 363 
TRP CH2 HH2  sing N N 364 
TRP OXT HXT  sing N N 365 
TYR N   CA   sing N N 366 
TYR N   H    sing N N 367 
TYR N   H2   sing N N 368 
TYR CA  C    sing N N 369 
TYR CA  CB   sing N N 370 
TYR CA  HA   sing N N 371 
TYR C   O    doub N N 372 
TYR C   OXT  sing N N 373 
TYR CB  CG   sing N N 374 
TYR CB  HB2  sing N N 375 
TYR CB  HB3  sing N N 376 
TYR CG  CD1  doub Y N 377 
TYR CG  CD2  sing Y N 378 
TYR CD1 CE1  sing Y N 379 
TYR CD1 HD1  sing N N 380 
TYR CD2 CE2  doub Y N 381 
TYR CD2 HD2  sing N N 382 
TYR CE1 CZ   doub Y N 383 
TYR CE1 HE1  sing N N 384 
TYR CE2 CZ   sing Y N 385 
TYR CE2 HE2  sing N N 386 
TYR CZ  OH   sing N N 387 
TYR OH  HH   sing N N 388 
TYR OXT HXT  sing N N 389 
VAL N   CA   sing N N 390 
VAL N   H    sing N N 391 
VAL N   H2   sing N N 392 
VAL CA  C    sing N N 393 
VAL CA  CB   sing N N 394 
VAL CA  HA   sing N N 395 
VAL C   O    doub N N 396 
VAL C   OXT  sing N N 397 
VAL CB  CG1  sing N N 398 
VAL CB  CG2  sing N N 399 
VAL CB  HB   sing N N 400 
VAL CG1 HG11 sing N N 401 
VAL CG1 HG12 sing N N 402 
VAL CG1 HG13 sing N N 403 
VAL CG2 HG21 sing N N 404 
VAL CG2 HG22 sing N N 405 
VAL CG2 HG23 sing N N 406 
VAL OXT HXT  sing N N 407 
# 
_atom_sites.entry_id                    5CQA 
_atom_sites.fract_transf_matrix[1][1]   -0.00885731 
_atom_sites.fract_transf_matrix[1][2]   -0.00748906 
_atom_sites.fract_transf_matrix[1][3]   -0.00317218 
_atom_sites.fract_transf_matrix[2][1]   -0.00601288 
_atom_sites.fract_transf_matrix[2][2]   0.00398854 
_atom_sites.fract_transf_matrix[2][3]   0.00737270 
_atom_sites.fract_transf_matrix[3][1]   -0.00590450 
_atom_sites.fract_transf_matrix[3][2]   0.01170521 
_atom_sites.fract_transf_matrix[3][3]   -0.01114786 
_atom_sites.fract_transf_vector[1]      0.281817 
_atom_sites.fract_transf_vector[2]      0.294245 
_atom_sites.fract_transf_vector[3]      0.456917 
# 
loop_
_atom_type.symbol 
C 
N 
O 
S 
# 
loop_
_atom_site.group_PDB 
_atom_site.id 
_atom_site.type_symbol 
_atom_site.label_atom_id 
_atom_site.label_alt_id 
_atom_site.label_comp_id 
_atom_site.label_asym_id 
_atom_site.label_entity_id 
_atom_site.label_seq_id 
_atom_site.pdbx_PDB_ins_code 
_atom_site.Cartn_x 
_atom_site.Cartn_y 
_atom_site.Cartn_z 
_atom_site.occupancy 
_atom_site.B_iso_or_equiv 
_atom_site.pdbx_formal_charge 
_atom_site.auth_seq_id 
_atom_site.auth_comp_id 
_atom_site.auth_asym_id 
_atom_site.auth_atom_id 
_atom_site.pdbx_PDB_model_num 
ATOM   1    N N   . SER A 1 1   ? -12.961 -27.300 -7.724  1.00 26.88 ? 1856 SER A N   1 
ATOM   2    C CA  . SER A 1 1   ? -13.301 -28.163 -6.603  1.00 27.14 ? 1856 SER A CA  1 
ATOM   3    C C   . SER A 1 1   ? -12.275 -29.296 -6.560  1.00 30.72 ? 1856 SER A C   1 
ATOM   4    O O   . SER A 1 1   ? -11.276 -29.237 -7.279  1.00 29.80 ? 1856 SER A O   1 
ATOM   5    C CB  . SER A 1 1   ? -14.728 -28.704 -6.749  1.00 26.24 ? 1856 SER A CB  1 
ATOM   6    O OG  . SER A 1 1   ? -14.802 -29.661 -7.797  1.00 23.82 ? 1856 SER A OG  1 
ATOM   7    N N   . MET A 1 2   ? -12.517 -30.324 -5.744  1.00 27.98 ? 1857 MET A N   1 
ATOM   8    C CA  . MET A 1 2   ? -11.542 -31.413 -5.573  1.00 29.00 ? 1857 MET A CA  1 
ATOM   9    C C   . MET A 1 2   ? -11.145 -32.025 -6.904  1.00 29.74 ? 1857 MET A C   1 
ATOM   10   O O   . MET A 1 2   ? -12.007 -32.509 -7.642  1.00 25.66 ? 1857 MET A O   1 
ATOM   11   C CB  . MET A 1 2   ? -12.095 -32.512 -4.658  1.00 28.99 ? 1857 MET A CB  1 
ATOM   12   C CG  . MET A 1 2   ? -11.041 -33.436 -4.082  1.00 25.91 ? 1857 MET A CG  1 
ATOM   13   S SD  . MET A 1 2   ? -11.675 -34.948 -3.310  1.00 29.59 ? 1857 MET A SD  1 
ATOM   14   C CE  . MET A 1 2   ? -12.997 -34.356 -2.270  1.00 27.26 ? 1857 MET A CE  1 
ATOM   15   N N   . SER A 1 3   ? -9.839  -31.993 -7.192  1.00 27.11 ? 1858 SER A N   1 
ATOM   16   C CA  . SER A 1 3   ? -9.252  -32.509 -8.445  1.00 32.91 ? 1858 SER A CA  1 
ATOM   17   C C   . SER A 1 3   ? -9.713  -31.776 -9.725  1.00 27.37 ? 1858 SER A C   1 
ATOM   18   O O   . SER A 1 3   ? -9.615  -32.316 -10.818 1.00 32.82 ? 1858 SER A O   1 
ATOM   19   C CB  . SER A 1 3   ? -9.546  -34.006 -8.598  1.00 31.15 ? 1858 SER A CB  1 
ATOM   20   O OG  . SER A 1 3   ? -9.011  -34.751 -7.518  1.00 27.58 ? 1858 SER A OG  1 
ATOM   21   N N   . VAL A 1 4   ? -10.220 -30.555 -9.578  1.00 27.90 ? 1859 VAL A N   1 
ATOM   22   C CA  . VAL A 1 4   ? -10.679 -29.756 -10.717 1.00 29.92 ? 1859 VAL A CA  1 
ATOM   23   C C   . VAL A 1 4   ? -10.154 -28.337 -10.584 1.00 29.00 ? 1859 VAL A C   1 
ATOM   24   O O   . VAL A 1 4   ? -10.692 -27.552 -9.809  1.00 29.72 ? 1859 VAL A O   1 
ATOM   25   C CB  . VAL A 1 4   ? -12.229 -29.700 -10.816 1.00 26.64 ? 1859 VAL A CB  1 
ATOM   26   C CG1 . VAL A 1 4   ? -12.654 -28.848 -12.006 1.00 28.04 ? 1859 VAL A CG1 1 
ATOM   27   C CG2 . VAL A 1 4   ? -12.829 -31.106 -10.905 1.00 22.32 ? 1859 VAL A CG2 1 
ATOM   28   N N   . LYS A 1 5   ? -9.109  -28.005 -11.339 1.00 30.70 ? 1860 LYS A N   1 
ATOM   29   C CA  . LYS A 1 5   ? -8.438  -26.709 -11.186 1.00 37.28 ? 1860 LYS A CA  1 
ATOM   30   C C   . LYS A 1 5   ? -8.293  -25.948 -12.500 1.00 32.64 ? 1860 LYS A C   1 
ATOM   31   O O   . LYS A 1 5   ? -8.029  -26.559 -13.534 1.00 32.86 ? 1860 LYS A O   1 
ATOM   32   C CB  . LYS A 1 5   ? -7.043  -26.911 -10.578 1.00 35.39 ? 1860 LYS A CB  1 
ATOM   33   C CG  . LYS A 1 5   ? -7.044  -27.601 -9.227  1.00 39.01 ? 1860 LYS A CG  1 
ATOM   34   C CD  . LYS A 1 5   ? -7.707  -26.754 -8.154  1.00 41.53 ? 1860 LYS A CD  1 
ATOM   35   C CE  . LYS A 1 5   ? -7.826  -27.546 -6.855  1.00 41.74 ? 1860 LYS A CE  1 
ATOM   36   N NZ  . LYS A 1 5   ? -8.599  -26.802 -5.826  1.00 53.38 ? 1860 LYS A NZ  1 
ATOM   37   N N   . LYS A 1 6   ? -8.454  -24.622 -12.448 1.00 35.52 ? 1861 LYS A N   1 
ATOM   38   C CA  . LYS A 1 6   ? -8.048  -23.738 -13.550 1.00 35.45 ? 1861 LYS A CA  1 
ATOM   39   C C   . LYS A 1 6   ? -6.570  -23.928 -13.829 1.00 37.19 ? 1861 LYS A C   1 
ATOM   40   O O   . LYS A 1 6   ? -5.818  -24.322 -12.931 1.00 36.83 ? 1861 LYS A O   1 
ATOM   41   C CB  . LYS A 1 6   ? -8.283  -22.256 -13.222 1.00 39.67 ? 1861 LYS A CB  1 
ATOM   42   C CG  . LYS A 1 6   ? -9.717  -21.768 -13.211 1.00 38.07 ? 1861 LYS A CG  1 
ATOM   43   C CD  . LYS A 1 6   ? -9.727  -20.236 -13.218 1.00 36.23 ? 1861 LYS A CD  1 
ATOM   44   C CE  . LYS A 1 6   ? -11.081 -19.658 -12.830 1.00 39.87 ? 1861 LYS A CE  1 
ATOM   45   N NZ  . LYS A 1 6   ? -11.505 -20.119 -11.471 1.00 40.57 ? 1861 LYS A NZ  1 
ATOM   46   N N   . PRO A 1 7   ? -6.142  -23.636 -15.067 1.00 36.59 ? 1862 PRO A N   1 
ATOM   47   C CA  . PRO A 1 7   ? -4.720  -23.692 -15.419 1.00 37.98 ? 1862 PRO A CA  1 
ATOM   48   C C   . PRO A 1 7   ? -3.874  -22.824 -14.474 1.00 39.66 ? 1862 PRO A C   1 
ATOM   49   O O   . PRO A 1 7   ? -4.318  -21.745 -14.067 1.00 39.11 ? 1862 PRO A O   1 
ATOM   50   C CB  . PRO A 1 7   ? -4.698  -23.158 -16.850 1.00 40.83 ? 1862 PRO A CB  1 
ATOM   51   C CG  . PRO A 1 7   ? -6.039  -23.521 -17.388 1.00 37.74 ? 1862 PRO A CG  1 
ATOM   52   C CD  . PRO A 1 7   ? -6.985  -23.339 -16.240 1.00 35.06 ? 1862 PRO A CD  1 
ATOM   53   N N   . LYS A 1 8   ? -2.683  -23.307 -14.121 1.00 38.05 ? 1863 LYS A N   1 
ATOM   54   C CA  . LYS A 1 8   ? -1.895  -22.698 -13.049 1.00 47.98 ? 1863 LYS A CA  1 
ATOM   55   C C   . LYS A 1 8   ? -1.141  -21.445 -13.502 1.00 44.00 ? 1863 LYS A C   1 
ATOM   56   O O   . LYS A 1 8   ? -0.221  -21.531 -14.309 1.00 47.44 ? 1863 LYS A O   1 
ATOM   57   C CB  . LYS A 1 8   ? -0.908  -23.720 -12.473 1.00 45.18 ? 1863 LYS A CB  1 
ATOM   58   N N   . ARG A 1 9   ? -1.556  -20.288 -12.991 1.00 42.67 ? 1864 ARG A N   1 
ATOM   59   C CA  . ARG A 1 9   ? -0.834  -19.032 -13.213 1.00 48.85 ? 1864 ARG A CA  1 
ATOM   60   C C   . ARG A 1 9   ? 0.565   -19.073 -12.588 1.00 45.02 ? 1864 ARG A C   1 
ATOM   61   O O   . ARG A 1 9   ? 0.749   -19.592 -11.487 1.00 43.21 ? 1864 ARG A O   1 
ATOM   62   C CB  . ARG A 1 9   ? -1.624  -17.853 -12.640 1.00 46.58 ? 1864 ARG A CB  1 
ATOM   63   C CG  . ARG A 1 9   ? -0.861  -16.551 -12.653 1.00 45.15 ? 1864 ARG A CG  1 
ATOM   64   C CD  . ARG A 1 9   ? -1.644  -15.412 -12.012 1.00 43.91 ? 1864 ARG A CD  1 
ATOM   65   N NE  . ARG A 1 9   ? -0.847  -14.186 -11.992 1.00 46.11 ? 1864 ARG A NE  1 
ATOM   66   C CZ  . ARG A 1 9   ? -0.013  -13.843 -11.011 1.00 45.10 ? 1864 ARG A CZ  1 
ATOM   67   N NH1 . ARG A 1 9   ? 0.119   -14.615 -9.936  1.00 40.16 ? 1864 ARG A NH1 1 
ATOM   68   N NH2 . ARG A 1 9   ? 0.681   -12.714 -11.097 1.00 43.41 ? 1864 ARG A NH2 1 
ATOM   69   N N   . ASP A 1 10  ? 1.552   -18.545 -13.304 1.00 43.30 ? 1865 ASP A N   1 
ATOM   70   C CA  . ASP A 1 10  ? 2.918   -18.456 -12.791 1.00 44.25 ? 1865 ASP A CA  1 
ATOM   71   C C   . ASP A 1 10  ? 3.013   -17.298 -11.801 1.00 42.46 ? 1865 ASP A C   1 
ATOM   72   O O   . ASP A 1 10  ? 2.843   -16.136 -12.171 1.00 40.04 ? 1865 ASP A O   1 
ATOM   73   C CB  . ASP A 1 10  ? 3.917   -18.278 -13.941 1.00 42.54 ? 1865 ASP A CB  1 
ATOM   74   C CG  . ASP A 1 10  ? 5.363   -18.191 -13.468 1.00 44.83 ? 1865 ASP A CG  1 
ATOM   75   O OD1 . ASP A 1 10  ? 5.654   -18.533 -12.303 1.00 46.01 ? 1865 ASP A OD1 1 
ATOM   76   O OD2 . ASP A 1 10  ? 6.221   -17.781 -14.275 1.00 50.03 ? 1865 ASP A OD2 1 
ATOM   77   N N   . ASP A 1 11  ? 3.266   -17.619 -10.537 1.00 40.92 ? 1866 ASP A N   1 
ATOM   78   C CA  . ASP A 1 11  ? 3.296   -16.596 -9.500  1.00 40.78 ? 1866 ASP A CA  1 
ATOM   79   C C   . ASP A 1 11  ? 4.707   -16.375 -8.958  1.00 36.82 ? 1866 ASP A C   1 
ATOM   80   O O   . ASP A 1 11  ? 4.896   -15.651 -7.976  1.00 33.07 ? 1866 ASP A O   1 
ATOM   81   C CB  . ASP A 1 11  ? 2.352   -16.974 -8.361  1.00 34.77 ? 1866 ASP A CB  1 
ATOM   82   C CG  . ASP A 1 11  ? 2.751   -18.270 -7.688  1.00 39.34 ? 1866 ASP A CG  1 
ATOM   83   O OD1 . ASP A 1 11  ? 3.494   -19.061 -8.308  1.00 42.77 ? 1866 ASP A OD1 1 
ATOM   84   O OD2 . ASP A 1 11  ? 2.330   -18.501 -6.536  1.00 42.62 ? 1866 ASP A OD2 1 
ATOM   85   N N   . SER A 1 12  ? 5.694   -16.986 -9.607  1.00 34.41 ? 1867 SER A N   1 
ATOM   86   C CA  . SER A 1 12  ? 7.058   -17.013 -9.080  1.00 37.07 ? 1867 SER A CA  1 
ATOM   87   C C   . SER A 1 12  ? 7.759   -15.647 -9.127  1.00 34.29 ? 1867 SER A C   1 
ATOM   88   O O   . SER A 1 12  ? 8.761   -15.436 -8.435  1.00 34.43 ? 1867 SER A O   1 
ATOM   89   C CB  . SER A 1 12  ? 7.895   -18.041 -9.845  1.00 38.06 ? 1867 SER A CB  1 
ATOM   90   O OG  . SER A 1 12  ? 8.008   -17.677 -11.212 1.00 44.23 ? 1867 SER A OG  1 
ATOM   91   N N   . LYS A 1 13  ? 7.235   -14.733 -9.937  1.00 35.42 ? 1868 LYS A N   1 
ATOM   92   C CA  . LYS A 1 13  ? 7.797   -13.386 -10.059 1.00 33.44 ? 1868 LYS A CA  1 
ATOM   93   C C   . LYS A 1 13  ? 7.065   -12.336 -9.206  1.00 33.16 ? 1868 LYS A C   1 
ATOM   94   O O   . LYS A 1 13  ? 7.501   -11.194 -9.123  1.00 31.70 ? 1868 LYS A O   1 
ATOM   95   C CB  . LYS A 1 13  ? 7.783   -12.944 -11.522 1.00 32.64 ? 1868 LYS A CB  1 
ATOM   96   C CG  . LYS A 1 13  ? 8.753   -13.709 -12.421 1.00 37.77 ? 1868 LYS A CG  1 
ATOM   97   C CD  . LYS A 1 13  ? 8.854   -13.067 -13.798 1.00 45.81 ? 1868 LYS A CD  1 
ATOM   98   N N   . ASP A 1 14  ? 5.962   -12.731 -8.572  1.00 26.82 ? 1869 ASP A N   1 
ATOM   99   C CA  . ASP A 1 14  ? 5.127   -11.793 -7.815  1.00 28.53 ? 1869 ASP A CA  1 
ATOM   100  C C   . ASP A 1 14  ? 5.895   -11.032 -6.720  1.00 26.29 ? 1869 ASP A C   1 
ATOM   101  O O   . ASP A 1 14  ? 5.731   -9.824  -6.574  1.00 26.09 ? 1869 ASP A O   1 
ATOM   102  C CB  . ASP A 1 14  ? 3.942   -12.531 -7.182  1.00 27.32 ? 1869 ASP A CB  1 
ATOM   103  C CG  . ASP A 1 14  ? 2.869   -12.939 -8.204  1.00 31.20 ? 1869 ASP A CG  1 
ATOM   104  O OD1 . ASP A 1 14  ? 3.068   -12.771 -9.421  1.00 29.07 ? 1869 ASP A OD1 1 
ATOM   105  O OD2 . ASP A 1 14  ? 1.816   -13.443 -7.773  1.00 34.02 ? 1869 ASP A OD2 1 
ATOM   106  N N   . LEU A 1 15  ? 6.720   -11.738 -5.954  1.00 25.71 ? 1870 LEU A N   1 
ATOM   107  C CA  . LEU A 1 15  ? 7.420   -11.117 -4.836  1.00 28.16 ? 1870 LEU A CA  1 
ATOM   108  C C   . LEU A 1 15  ? 8.341   -10.013 -5.325  1.00 29.21 ? 1870 LEU A C   1 
ATOM   109  O O   . LEU A 1 15  ? 8.349   -8.923  -4.759  1.00 32.42 ? 1870 LEU A O   1 
ATOM   110  C CB  . LEU A 1 15  ? 8.207   -12.146 -4.032  1.00 28.03 ? 1870 LEU A CB  1 
ATOM   111  C CG  . LEU A 1 15  ? 8.949   -11.614 -2.801  1.00 29.84 ? 1870 LEU A CG  1 
ATOM   112  C CD1 . LEU A 1 15  ? 7.997   -10.955 -1.777  1.00 24.76 ? 1870 LEU A CD1 1 
ATOM   113  C CD2 . LEU A 1 15  ? 9.746   -12.728 -2.143  1.00 27.19 ? 1870 LEU A CD2 1 
ATOM   114  N N   . ALA A 1 16  ? 9.081   -10.283 -6.394  1.00 29.36 ? 1871 ALA A N   1 
ATOM   115  C CA  . ALA A 1 16  ? 9.998   -9.310  -6.969  1.00 29.73 ? 1871 ALA A CA  1 
ATOM   116  C C   . ALA A 1 16  ? 9.271   -8.129  -7.594  1.00 29.54 ? 1871 ALA A C   1 
ATOM   117  O O   . ALA A 1 16  ? 9.717   -6.991  -7.462  1.00 33.55 ? 1871 ALA A O   1 
ATOM   118  C CB  . ALA A 1 16  ? 10.894  -9.978  -8.010  1.00 28.85 ? 1871 ALA A CB  1 
ATOM   119  N N   . LEU A 1 17  ? 8.174   -8.396  -8.297  1.00 29.73 ? 1872 LEU A N   1 
ATOM   120  C CA  . LEU A 1 17  ? 7.400   -7.334  -8.940  1.00 30.90 ? 1872 LEU A CA  1 
ATOM   121  C C   . LEU A 1 17  ? 6.723   -6.385  -7.932  1.00 28.43 ? 1872 LEU A C   1 
ATOM   122  O O   . LEU A 1 17  ? 6.693   -5.167  -8.150  1.00 25.83 ? 1872 LEU A O   1 
ATOM   123  C CB  . LEU A 1 17  ? 6.348   -7.940  -9.870  1.00 29.95 ? 1872 LEU A CB  1 
ATOM   124  C CG  . LEU A 1 17  ? 6.910   -8.605  -11.123 1.00 34.03 ? 1872 LEU A CG  1 
ATOM   125  C CD1 . LEU A 1 17  ? 5.829   -9.426  -11.807 1.00 35.19 ? 1872 LEU A CD1 1 
ATOM   126  C CD2 . LEU A 1 17  ? 7.470   -7.554  -12.073 1.00 32.65 ? 1872 LEU A CD2 1 
ATOM   127  N N   . CYS A 1 18  ? 6.185   -6.937  -6.842  1.00 23.92 ? 1873 CYS A N   1 
ATOM   128  C CA  . CYS A 1 18  ? 5.602   -6.113  -5.774  1.00 25.76 ? 1873 CYS A CA  1 
ATOM   129  C C   . CYS A 1 18  ? 6.655   -5.213  -5.115  1.00 28.02 ? 1873 CYS A C   1 
ATOM   130  O O   . CYS A 1 18  ? 6.370   -4.062  -4.726  1.00 23.68 ? 1873 CYS A O   1 
ATOM   131  C CB  . CYS A 1 18  ? 4.934   -6.991  -4.713  1.00 24.01 ? 1873 CYS A CB  1 
ATOM   132  S SG  . CYS A 1 18  ? 3.318   -7.634  -5.228  1.00 24.49 ? 1873 CYS A SG  1 
ATOM   133  N N   . SER A 1 19  ? 7.871   -5.746  -5.004  1.00 25.75 ? 1874 SER A N   1 
ATOM   134  C CA  . SER A 1 19  ? 8.988   -5.009  -4.444  1.00 27.99 ? 1874 SER A CA  1 
ATOM   135  C C   . SER A 1 19  ? 9.374   -3.836  -5.349  1.00 28.28 ? 1874 SER A C   1 
ATOM   136  O O   . SER A 1 19  ? 9.692   -2.748  -4.871  1.00 28.28 ? 1874 SER A O   1 
ATOM   137  C CB  . SER A 1 19  ? 10.184  -5.941  -4.225  1.00 27.20 ? 1874 SER A CB  1 
ATOM   138  O OG  . SER A 1 19  ? 11.245  -5.257  -3.574  1.00 37.23 ? 1874 SER A OG  1 
ATOM   139  N N   . MET A 1 20  ? 9.314   -4.050  -6.661  1.00 32.01 ? 1875 MET A N   1 
ATOM   140  C CA  . MET A 1 20  ? 9.619   -2.993  -7.614  1.00 31.43 ? 1875 MET A CA  1 
ATOM   141  C C   . MET A 1 20  ? 8.569   -1.887  -7.588  1.00 27.94 ? 1875 MET A C   1 
ATOM   142  O O   . MET A 1 20  ? 8.897   -0.707  -7.669  1.00 27.86 ? 1875 MET A O   1 
ATOM   143  C CB  . MET A 1 20  ? 9.736   -3.553  -9.039  1.00 31.77 ? 1875 MET A CB  1 
ATOM   144  C CG  . MET A 1 20  ? 10.987  -4.400  -9.270  1.00 46.23 ? 1875 MET A CG  1 
ATOM   145  S SD  . MET A 1 20  ? 11.067  -5.134  -10.922 1.00 62.18 ? 1875 MET A SD  1 
ATOM   146  C CE  . MET A 1 20  ? 10.719  -3.708  -11.968 1.00 38.86 ? 1875 MET A CE  1 
ATOM   147  N N   . ILE A 1 21  ? 7.306   -2.273  -7.513  1.00 26.55 ? 1876 ILE A N   1 
ATOM   148  C CA  . ILE A 1 21  ? 6.224   -1.302  -7.420  1.00 26.91 ? 1876 ILE A CA  1 
ATOM   149  C C   . ILE A 1 21  ? 6.374   -0.460  -6.148  1.00 24.62 ? 1876 ILE A C   1 
ATOM   150  O O   . ILE A 1 21  ? 6.246   0.768   -6.180  1.00 22.16 ? 1876 ILE A O   1 
ATOM   151  C CB  . ILE A 1 21  ? 4.849   -2.000  -7.442  1.00 26.37 ? 1876 ILE A CB  1 
ATOM   152  C CG1 . ILE A 1 21  ? 4.608   -2.619  -8.827  1.00 26.89 ? 1876 ILE A CG1 1 
ATOM   153  C CG2 . ILE A 1 21  ? 3.738   -1.015  -7.049  1.00 24.95 ? 1876 ILE A CG2 1 
ATOM   154  C CD1 . ILE A 1 21  ? 3.375   -3.480  -8.930  1.00 29.83 ? 1876 ILE A CD1 1 
ATOM   155  N N   . LEU A 1 22  ? 6.673   -1.129  -5.039  1.00 26.76 ? 1877 LEU A N   1 
ATOM   156  C CA  . LEU A 1 22  ? 6.826   -0.445  -3.760  1.00 27.26 ? 1877 LEU A CA  1 
ATOM   157  C C   . LEU A 1 22  ? 8.008   0.527   -3.817  1.00 27.94 ? 1877 LEU A C   1 
ATOM   158  O O   . LEU A 1 22  ? 7.922   1.636   -3.290  1.00 23.96 ? 1877 LEU A O   1 
ATOM   159  C CB  . LEU A 1 22  ? 7.002   -1.451  -2.620  1.00 24.86 ? 1877 LEU A CB  1 
ATOM   160  C CG  . LEU A 1 22  ? 7.122   -0.841  -1.219  1.00 27.25 ? 1877 LEU A CG  1 
ATOM   161  C CD1 . LEU A 1 22  ? 5.890   0.009   -0.893  1.00 22.26 ? 1877 LEU A CD1 1 
ATOM   162  C CD2 . LEU A 1 22  ? 7.335   -1.932  -0.162  1.00 23.23 ? 1877 LEU A CD2 1 
ATOM   163  N N   . THR A 1 23  ? 9.092   0.123   -4.483  1.00 26.69 ? 1878 THR A N   1 
ATOM   164  C CA  . THR A 1 23  ? 10.243  1.009   -4.676  1.00 25.39 ? 1878 THR A CA  1 
ATOM   165  C C   . THR A 1 23  ? 9.862   2.270   -5.446  1.00 25.83 ? 1878 THR A C   1 
ATOM   166  O O   . THR A 1 23  ? 10.222  3.379   -5.062  1.00 26.95 ? 1878 THR A O   1 
ATOM   167  C CB  . THR A 1 23  ? 11.395  0.287   -5.408  1.00 29.85 ? 1878 THR A CB  1 
ATOM   168  O OG1 . THR A 1 23  ? 11.954  -0.709  -4.541  1.00 31.22 ? 1878 THR A OG1 1 
ATOM   169  C CG2 . THR A 1 23  ? 12.495  1.271   -5.815  1.00 26.45 ? 1878 THR A CG2 1 
ATOM   170  N N   . GLU A 1 24  ? 9.117   2.100   -6.526  1.00 27.13 ? 1879 GLU A N   1 
ATOM   171  C CA  . GLU A 1 24  ? 8.685   3.236   -7.325  1.00 27.01 ? 1879 GLU A CA  1 
ATOM   172  C C   . GLU A 1 24  ? 7.766   4.155   -6.524  1.00 28.65 ? 1879 GLU A C   1 
ATOM   173  O O   . GLU A 1 24  ? 7.739   5.369   -6.729  1.00 25.94 ? 1879 GLU A O   1 
ATOM   174  C CB  . GLU A 1 24  ? 7.996   2.737   -8.599  1.00 28.80 ? 1879 GLU A CB  1 
ATOM   175  C CG  . GLU A 1 24  ? 8.931   1.900   -9.472  1.00 33.72 ? 1879 GLU A CG  1 
ATOM   176  C CD  . GLU A 1 24  ? 8.237   1.204   -10.639 1.00 43.23 ? 1879 GLU A CD  1 
ATOM   177  O OE1 . GLU A 1 24  ? 7.001   1.319   -10.772 1.00 43.18 ? 1879 GLU A OE1 1 
ATOM   178  O OE2 . GLU A 1 24  ? 8.938   0.528   -11.428 1.00 53.05 ? 1879 GLU A OE2 1 
ATOM   179  N N   . MET A 1 25  ? 7.015   3.592   -5.594  1.00 24.49 ? 1880 MET A N   1 
ATOM   180  C CA  . MET A 1 25  ? 6.170   4.445   -4.780  1.00 27.42 ? 1880 MET A CA  1 
ATOM   181  C C   . MET A 1 25  ? 6.953   5.166   -3.689  1.00 26.24 ? 1880 MET A C   1 
ATOM   182  O O   . MET A 1 25  ? 6.661   6.321   -3.382  1.00 24.17 ? 1880 MET A O   1 
ATOM   183  C CB  . MET A 1 25  ? 5.042   3.637   -4.189  1.00 25.85 ? 1880 MET A CB  1 
ATOM   184  C CG  . MET A 1 25  ? 4.159   3.203   -5.337  1.00 31.36 ? 1880 MET A CG  1 
ATOM   185  S SD  . MET A 1 25  ? 2.503   3.259   -4.820  1.00 42.14 ? 1880 MET A SD  1 
ATOM   186  C CE  . MET A 1 25  ? 2.581   2.047   -3.503  1.00 33.05 ? 1880 MET A CE  1 
ATOM   187  N N   . GLU A 1 26  ? 7.965   4.501   -3.142  1.00 24.18 ? 1881 GLU A N   1 
ATOM   188  C CA  . GLU A 1 26  ? 8.832   5.120   -2.146  1.00 27.92 ? 1881 GLU A CA  1 
ATOM   189  C C   . GLU A 1 26  ? 9.607   6.317   -2.701  1.00 26.51 ? 1881 GLU A C   1 
ATOM   190  O O   . GLU A 1 26  ? 9.992   7.193   -1.938  1.00 28.30 ? 1881 GLU A O   1 
ATOM   191  C CB  . GLU A 1 26  ? 9.806   4.089   -1.579  1.00 28.48 ? 1881 GLU A CB  1 
ATOM   192  C CG  . GLU A 1 26  ? 9.173   3.095   -0.606  1.00 28.52 ? 1881 GLU A CG  1 
ATOM   193  C CD  . GLU A 1 26  ? 10.006  1.829   -0.414  1.00 31.11 ? 1881 GLU A CD  1 
ATOM   194  O OE1 . GLU A 1 26  ? 10.827  1.496   -1.292  1.00 31.67 ? 1881 GLU A OE1 1 
ATOM   195  O OE2 . GLU A 1 26  ? 9.838   1.151   0.616   1.00 36.49 ? 1881 GLU A OE2 1 
ATOM   196  N N   . THR A 1 27  ? 9.830   6.364   -4.016  1.00 29.88 ? 1882 THR A N   1 
ATOM   197  C CA  . THR A 1 27  ? 10.670  7.419   -4.597  1.00 29.37 ? 1882 THR A CA  1 
ATOM   198  C C   . THR A 1 27  ? 9.874   8.516   -5.308  1.00 28.95 ? 1882 THR A C   1 
ATOM   199  O O   . THR A 1 27  ? 10.441  9.485   -5.801  1.00 35.13 ? 1882 THR A O   1 
ATOM   200  C CB  . THR A 1 27  ? 11.709  6.830   -5.588  1.00 31.34 ? 1882 THR A CB  1 
ATOM   201  O OG1 . THR A 1 27  ? 11.039  6.276   -6.724  1.00 34.26 ? 1882 THR A OG1 1 
ATOM   202  C CG2 . THR A 1 27  ? 12.532  5.748   -4.917  1.00 28.58 ? 1882 THR A CG2 1 
ATOM   203  N N   . HIS A 1 28  ? 8.560   8.362   -5.366  1.00 27.14 ? 1883 HIS A N   1 
ATOM   204  C CA  . HIS A 1 28  ? 7.676   9.415   -5.858  1.00 28.49 ? 1883 HIS A CA  1 
ATOM   205  C C   . HIS A 1 28  ? 7.831   10.648  -4.948  1.00 29.69 ? 1883 HIS A C   1 
ATOM   206  O O   . HIS A 1 28  ? 7.966   10.509  -3.732  1.00 26.58 ? 1883 HIS A O   1 
ATOM   207  C CB  . HIS A 1 28  ? 6.236   8.891   -5.867  1.00 26.12 ? 1883 HIS A CB  1 
ATOM   208  C CG  . HIS A 1 28  ? 5.255   9.756   -6.598  1.00 27.51 ? 1883 HIS A CG  1 
ATOM   209  N ND1 . HIS A 1 28  ? 5.041   11.078  -6.279  1.00 26.62 ? 1883 HIS A ND1 1 
ATOM   210  C CD2 . HIS A 1 28  ? 4.377   9.462   -7.589  1.00 24.50 ? 1883 HIS A CD2 1 
ATOM   211  C CE1 . HIS A 1 28  ? 4.093   11.571  -7.054  1.00 24.39 ? 1883 HIS A CE1 1 
ATOM   212  N NE2 . HIS A 1 28  ? 3.676   10.612  -7.860  1.00 28.44 ? 1883 HIS A NE2 1 
ATOM   213  N N   . GLU A 1 29  ? 7.831   11.850  -5.509  1.00 28.51 ? 1884 GLU A N   1 
ATOM   214  C CA  . GLU A 1 29  ? 8.060   13.025  -4.668  1.00 31.01 ? 1884 GLU A CA  1 
ATOM   215  C C   . GLU A 1 29  ? 6.880   13.338  -3.734  1.00 29.36 ? 1884 GLU A C   1 
ATOM   216  O O   . GLU A 1 29  ? 7.035   14.104  -2.789  1.00 30.17 ? 1884 GLU A O   1 
ATOM   217  C CB  . GLU A 1 29  ? 8.399   14.256  -5.525  1.00 30.87 ? 1884 GLU A CB  1 
ATOM   218  C CG  . GLU A 1 29  ? 7.282   14.781  -6.397  1.00 33.92 ? 1884 GLU A CG  1 
ATOM   219  C CD  . GLU A 1 29  ? 7.535   16.227  -6.850  1.00 42.27 ? 1884 GLU A CD  1 
ATOM   220  O OE1 . GLU A 1 29  ? 7.738   17.094  -5.971  1.00 48.01 ? 1884 GLU A OE1 1 
ATOM   221  O OE2 . GLU A 1 29  ? 7.526   16.497  -8.074  1.00 42.71 ? 1884 GLU A OE2 1 
ATOM   222  N N   . ASP A 1 30  ? 5.717   12.739  -3.980  1.00 26.41 ? 1885 ASP A N   1 
ATOM   223  C CA  . ASP A 1 30  ? 4.564   12.927  -3.096  1.00 23.98 ? 1885 ASP A CA  1 
ATOM   224  C C   . ASP A 1 30  ? 4.421   11.783  -2.080  1.00 24.17 ? 1885 ASP A C   1 
ATOM   225  O O   . ASP A 1 30  ? 3.380   11.637  -1.452  1.00 22.42 ? 1885 ASP A O   1 
ATOM   226  C CB  . ASP A 1 30  ? 3.260   13.055  -3.907  1.00 23.91 ? 1885 ASP A CB  1 
ATOM   227  C CG  . ASP A 1 30  ? 3.189   14.359  -4.711  1.00 29.64 ? 1885 ASP A CG  1 
ATOM   228  O OD1 . ASP A 1 30  ? 4.002   15.277  -4.437  1.00 26.89 ? 1885 ASP A OD1 1 
ATOM   229  O OD2 . ASP A 1 30  ? 2.314   14.475  -5.605  1.00 25.71 ? 1885 ASP A OD2 1 
ATOM   230  N N   . ALA A 1 31  ? 5.473   10.984  -1.920  1.00 23.84 ? 1886 ALA A N   1 
ATOM   231  C CA  . ALA A 1 31  ? 5.483   9.862   -0.980  1.00 23.06 ? 1886 ALA A CA  1 
ATOM   232  C C   . ALA A 1 31  ? 5.654   10.274  0.490   1.00 25.32 ? 1886 ALA A C   1 
ATOM   233  O O   . ALA A 1 31  ? 5.337   9.488   1.394   1.00 20.68 ? 1886 ALA A O   1 
ATOM   234  C CB  . ALA A 1 31  ? 6.595   8.868   -1.367  1.00 20.38 ? 1886 ALA A CB  1 
ATOM   235  N N   . TRP A 1 32  ? 6.143   11.494  0.730   1.00 23.01 ? 1887 TRP A N   1 
ATOM   236  C CA  . TRP A 1 32  ? 6.615   11.885  2.061   1.00 21.89 ? 1887 TRP A CA  1 
ATOM   237  C C   . TRP A 1 32  ? 5.585   11.747  3.203   1.00 22.05 ? 1887 TRP A C   1 
ATOM   238  O O   . TRP A 1 32  ? 5.978   11.467  4.328   1.00 23.52 ? 1887 TRP A O   1 
ATOM   239  C CB  . TRP A 1 32  ? 7.184   13.326  2.033   1.00 23.80 ? 1887 TRP A CB  1 
ATOM   240  C CG  . TRP A 1 32  ? 6.223   14.369  1.551   1.00 24.50 ? 1887 TRP A CG  1 
ATOM   241  C CD1 . TRP A 1 32  ? 6.057   14.799  0.264   1.00 22.65 ? 1887 TRP A CD1 1 
ATOM   242  C CD2 . TRP A 1 32  ? 5.286   15.118  2.347   1.00 23.79 ? 1887 TRP A CD2 1 
ATOM   243  N NE1 . TRP A 1 32  ? 5.066   15.746  0.208   1.00 24.52 ? 1887 TRP A NE1 1 
ATOM   244  C CE2 . TRP A 1 32  ? 4.578   15.961  1.472   1.00 25.26 ? 1887 TRP A CE2 1 
ATOM   245  C CE3 . TRP A 1 32  ? 4.970   15.142  3.711   1.00 28.72 ? 1887 TRP A CE3 1 
ATOM   246  C CZ2 . TRP A 1 32  ? 3.577   16.829  1.917   1.00 31.98 ? 1887 TRP A CZ2 1 
ATOM   247  C CZ3 . TRP A 1 32  ? 3.970   16.011  4.155   1.00 25.52 ? 1887 TRP A CZ3 1 
ATOM   248  C CH2 . TRP A 1 32  ? 3.292   16.837  3.261   1.00 28.40 ? 1887 TRP A CH2 1 
ATOM   249  N N   . PRO A 1 33  ? 4.275   11.921  2.939   1.00 19.87 ? 1888 PRO A N   1 
ATOM   250  C CA  . PRO A 1 33  ? 3.411   11.667  4.099   1.00 20.37 ? 1888 PRO A CA  1 
ATOM   251  C C   . PRO A 1 33  ? 3.284   10.201  4.490   1.00 22.57 ? 1888 PRO A C   1 
ATOM   252  O O   . PRO A 1 33  ? 2.701   9.932   5.551   1.00 22.85 ? 1888 PRO A O   1 
ATOM   253  C CB  . PRO A 1 33  ? 2.036   12.188  3.644   1.00 22.56 ? 1888 PRO A CB  1 
ATOM   254  C CG  . PRO A 1 33  ? 2.319   13.058  2.438   1.00 22.81 ? 1888 PRO A CG  1 
ATOM   255  C CD  . PRO A 1 33  ? 3.509   12.451  1.794   1.00 19.58 ? 1888 PRO A CD  1 
ATOM   256  N N   . PHE A 1 34  ? 3.817   9.288   3.675   1.00 20.60 ? 1889 PHE A N   1 
ATOM   257  C CA  . PHE A 1 34  ? 3.519   7.855   3.810   1.00 21.15 ? 1889 PHE A CA  1 
ATOM   258  C C   . PHE A 1 34  ? 4.736   6.994   4.125   1.00 21.73 ? 1889 PHE A C   1 
ATOM   259  O O   . PHE A 1 34  ? 4.612   5.780   4.268   1.00 22.14 ? 1889 PHE A O   1 
ATOM   260  C CB  . PHE A 1 34  ? 2.863   7.340   2.524   1.00 20.38 ? 1889 PHE A CB  1 
ATOM   261  C CG  . PHE A 1 34  ? 1.750   8.223   2.027   1.00 22.98 ? 1889 PHE A CG  1 
ATOM   262  C CD1 . PHE A 1 34  ? 0.552   8.312   2.736   1.00 20.51 ? 1889 PHE A CD1 1 
ATOM   263  C CD2 . PHE A 1 34  ? 1.912   8.993   0.873   1.00 20.49 ? 1889 PHE A CD2 1 
ATOM   264  C CE1 . PHE A 1 34  ? -0.474  9.155   2.300   1.00 24.51 ? 1889 PHE A CE1 1 
ATOM   265  C CE2 . PHE A 1 34  ? 0.884   9.824   0.421   1.00 20.63 ? 1889 PHE A CE2 1 
ATOM   266  C CZ  . PHE A 1 34  ? -0.310  9.909   1.140   1.00 20.79 ? 1889 PHE A CZ  1 
ATOM   267  N N   . LEU A 1 35  ? 5.901   7.622   4.231   1.00 21.23 ? 1890 LEU A N   1 
ATOM   268  C CA  . LEU A 1 35  ? 7.162   6.887   4.320   1.00 22.06 ? 1890 LEU A CA  1 
ATOM   269  C C   . LEU A 1 35  ? 7.327   6.186   5.668   1.00 24.94 ? 1890 LEU A C   1 
ATOM   270  O O   . LEU A 1 35  ? 7.909   5.108   5.736   1.00 23.99 ? 1890 LEU A O   1 
ATOM   271  C CB  . LEU A 1 35  ? 8.356   7.821   4.063   1.00 22.07 ? 1890 LEU A CB  1 
ATOM   272  C CG  . LEU A 1 35  ? 8.577   8.361   2.637   1.00 28.33 ? 1890 LEU A CG  1 
ATOM   273  C CD1 . LEU A 1 35  ? 9.725   9.380   2.578   1.00 23.05 ? 1890 LEU A CD1 1 
ATOM   274  C CD2 . LEU A 1 35  ? 8.832   7.237   1.631   1.00 25.17 ? 1890 LEU A CD2 1 
ATOM   275  N N   . LEU A 1 36  ? 6.796   6.786   6.735   1.00 24.11 ? 1891 LEU A N   1 
ATOM   276  C CA  . LEU A 1 36  ? 6.989   6.249   8.074   1.00 24.62 ? 1891 LEU A CA  1 
ATOM   277  C C   . LEU A 1 36  ? 5.658   6.208   8.780   1.00 22.71 ? 1891 LEU A C   1 
ATOM   278  O O   . LEU A 1 36  ? 4.716   6.865   8.338   1.00 24.33 ? 1891 LEU A O   1 
ATOM   279  C CB  . LEU A 1 36  ? 8.006   7.088   8.864   1.00 24.77 ? 1891 LEU A CB  1 
ATOM   280  C CG  . LEU A 1 36  ? 9.476   7.053   8.414   1.00 28.18 ? 1891 LEU A CG  1 
ATOM   281  C CD1 . LEU A 1 36  ? 10.315  8.076   9.212   1.00 26.26 ? 1891 LEU A CD1 1 
ATOM   282  C CD2 . LEU A 1 36  ? 10.075  5.649   8.545   1.00 25.44 ? 1891 LEU A CD2 1 
ATOM   283  N N   . PRO A 1 37  ? 5.556   5.426   9.872   1.00 23.37 ? 1892 PRO A N   1 
ATOM   284  C CA  . PRO A 1 37  ? 4.285   5.435   10.606  1.00 22.56 ? 1892 PRO A CA  1 
ATOM   285  C C   . PRO A 1 37  ? 3.961   6.843   11.111  1.00 26.62 ? 1892 PRO A C   1 
ATOM   286  O O   . PRO A 1 37  ? 4.880   7.562   11.518  1.00 24.19 ? 1892 PRO A O   1 
ATOM   287  C CB  . PRO A 1 37  ? 4.544   4.487   11.777  1.00 23.62 ? 1892 PRO A CB  1 
ATOM   288  C CG  . PRO A 1 37  ? 5.708   3.636   11.346  1.00 23.65 ? 1892 PRO A CG  1 
ATOM   289  C CD  . PRO A 1 37  ? 6.546   4.518   10.485  1.00 25.60 ? 1892 PRO A CD  1 
ATOM   290  N N   . VAL A 1 38  ? 2.692   7.235   11.056  1.00 23.19 ? 1893 VAL A N   1 
ATOM   291  C CA  . VAL A 1 38  ? 2.247   8.479   11.681  1.00 28.07 ? 1893 VAL A CA  1 
ATOM   292  C C   . VAL A 1 38  ? 2.543   8.389   13.183  1.00 28.86 ? 1893 VAL A C   1 
ATOM   293  O O   . VAL A 1 38  ? 2.272   7.352   13.807  1.00 27.50 ? 1893 VAL A O   1 
ATOM   294  C CB  . VAL A 1 38  ? 0.732   8.734   11.442  1.00 26.16 ? 1893 VAL A CB  1 
ATOM   295  C CG1 . VAL A 1 38  ? 0.242   9.903   12.277  1.00 27.89 ? 1893 VAL A CG1 1 
ATOM   296  C CG2 . VAL A 1 38  ? 0.441   8.978   9.955   1.00 24.94 ? 1893 VAL A CG2 1 
ATOM   297  N N   . ASN A 1 39  ? 3.135   9.440   13.750  1.00 29.19 ? 1894 ASN A N   1 
ATOM   298  C CA  . ASN A 1 39  ? 3.543   9.411   15.165  1.00 33.38 ? 1894 ASN A CA  1 
ATOM   299  C C   . ASN A 1 39  ? 2.324   9.527   16.072  1.00 32.99 ? 1894 ASN A C   1 
ATOM   300  O O   . ASN A 1 39  ? 1.737   10.602  16.193  1.00 34.51 ? 1894 ASN A O   1 
ATOM   301  C CB  . ASN A 1 39  ? 4.548   10.536  15.472  1.00 37.21 ? 1894 ASN A CB  1 
ATOM   302  C CG  . ASN A 1 39  ? 5.169   10.425  16.880  1.00 36.58 ? 1894 ASN A CG  1 
ATOM   303  O OD1 . ASN A 1 39  ? 4.539   9.953   17.831  1.00 36.50 ? 1894 ASN A OD1 1 
ATOM   304  N ND2 . ASN A 1 39  ? 6.416   10.851  16.999  1.00 36.64 ? 1894 ASN A ND2 1 
ATOM   305  N N   . LEU A 1 40  ? 1.967   8.419   16.713  1.00 29.51 ? 1895 LEU A N   1 
ATOM   306  C CA  . LEU A 1 40  ? 0.728   8.332   17.480  1.00 32.41 ? 1895 LEU A CA  1 
ATOM   307  C C   . LEU A 1 40  ? 0.764   9.157   18.762  1.00 41.05 ? 1895 LEU A C   1 
ATOM   308  O O   . LEU A 1 40  ? -0.284  9.494   19.321  1.00 40.48 ? 1895 LEU A O   1 
ATOM   309  C CB  . LEU A 1 40  ? 0.412   6.876   17.815  1.00 30.82 ? 1895 LEU A CB  1 
ATOM   310  C CG  . LEU A 1 40  ? 0.117   5.963   16.625  1.00 33.82 ? 1895 LEU A CG  1 
ATOM   311  C CD1 . LEU A 1 40  ? -0.094  4.525   17.093  1.00 33.38 ? 1895 LEU A CD1 1 
ATOM   312  C CD2 . LEU A 1 40  ? -1.092  6.464   15.836  1.00 29.61 ? 1895 LEU A CD2 1 
ATOM   313  N N   . LYS A 1 41  ? 1.962   9.486   19.230  1.00 38.89 ? 1896 LYS A N   1 
ATOM   314  C CA  . LYS A 1 41  ? 2.080   10.296  20.433  1.00 39.93 ? 1896 LYS A CA  1 
ATOM   315  C C   . LYS A 1 41  ? 2.017   11.788  20.104  1.00 41.85 ? 1896 LYS A C   1 
ATOM   316  O O   . LYS A 1 41  ? 1.617   12.588  20.942  1.00 44.69 ? 1896 LYS A O   1 
ATOM   317  C CB  . LYS A 1 41  ? 3.374   9.957   21.189  1.00 40.63 ? 1896 LYS A CB  1 
ATOM   318  C CG  . LYS A 1 41  ? 3.370   8.554   21.783  1.00 48.08 ? 1896 LYS A CG  1 
ATOM   319  C CD  . LYS A 1 41  ? 4.518   8.315   22.755  1.00 54.26 ? 1896 LYS A CD  1 
ATOM   320  C CE  . LYS A 1 41  ? 5.866   8.300   22.053  1.00 61.89 ? 1896 LYS A CE  1 
ATOM   321  N NZ  . LYS A 1 41  ? 5.976   7.221   21.024  1.00 61.86 ? 1896 LYS A NZ  1 
ATOM   322  N N   . LEU A 1 42  ? 2.388   12.161  18.882  1.00 39.12 ? 1897 LEU A N   1 
ATOM   323  C CA  . LEU A 1 42  ? 2.445   13.574  18.508  1.00 37.64 ? 1897 LEU A CA  1 
ATOM   324  C C   . LEU A 1 42  ? 1.250   14.070  17.684  1.00 39.22 ? 1897 LEU A C   1 
ATOM   325  O O   . LEU A 1 42  ? 1.100   15.274  17.487  1.00 38.96 ? 1897 LEU A O   1 
ATOM   326  C CB  . LEU A 1 42  ? 3.728   13.859  17.730  1.00 39.08 ? 1897 LEU A CB  1 
ATOM   327  C CG  . LEU A 1 42  ? 5.036   13.685  18.505  1.00 45.73 ? 1897 LEU A CG  1 
ATOM   328  C CD1 . LEU A 1 42  ? 6.231   13.960  17.598  1.00 41.17 ? 1897 LEU A CD1 1 
ATOM   329  C CD2 . LEU A 1 42  ? 5.050   14.594  19.730  1.00 38.18 ? 1897 LEU A CD2 1 
ATOM   330  N N   . VAL A 1 43  ? 0.413   13.162  17.194  1.00 35.26 ? 1898 VAL A N   1 
ATOM   331  C CA  . VAL A 1 43  ? -0.731  13.562  16.367  1.00 29.22 ? 1898 VAL A CA  1 
ATOM   332  C C   . VAL A 1 43  ? -2.048  13.220  17.056  1.00 34.27 ? 1898 VAL A C   1 
ATOM   333  O O   . VAL A 1 43  ? -2.514  12.077  16.999  1.00 31.73 ? 1898 VAL A O   1 
ATOM   334  C CB  . VAL A 1 43  ? -0.680  12.890  14.991  1.00 32.79 ? 1898 VAL A CB  1 
ATOM   335  C CG1 . VAL A 1 43  ? -1.816  13.384  14.105  1.00 31.72 ? 1898 VAL A CG1 1 
ATOM   336  C CG2 . VAL A 1 43  ? 0.665   13.161  14.330  1.00 35.37 ? 1898 VAL A CG2 1 
ATOM   337  N N   . PRO A 1 44  ? -2.642  14.211  17.739  1.00 36.27 ? 1899 PRO A N   1 
ATOM   338  C CA  . PRO A 1 44  ? -3.915  14.020  18.449  1.00 37.05 ? 1899 PRO A CA  1 
ATOM   339  C C   . PRO A 1 44  ? -5.017  13.463  17.545  1.00 30.08 ? 1899 PRO A C   1 
ATOM   340  O O   . PRO A 1 44  ? -5.138  13.869  16.395  1.00 33.13 ? 1899 PRO A O   1 
ATOM   341  C CB  . PRO A 1 44  ? -4.259  15.438  18.935  1.00 38.18 ? 1899 PRO A CB  1 
ATOM   342  C CG  . PRO A 1 44  ? -2.922  16.112  19.070  1.00 37.74 ? 1899 PRO A CG  1 
ATOM   343  C CD  . PRO A 1 44  ? -2.115  15.579  17.908  1.00 34.30 ? 1899 PRO A CD  1 
ATOM   344  N N   . GLY A 1 45  ? -5.802  12.532  18.066  1.00 27.04 ? 1900 GLY A N   1 
ATOM   345  C CA  . GLY A 1 45  ? -6.889  11.944  17.302  1.00 27.46 ? 1900 GLY A CA  1 
ATOM   346  C C   . GLY A 1 45  ? -6.518  10.686  16.531  1.00 29.75 ? 1900 GLY A C   1 
ATOM   347  O O   . GLY A 1 45  ? -7.365  9.805   16.340  1.00 26.37 ? 1900 GLY A O   1 
ATOM   348  N N   . TYR A 1 46  ? -5.257  10.576  16.101  1.00 30.05 ? 1901 TYR A N   1 
ATOM   349  C CA  . TYR A 1 46  ? -4.912  9.530   15.137  1.00 28.91 ? 1901 TYR A CA  1 
ATOM   350  C C   . TYR A 1 46  ? -5.109  8.116   15.681  1.00 26.90 ? 1901 TYR A C   1 
ATOM   351  O O   . TYR A 1 46  ? -5.701  7.268   15.004  1.00 26.42 ? 1901 TYR A O   1 
ATOM   352  C CB  . TYR A 1 46  ? -3.471  9.674   14.622  1.00 27.09 ? 1901 TYR A CB  1 
ATOM   353  C CG  . TYR A 1 46  ? -3.333  9.055   13.241  1.00 26.85 ? 1901 TYR A CG  1 
ATOM   354  C CD1 . TYR A 1 46  ? -3.659  9.780   12.089  1.00 25.21 ? 1901 TYR A CD1 1 
ATOM   355  C CD2 . TYR A 1 46  ? -2.934  7.733   13.088  1.00 28.08 ? 1901 TYR A CD2 1 
ATOM   356  C CE1 . TYR A 1 46  ? -3.564  9.204   10.825  1.00 26.22 ? 1901 TYR A CE1 1 
ATOM   357  C CE2 . TYR A 1 46  ? -2.824  7.153   11.824  1.00 27.72 ? 1901 TYR A CE2 1 
ATOM   358  C CZ  . TYR A 1 46  ? -3.148  7.887   10.699  1.00 28.43 ? 1901 TYR A CZ  1 
ATOM   359  O OH  . TYR A 1 46  ? -3.046  7.297   9.450   1.00 28.78 ? 1901 TYR A OH  1 
ATOM   360  N N   . LYS A 1 47  ? -4.632  7.863   16.895  1.00 26.20 ? 1902 LYS A N   1 
ATOM   361  C CA  . LYS A 1 47  ? -4.684  6.515   17.451  1.00 29.26 ? 1902 LYS A CA  1 
ATOM   362  C C   . LYS A 1 47  ? -6.117  6.012   17.586  1.00 30.12 ? 1902 LYS A C   1 
ATOM   363  O O   . LYS A 1 47  ? -6.418  4.868   17.237  1.00 28.79 ? 1902 LYS A O   1 
ATOM   364  C CB  . LYS A 1 47  ? -3.979  6.470   18.800  1.00 29.14 ? 1902 LYS A CB  1 
ATOM   365  C CG  . LYS A 1 47  ? -3.742  5.059   19.341  1.00 33.98 ? 1902 LYS A CG  1 
ATOM   366  C CD  . LYS A 1 47  ? -2.898  5.110   20.606  1.00 38.15 ? 1902 LYS A CD  1 
ATOM   367  C CE  . LYS A 1 47  ? -2.267  3.770   20.936  1.00 46.00 ? 1902 LYS A CE  1 
ATOM   368  N NZ  . LYS A 1 47  ? -3.279  2.766   21.335  1.00 47.82 ? 1902 LYS A NZ  1 
ATOM   369  N N   . LYS A 1 48  ? -6.998  6.877   18.073  1.00 30.08 ? 1903 LYS A N   1 
ATOM   370  C CA  . LYS A 1 48  ? -8.385  6.506   18.329  1.00 28.25 ? 1903 LYS A CA  1 
ATOM   371  C C   . LYS A 1 48  ? -9.163  6.311   17.030  1.00 29.84 ? 1903 LYS A C   1 
ATOM   372  O O   . LYS A 1 48  ? -9.931  5.365   16.879  1.00 31.49 ? 1903 LYS A O   1 
ATOM   373  C CB  . LYS A 1 48  ? -9.060  7.582   19.202  1.00 30.87 ? 1903 LYS A CB  1 
ATOM   374  C CG  . LYS A 1 48  ? -10.484 7.245   19.639  1.00 27.45 ? 1903 LYS A CG  1 
ATOM   375  C CD  . LYS A 1 48  ? -10.533 5.895   20.322  1.00 30.24 ? 1903 LYS A CD  1 
ATOM   376  C CE  . LYS A 1 48  ? -11.950 5.512   20.710  1.00 31.85 ? 1903 LYS A CE  1 
ATOM   377  N NZ  . LYS A 1 48  ? -12.340 6.193   21.966  1.00 29.49 ? 1903 LYS A NZ  1 
ATOM   378  N N   . VAL A 1 49  ? -8.952  7.216   16.088  1.00 28.94 ? 1904 VAL A N   1 
ATOM   379  C CA  . VAL A 1 49  ? -9.708  7.223   14.847  1.00 27.91 ? 1904 VAL A CA  1 
ATOM   380  C C   . VAL A 1 49  ? -9.262  6.137   13.852  1.00 29.14 ? 1904 VAL A C   1 
ATOM   381  O O   . VAL A 1 49  ? -10.092 5.442   13.273  1.00 29.49 ? 1904 VAL A O   1 
ATOM   382  C CB  . VAL A 1 49  ? -9.600  8.612   14.183  1.00 29.58 ? 1904 VAL A CB  1 
ATOM   383  C CG1 . VAL A 1 49  ? -10.184 8.603   12.776  1.00 26.36 ? 1904 VAL A CG1 1 
ATOM   384  C CG2 . VAL A 1 49  ? -10.277 9.655   15.061  1.00 26.80 ? 1904 VAL A CG2 1 
ATOM   385  N N   . ILE A 1 50  ? -7.953  5.986   13.670  1.00 26.89 ? 1905 ILE A N   1 
ATOM   386  C CA  . ILE A 1 50  ? -7.419  5.090   12.647  1.00 29.41 ? 1905 ILE A CA  1 
ATOM   387  C C   . ILE A 1 50  ? -7.082  3.716   13.231  1.00 27.76 ? 1905 ILE A C   1 
ATOM   388  O O   . ILE A 1 50  ? -6.016  3.525   13.804  1.00 27.24 ? 1905 ILE A O   1 
ATOM   389  C CB  . ILE A 1 50  ? -6.168  5.707   11.979  1.00 25.22 ? 1905 ILE A CB  1 
ATOM   390  C CG1 . ILE A 1 50  ? -6.512  7.077   11.391  1.00 24.87 ? 1905 ILE A CG1 1 
ATOM   391  C CG2 . ILE A 1 50  ? -5.603  4.787   10.879  1.00 25.72 ? 1905 ILE A CG2 1 
ATOM   392  C CD1 . ILE A 1 50  ? -7.528  7.029   10.234  1.00 23.53 ? 1905 ILE A CD1 1 
ATOM   393  N N   . LYS A 1 51  ? -7.998  2.765   13.075  1.00 25.71 ? 1906 LYS A N   1 
ATOM   394  C CA  . LYS A 1 51  ? -7.884  1.467   13.738  1.00 30.90 ? 1906 LYS A CA  1 
ATOM   395  C C   . LYS A 1 51  ? -6.706  0.611   13.257  1.00 30.41 ? 1906 LYS A C   1 
ATOM   396  O O   . LYS A 1 51  ? -6.133  -0.142  14.036  1.00 28.55 ? 1906 LYS A O   1 
ATOM   397  C CB  . LYS A 1 51  ? -9.180  0.667   13.564  1.00 30.72 ? 1906 LYS A CB  1 
ATOM   398  C CG  . LYS A 1 51  ? -10.431 1.407   14.031  1.00 36.90 ? 1906 LYS A CG  1 
ATOM   399  C CD  . LYS A 1 51  ? -10.335 1.754   15.503  1.00 35.15 ? 1906 LYS A CD  1 
ATOM   400  C CE  . LYS A 1 51  ? -11.468 2.688   15.926  1.00 39.60 ? 1906 LYS A CE  1 
ATOM   401  N NZ  . LYS A 1 51  ? -11.353 3.066   17.368  1.00 37.42 ? 1906 LYS A NZ  1 
ATOM   402  N N   . LYS A 1 52  ? -6.371  0.701   11.975  1.00 25.94 ? 1907 LYS A N   1 
ATOM   403  C CA  . LYS A 1 52  ? -5.274  -0.075  11.419  1.00 25.97 ? 1907 LYS A CA  1 
ATOM   404  C C   . LYS A 1 52  ? -4.304  0.815   10.655  1.00 24.47 ? 1907 LYS A C   1 
ATOM   405  O O   . LYS A 1 52  ? -4.391  0.915   9.425   1.00 21.80 ? 1907 LYS A O   1 
ATOM   406  C CB  . LYS A 1 52  ? -5.802  -1.168  10.488  1.00 28.33 ? 1907 LYS A CB  1 
ATOM   407  C CG  . LYS A 1 52  ? -6.755  -2.150  11.147  1.00 31.98 ? 1907 LYS A CG  1 
ATOM   408  C CD  . LYS A 1 52  ? -7.407  -3.048  10.096  1.00 42.02 ? 1907 LYS A CD  1 
ATOM   409  C CE  . LYS A 1 52  ? -8.428  -4.003  10.708  1.00 57.52 ? 1907 LYS A CE  1 
ATOM   410  N NZ  . LYS A 1 52  ? -9.052  -4.899  9.686   1.00 65.65 ? 1907 LYS A NZ  1 
ATOM   411  N N   . PRO A 1 53  ? -3.391  1.479   11.382  1.00 23.69 ? 1908 PRO A N   1 
ATOM   412  C CA  . PRO A 1 53  ? -2.355  2.303   10.751  1.00 24.09 ? 1908 PRO A CA  1 
ATOM   413  C C   . PRO A 1 53  ? -1.527  1.481   9.761   1.00 23.95 ? 1908 PRO A C   1 
ATOM   414  O O   . PRO A 1 53  ? -1.333  0.288   9.976   1.00 24.02 ? 1908 PRO A O   1 
ATOM   415  C CB  . PRO A 1 53  ? -1.504  2.775   11.931  1.00 22.26 ? 1908 PRO A CB  1 
ATOM   416  C CG  . PRO A 1 53  ? -2.418  2.688   13.112  1.00 29.24 ? 1908 PRO A CG  1 
ATOM   417  C CD  . PRO A 1 53  ? -3.335  1.536   12.853  1.00 25.45 ? 1908 PRO A CD  1 
ATOM   418  N N   . MET A 1 54  ? -1.070  2.112   8.686   1.00 21.02 ? 1909 MET A N   1 
ATOM   419  C CA  . MET A 1 54  ? -0.222  1.438   7.709   1.00 24.53 ? 1909 MET A CA  1 
ATOM   420  C C   . MET A 1 54  ? 0.569   2.497   6.937   1.00 20.52 ? 1909 MET A C   1 
ATOM   421  O O   . MET A 1 54  ? 0.095   3.621   6.747   1.00 21.10 ? 1909 MET A O   1 
ATOM   422  C CB  . MET A 1 54  ? -1.066  0.557   6.772   1.00 19.46 ? 1909 MET A CB  1 
ATOM   423  C CG  . MET A 1 54  ? -0.255  -0.359  5.835   1.00 22.57 ? 1909 MET A CG  1 
ATOM   424  S SD  . MET A 1 54  ? 0.966   -1.421  6.680   1.00 23.55 ? 1909 MET A SD  1 
ATOM   425  C CE  . MET A 1 54  ? -0.129  -2.309  7.805   1.00 22.76 ? 1909 MET A CE  1 
ATOM   426  N N   . ASP A 1 55  ? 1.778   2.138   6.526   1.00 17.99 ? 1910 ASP A N   1 
ATOM   427  C CA  . ASP A 1 55  ? 2.694   3.054   5.849   1.00 20.47 ? 1910 ASP A CA  1 
ATOM   428  C C   . ASP A 1 55  ? 3.665   2.224   5.033   1.00 19.02 ? 1910 ASP A C   1 
ATOM   429  O O   . ASP A 1 55  ? 3.764   1.013   5.245   1.00 19.42 ? 1910 ASP A O   1 
ATOM   430  C CB  . ASP A 1 55  ? 3.463   3.913   6.855   1.00 18.90 ? 1910 ASP A CB  1 
ATOM   431  C CG  . ASP A 1 55  ? 4.492   3.100   7.612   1.00 23.69 ? 1910 ASP A CG  1 
ATOM   432  O OD1 . ASP A 1 55  ? 4.109   2.353   8.542   1.00 23.14 ? 1910 ASP A OD1 1 
ATOM   433  O OD2 . ASP A 1 55  ? 5.680   3.181   7.259   1.00 24.19 ? 1910 ASP A OD2 1 
ATOM   434  N N   . PHE A 1 56  ? 4.391   2.875   4.128   1.00 17.99 ? 1911 PHE A N   1 
ATOM   435  C CA  . PHE A 1 56  ? 5.269   2.194   3.180   1.00 18.71 ? 1911 PHE A CA  1 
ATOM   436  C C   . PHE A 1 56  ? 6.388   1.406   3.864   1.00 22.51 ? 1911 PHE A C   1 
ATOM   437  O O   . PHE A 1 56  ? 6.747   0.321   3.394   1.00 19.78 ? 1911 PHE A O   1 
ATOM   438  C CB  . PHE A 1 56  ? 5.894   3.196   2.197   1.00 18.28 ? 1911 PHE A CB  1 
ATOM   439  C CG  . PHE A 1 56  ? 4.913   3.823   1.226   1.00 20.78 ? 1911 PHE A CG  1 
ATOM   440  C CD1 . PHE A 1 56  ? 3.613   3.344   1.094   1.00 19.62 ? 1911 PHE A CD1 1 
ATOM   441  C CD2 . PHE A 1 56  ? 5.306   4.895   0.436   1.00 18.04 ? 1911 PHE A CD2 1 
ATOM   442  C CE1 . PHE A 1 56  ? 2.716   3.944   0.186   1.00 20.63 ? 1911 PHE A CE1 1 
ATOM   443  C CE2 . PHE A 1 56  ? 4.419   5.489   -0.475  1.00 21.90 ? 1911 PHE A CE2 1 
ATOM   444  C CZ  . PHE A 1 56  ? 3.122   5.009   -0.592  1.00 20.59 ? 1911 PHE A CZ  1 
ATOM   445  N N   . SER A 1 57  ? 6.954   1.931   4.954   1.00 18.62 ? 1912 SER A N   1 
ATOM   446  C CA  . SER A 1 57  ? 8.068   1.220   5.600   1.00 24.38 ? 1912 SER A CA  1 
ATOM   447  C C   . SER A 1 57  ? 7.573   -0.064  6.292   1.00 22.89 ? 1912 SER A C   1 
ATOM   448  O O   . SER A 1 57  ? 8.267   -1.084  6.293   1.00 22.99 ? 1912 SER A O   1 
ATOM   449  C CB  . SER A 1 57  ? 8.823   2.127   6.593   1.00 21.19 ? 1912 SER A CB  1 
ATOM   450  O OG  . SER A 1 57  ? 8.074   2.376   7.768   1.00 24.82 ? 1912 SER A OG  1 
ATOM   451  N N   . THR A 1 58  ? 6.369   -0.024  6.854   1.00 21.23 ? 1913 THR A N   1 
ATOM   452  C CA  . THR A 1 58  ? 5.771   -1.220  7.436   1.00 20.60 ? 1913 THR A CA  1 
ATOM   453  C C   . THR A 1 58  ? 5.447   -2.246  6.346   1.00 23.69 ? 1913 THR A C   1 
ATOM   454  O O   . THR A 1 58  ? 5.638   -3.451  6.533   1.00 25.68 ? 1913 THR A O   1 
ATOM   455  C CB  . THR A 1 58  ? 4.512   -0.875  8.234   1.00 24.17 ? 1913 THR A CB  1 
ATOM   456  O OG1 . THR A 1 58  ? 4.862   0.055   9.263   1.00 24.22 ? 1913 THR A OG1 1 
ATOM   457  C CG2 . THR A 1 58  ? 3.915   -2.124  8.882   1.00 22.46 ? 1913 THR A CG2 1 
ATOM   458  N N   . ILE A 1 59  ? 4.982   -1.767  5.197   1.00 23.24 ? 1914 ILE A N   1 
ATOM   459  C CA  . ILE A 1 59  ? 4.705   -2.649  4.074   1.00 21.34 ? 1914 ILE A CA  1 
ATOM   460  C C   . ILE A 1 59  ? 6.011   -3.284  3.588   1.00 24.18 ? 1914 ILE A C   1 
ATOM   461  O O   . ILE A 1 59  ? 6.041   -4.466  3.296   1.00 19.77 ? 1914 ILE A O   1 
ATOM   462  C CB  . ILE A 1 59  ? 4.005   -1.896  2.912   1.00 22.23 ? 1914 ILE A CB  1 
ATOM   463  C CG1 . ILE A 1 59  ? 2.577   -1.491  3.304   1.00 16.66 ? 1914 ILE A CG1 1 
ATOM   464  C CG2 . ILE A 1 59  ? 3.974   -2.738  1.624   1.00 17.13 ? 1914 ILE A CG2 1 
ATOM   465  C CD1 . ILE A 1 59  ? 1.894   -0.628  2.234   1.00 15.71 ? 1914 ILE A CD1 1 
ATOM   466  N N   . ARG A 1 60  ? 7.089   -2.502  3.516   1.00 20.90 ? 1915 ARG A N   1 
ATOM   467  C CA  . ARG A 1 60  ? 8.379   -3.028  3.087   1.00 22.55 ? 1915 ARG A CA  1 
ATOM   468  C C   . ARG A 1 60  ? 8.872   -4.136  4.027   1.00 29.11 ? 1915 ARG A C   1 
ATOM   469  O O   . ARG A 1 60  ? 9.351   -5.179  3.576   1.00 28.39 ? 1915 ARG A O   1 
ATOM   470  C CB  . ARG A 1 60  ? 9.418   -1.910  3.005   1.00 25.82 ? 1915 ARG A CB  1 
ATOM   471  C CG  . ARG A 1 60  ? 10.861  -2.390  2.792   1.00 28.55 ? 1915 ARG A CG  1 
ATOM   472  C CD  . ARG A 1 60  ? 11.068  -2.979  1.409   1.00 25.81 ? 1915 ARG A CD  1 
ATOM   473  N NE  . ARG A 1 60  ? 11.012  -1.962  0.358   1.00 27.06 ? 1915 ARG A NE  1 
ATOM   474  C CZ  . ARG A 1 60  ? 10.954  -2.234  -0.945  1.00 28.93 ? 1915 ARG A CZ  1 
ATOM   475  N NH1 . ARG A 1 60  ? 10.944  -3.494  -1.364  1.00 31.15 ? 1915 ARG A NH1 1 
ATOM   476  N NH2 . ARG A 1 60  ? 10.914  -1.251  -1.833  1.00 30.77 ? 1915 ARG A NH2 1 
ATOM   477  N N   . GLU A 1 61  ? 8.732   -3.911  5.328   1.00 24.99 ? 1916 GLU A N   1 
ATOM   478  C CA  . GLU A 1 61  ? 9.147   -4.880  6.329   1.00 28.28 ? 1916 GLU A CA  1 
ATOM   479  C C   . GLU A 1 61  ? 8.339   -6.177  6.240   1.00 27.95 ? 1916 GLU A C   1 
ATOM   480  O O   . GLU A 1 61  ? 8.901   -7.256  6.366   1.00 29.42 ? 1916 GLU A O   1 
ATOM   481  C CB  . GLU A 1 61  ? 9.019   -4.279  7.728   1.00 30.47 ? 1916 GLU A CB  1 
ATOM   482  C CG  . GLU A 1 61  ? 9.461   -5.199  8.855   1.00 34.61 ? 1916 GLU A CG  1 
ATOM   483  C CD  . GLU A 1 61  ? 10.952  -5.553  8.796   1.00 43.84 ? 1916 GLU A CD  1 
ATOM   484  O OE1 . GLU A 1 61  ? 11.762  -4.706  8.338   1.00 41.64 ? 1916 GLU A OE1 1 
ATOM   485  O OE2 . GLU A 1 61  ? 11.309  -6.685  9.209   1.00 44.50 ? 1916 GLU A OE2 1 
ATOM   486  N N   . LYS A 1 62  ? 7.030   -6.080  6.031   1.00 26.15 ? 1917 LYS A N   1 
ATOM   487  C CA  . LYS A 1 62  ? 6.198   -7.277  5.891   1.00 23.84 ? 1917 LYS A CA  1 
ATOM   488  C C   . LYS A 1 62  ? 6.559   -8.032  4.615   1.00 28.63 ? 1917 LYS A C   1 
ATOM   489  O O   . LYS A 1 62  ? 6.625   -9.266  4.612   1.00 25.46 ? 1917 LYS A O   1 
ATOM   490  C CB  . LYS A 1 62  ? 4.704   -6.919  5.886   1.00 22.35 ? 1917 LYS A CB  1 
ATOM   491  C CG  . LYS A 1 62  ? 4.176   -6.470  7.238   1.00 22.97 ? 1917 LYS A CG  1 
ATOM   492  C CD  . LYS A 1 62  ? 2.788   -5.916  7.149   1.00 23.40 ? 1917 LYS A CD  1 
ATOM   493  C CE  . LYS A 1 62  ? 1.759   -7.002  6.949   1.00 24.63 ? 1917 LYS A CE  1 
ATOM   494  N NZ  . LYS A 1 62  ? 0.393   -6.444  7.146   1.00 26.09 ? 1917 LYS A NZ  1 
ATOM   495  N N   . LEU A 1 63  ? 6.800   -7.286  3.536   1.00 23.89 ? 1918 LEU A N   1 
ATOM   496  C CA  . LEU A 1 63  ? 7.105   -7.892  2.249   1.00 25.16 ? 1918 LEU A CA  1 
ATOM   497  C C   . LEU A 1 63  ? 8.415   -8.665  2.327   1.00 28.18 ? 1918 LEU A C   1 
ATOM   498  O O   . LEU A 1 63  ? 8.486   -9.805  1.890   1.00 29.99 ? 1918 LEU A O   1 
ATOM   499  C CB  . LEU A 1 63  ? 7.187   -6.829  1.146   1.00 26.06 ? 1918 LEU A CB  1 
ATOM   500  C CG  . LEU A 1 63  ? 7.223   -7.346  -0.301  1.00 26.69 ? 1918 LEU A CG  1 
ATOM   501  C CD1 . LEU A 1 63  ? 5.925   -8.086  -0.658  1.00 21.37 ? 1918 LEU A CD1 1 
ATOM   502  C CD2 . LEU A 1 63  ? 7.482   -6.217  -1.290  1.00 21.96 ? 1918 LEU A CD2 1 
ATOM   503  N N   . SER A 1 64  ? 9.435   -8.029  2.906   1.00 26.17 ? 1919 SER A N   1 
ATOM   504  C CA  . SER A 1 64  ? 10.771  -8.598  3.045   1.00 27.65 ? 1919 SER A CA  1 
ATOM   505  C C   . SER A 1 64  ? 10.859  -9.790  3.998   1.00 26.57 ? 1919 SER A C   1 
ATOM   506  O O   . SER A 1 64  ? 11.847  -10.526 3.995   1.00 26.97 ? 1919 SER A O   1 
ATOM   507  C CB  . SER A 1 64  ? 11.744  -7.520  3.518   1.00 28.71 ? 1919 SER A CB  1 
ATOM   508  O OG  . SER A 1 64  ? 11.833  -6.488  2.563   1.00 30.01 ? 1919 SER A OG  1 
ATOM   509  N N   . SER A 1 65  ? 9.841   -9.978  4.822   1.00 25.87 ? 1920 SER A N   1 
ATOM   510  C CA  . SER A 1 65  ? 9.888   -11.037 5.808   1.00 25.26 ? 1920 SER A CA  1 
ATOM   511  C C   . SER A 1 65  ? 8.805   -12.099 5.584   1.00 23.54 ? 1920 SER A C   1 
ATOM   512  O O   . SER A 1 65  ? 8.444   -12.828 6.512   1.00 26.01 ? 1920 SER A O   1 
ATOM   513  C CB  . SER A 1 65  ? 9.762   -10.441 7.206   1.00 23.33 ? 1920 SER A CB  1 
ATOM   514  O OG  . SER A 1 65  ? 8.565   -9.694  7.317   1.00 28.01 ? 1920 SER A OG  1 
ATOM   515  N N   . GLY A 1 66  ? 8.273   -12.180 4.364   1.00 25.75 ? 1921 GLY A N   1 
ATOM   516  C CA  . GLY A 1 66  ? 7.311   -13.218 4.021   1.00 20.91 ? 1921 GLY A CA  1 
ATOM   517  C C   . GLY A 1 66  ? 5.981   -13.134 4.743   1.00 25.09 ? 1921 GLY A C   1 
ATOM   518  O O   . GLY A 1 66  ? 5.352   -14.154 5.021   1.00 23.89 ? 1921 GLY A O   1 
ATOM   519  N N   . GLN A 1 67  ? 5.519   -11.924 5.040   1.00 26.49 ? 1922 GLN A N   1 
ATOM   520  C CA  . GLN A 1 67  ? 4.260   -11.790 5.772   1.00 26.18 ? 1922 GLN A CA  1 
ATOM   521  C C   . GLN A 1 67  ? 3.041   -11.529 4.862   1.00 23.85 ? 1922 GLN A C   1 
ATOM   522  O O   . GLN A 1 67  ? 1.924   -11.408 5.352   1.00 27.52 ? 1922 GLN A O   1 
ATOM   523  C CB  . GLN A 1 67  ? 4.384   -10.683 6.826   1.00 27.62 ? 1922 GLN A CB  1 
ATOM   524  C CG  . GLN A 1 67  ? 5.441   -10.962 7.887   1.00 26.67 ? 1922 GLN A CG  1 
ATOM   525  C CD  . GLN A 1 67  ? 5.353   -9.993  9.052   1.00 30.76 ? 1922 GLN A CD  1 
ATOM   526  O OE1 . GLN A 1 67  ? 4.272   -9.741  9.585   1.00 34.66 ? 1922 GLN A OE1 1 
ATOM   527  N NE2 . GLN A 1 67  ? 6.485   -9.421  9.430   1.00 30.25 ? 1922 GLN A NE2 1 
ATOM   528  N N   . TYR A 1 68  ? 3.257   -11.446 3.552   1.00 23.36 ? 1923 TYR A N   1 
ATOM   529  C CA  . TYR A 1 68  ? 2.143   -11.418 2.595   1.00 25.87 ? 1923 TYR A CA  1 
ATOM   530  C C   . TYR A 1 68  ? 1.984   -12.790 1.940   1.00 27.06 ? 1923 TYR A C   1 
ATOM   531  O O   . TYR A 1 68  ? 2.851   -13.218 1.175   1.00 26.44 ? 1923 TYR A O   1 
ATOM   532  C CB  . TYR A 1 68  ? 2.348   -10.333 1.513   1.00 23.30 ? 1923 TYR A CB  1 
ATOM   533  C CG  . TYR A 1 68  ? 2.256   -8.930  2.072   1.00 22.29 ? 1923 TYR A CG  1 
ATOM   534  C CD1 . TYR A 1 68  ? 1.092   -8.489  2.677   1.00 22.44 ? 1923 TYR A CD1 1 
ATOM   535  C CD2 . TYR A 1 68  ? 3.331   -8.060  2.009   1.00 21.23 ? 1923 TYR A CD2 1 
ATOM   536  C CE1 . TYR A 1 68  ? 0.994   -7.217  3.212   1.00 25.74 ? 1923 TYR A CE1 1 
ATOM   537  C CE2 . TYR A 1 68  ? 3.244   -6.773  2.538   1.00 21.11 ? 1923 TYR A CE2 1 
ATOM   538  C CZ  . TYR A 1 68  ? 2.067   -6.362  3.141   1.00 20.30 ? 1923 TYR A CZ  1 
ATOM   539  O OH  . TYR A 1 68  ? 1.958   -5.094  3.687   1.00 21.75 ? 1923 TYR A OH  1 
ATOM   540  N N   . PRO A 1 69  ? 0.876   -13.486 2.242   1.00 27.38 ? 1924 PRO A N   1 
ATOM   541  C CA  . PRO A 1 69  ? 0.641   -14.812 1.654   1.00 28.18 ? 1924 PRO A CA  1 
ATOM   542  C C   . PRO A 1 69  ? 0.446   -14.766 0.141   1.00 32.60 ? 1924 PRO A C   1 
ATOM   543  O O   . PRO A 1 69  ? 0.710   -15.776 -0.511  1.00 33.82 ? 1924 PRO A O   1 
ATOM   544  C CB  . PRO A 1 69  ? -0.636  -15.300 2.360   1.00 28.60 ? 1924 PRO A CB  1 
ATOM   545  C CG  . PRO A 1 69  ? -1.259  -14.090 2.936   1.00 33.34 ? 1924 PRO A CG  1 
ATOM   546  C CD  . PRO A 1 69  ? -0.128  -13.145 3.259   1.00 23.82 ? 1924 PRO A CD  1 
ATOM   547  N N   . ASN A 1 70  ? 0.013   -13.629 -0.405  1.00 28.36 ? 1925 ASN A N   1 
ATOM   548  C CA  . ASN A 1 70  ? -0.177  -13.506 -1.849  1.00 28.25 ? 1925 ASN A CA  1 
ATOM   549  C C   . ASN A 1 70  ? -0.293  -12.057 -2.330  1.00 30.49 ? 1925 ASN A C   1 
ATOM   550  O O   . ASN A 1 70  ? -0.278  -11.123 -1.523  1.00 29.30 ? 1925 ASN A O   1 
ATOM   551  C CB  . ASN A 1 70  ? -1.423  -14.272 -2.288  1.00 27.80 ? 1925 ASN A CB  1 
ATOM   552  C CG  . ASN A 1 70  ? -2.676  -13.760 -1.617  1.00 30.27 ? 1925 ASN A CG  1 
ATOM   553  O OD1 . ASN A 1 70  ? -3.080  -12.614 -1.820  1.00 34.50 ? 1925 ASN A OD1 1 
ATOM   554  N ND2 . ASN A 1 70  ? -3.304  -14.603 -0.817  1.00 27.09 ? 1925 ASN A ND2 1 
ATOM   555  N N   . LEU A 1 71  ? -0.419  -11.909 -3.649  1.00 32.83 ? 1926 LEU A N   1 
ATOM   556  C CA  . LEU A 1 71  ? -0.632  -10.631 -4.352  1.00 37.07 ? 1926 LEU A CA  1 
ATOM   557  C C   . LEU A 1 71  ? -1.680  -9.710  -3.753  1.00 30.65 ? 1926 LEU A C   1 
ATOM   558  O O   . LEU A 1 71  ? -1.465  -8.506  -3.603  1.00 29.54 ? 1926 LEU A O   1 
ATOM   559  C CB  . LEU A 1 71  ? -1.061  -10.899 -5.805  1.00 36.96 ? 1926 LEU A CB  1 
ATOM   560  C CG  . LEU A 1 71  ? 0.045   -10.912 -6.836  1.00 39.02 ? 1926 LEU A CG  1 
ATOM   561  C CD1 . LEU A 1 71  ? -0.533  -10.850 -8.242  1.00 36.83 ? 1926 LEU A CD1 1 
ATOM   562  C CD2 . LEU A 1 71  ? 0.940   -9.736  -6.562  1.00 36.48 ? 1926 LEU A CD2 1 
ATOM   563  N N   . GLU A 1 72  ? -2.835  -10.286 -3.465  1.00 32.12 ? 1927 GLU A N   1 
ATOM   564  C CA  . GLU A 1 72  ? -3.982  -9.517  -3.032  1.00 33.34 ? 1927 GLU A CA  1 
ATOM   565  C C   . GLU A 1 72  ? -3.769  -8.907  -1.650  1.00 30.30 ? 1927 GLU A C   1 
ATOM   566  O O   . GLU A 1 72  ? -4.171  -7.773  -1.405  1.00 28.18 ? 1927 GLU A O   1 
ATOM   567  C CB  . GLU A 1 72  ? -5.232  -10.395 -3.037  1.00 34.67 ? 1927 GLU A CB  1 
ATOM   568  C CG  . GLU A 1 72  ? -6.525  -9.636  -2.733  1.00 45.38 ? 1927 GLU A CG  1 
ATOM   569  N N   . THR A 1 73  ? -3.138  -9.648  -0.747  1.00 27.08 ? 1928 THR A N   1 
ATOM   570  C CA  . THR A 1 73  ? -2.962  -9.137  0.599   1.00 26.11 ? 1928 THR A CA  1 
ATOM   571  C C   . THR A 1 73  ? -1.991  -7.948  0.579   1.00 24.49 ? 1928 THR A C   1 
ATOM   572  O O   . THR A 1 73  ? -2.112  -7.040  1.393   1.00 25.12 ? 1928 THR A O   1 
ATOM   573  C CB  . THR A 1 73  ? -2.458  -10.223 1.586   1.00 27.61 ? 1928 THR A CB  1 
ATOM   574  O OG1 . THR A 1 73  ? -1.188  -10.728 1.157   1.00 25.81 ? 1928 THR A OG1 1 
ATOM   575  C CG2 . THR A 1 73  ? -3.472  -11.379 1.691   1.00 26.70 ? 1928 THR A CG2 1 
ATOM   576  N N   . PHE A 1 74  ? -1.045  -7.955  -0.356  1.00 24.75 ? 1929 PHE A N   1 
ATOM   577  C CA  . PHE A 1 74  ? -0.131  -6.825  -0.526  1.00 22.57 ? 1929 PHE A CA  1 
ATOM   578  C C   . PHE A 1 74  ? -0.914  -5.584  -0.963  1.00 23.46 ? 1929 PHE A C   1 
ATOM   579  O O   . PHE A 1 74  ? -0.788  -4.525  -0.361  1.00 22.84 ? 1929 PHE A O   1 
ATOM   580  C CB  . PHE A 1 74  ? 0.954   -7.161  -1.545  1.00 22.75 ? 1929 PHE A CB  1 
ATOM   581  C CG  . PHE A 1 74  ? 1.805   -5.979  -1.962  1.00 21.67 ? 1929 PHE A CG  1 
ATOM   582  C CD1 . PHE A 1 74  ? 2.841   -5.522  -1.148  1.00 18.47 ? 1929 PHE A CD1 1 
ATOM   583  C CD2 . PHE A 1 74  ? 1.579   -5.341  -3.172  1.00 20.24 ? 1929 PHE A CD2 1 
ATOM   584  C CE1 . PHE A 1 74  ? 3.619   -4.451  -1.530  1.00 18.48 ? 1929 PHE A CE1 1 
ATOM   585  C CE2 . PHE A 1 74  ? 2.361   -4.255  -3.569  1.00 21.72 ? 1929 PHE A CE2 1 
ATOM   586  C CZ  . PHE A 1 74  ? 3.380   -3.811  -2.745  1.00 20.62 ? 1929 PHE A CZ  1 
ATOM   587  N N   . ALA A 1 75  ? -1.728  -5.728  -2.004  1.00 23.39 ? 1930 ALA A N   1 
ATOM   588  C CA  . ALA A 1 75  ? -2.487  -4.606  -2.542  1.00 23.68 ? 1930 ALA A CA  1 
ATOM   589  C C   . ALA A 1 75  ? -3.445  -4.038  -1.492  1.00 23.27 ? 1930 ALA A C   1 
ATOM   590  O O   . ALA A 1 75  ? -3.635  -2.821  -1.419  1.00 21.01 ? 1930 ALA A O   1 
ATOM   591  C CB  . ALA A 1 75  ? -3.242  -5.027  -3.807  1.00 23.22 ? 1930 ALA A CB  1 
ATOM   592  N N   . LEU A 1 76  ? -4.012  -4.903  -0.647  1.00 21.77 ? 1931 LEU A N   1 
ATOM   593  C CA  . LEU A 1 76  ? -4.901  -4.437  0.428   1.00 21.64 ? 1931 LEU A CA  1 
ATOM   594  C C   . LEU A 1 76  ? -4.195  -3.499  1.429   1.00 24.01 ? 1931 LEU A C   1 
ATOM   595  O O   . LEU A 1 76  ? -4.784  -2.512  1.895   1.00 21.35 ? 1931 LEU A O   1 
ATOM   596  C CB  . LEU A 1 76  ? -5.504  -5.628  1.182   1.00 27.17 ? 1931 LEU A CB  1 
ATOM   597  C CG  . LEU A 1 76  ? -6.674  -6.357  0.500   1.00 33.25 ? 1931 LEU A CG  1 
ATOM   598  C CD1 . LEU A 1 76  ? -6.920  -7.715  1.146   1.00 30.99 ? 1931 LEU A CD1 1 
ATOM   599  C CD2 . LEU A 1 76  ? -7.962  -5.517  0.519   1.00 31.77 ? 1931 LEU A CD2 1 
ATOM   600  N N   . ASP A 1 77  ? -2.948  -3.804  1.776   1.00 22.33 ? 1932 ASP A N   1 
ATOM   601  C CA  . ASP A 1 77  ? -2.205  -2.929  2.684   1.00 22.07 ? 1932 ASP A CA  1 
ATOM   602  C C   . ASP A 1 77  ? -1.876  -1.593  2.015   1.00 20.70 ? 1932 ASP A C   1 
ATOM   603  O O   . ASP A 1 77  ? -1.892  -0.555  2.672   1.00 19.96 ? 1932 ASP A O   1 
ATOM   604  C CB  . ASP A 1 77  ? -0.914  -3.607  3.173   1.00 20.53 ? 1932 ASP A CB  1 
ATOM   605  C CG  . ASP A 1 77  ? -1.064  -4.228  4.566   1.00 25.04 ? 1932 ASP A CG  1 
ATOM   606  O OD1 . ASP A 1 77  ? -2.187  -4.203  5.124   1.00 27.38 ? 1932 ASP A OD1 1 
ATOM   607  O OD2 . ASP A 1 77  ? -0.065  -4.759  5.100   1.00 24.91 ? 1932 ASP A OD2 1 
ATOM   608  N N   . VAL A 1 78  ? -1.562  -1.620  0.721   1.00 18.80 ? 1933 VAL A N   1 
ATOM   609  C CA  . VAL A 1 78  ? -1.276  -0.381  -0.004  1.00 18.57 ? 1933 VAL A CA  1 
ATOM   610  C C   . VAL A 1 78  ? -2.527  0.501   -0.043  1.00 22.78 ? 1933 VAL A C   1 
ATOM   611  O O   . VAL A 1 78  ? -2.470  1.693   0.257   1.00 20.95 ? 1933 VAL A O   1 
ATOM   612  C CB  . VAL A 1 78  ? -0.778  -0.656  -1.439  1.00 20.72 ? 1933 VAL A CB  1 
ATOM   613  C CG1 . VAL A 1 78  ? -0.583  0.654   -2.222  1.00 18.11 ? 1933 VAL A CG1 1 
ATOM   614  C CG2 . VAL A 1 78  ? 0.535   -1.435  -1.407  1.00 18.32 ? 1933 VAL A CG2 1 
ATOM   615  N N   . ARG A 1 79  ? -3.670  -0.089  -0.388  1.00 22.02 ? 1934 ARG A N   1 
ATOM   616  C CA  . ARG A 1 79  ? -4.918  0.665   -0.406  1.00 22.86 ? 1934 ARG A CA  1 
ATOM   617  C C   . ARG A 1 79  ? -5.294  1.176   0.974   1.00 22.31 ? 1934 ARG A C   1 
ATOM   618  O O   . ARG A 1 79  ? -5.842  2.269   1.098   1.00 22.32 ? 1934 ARG A O   1 
ATOM   619  C CB  . ARG A 1 79  ? -6.047  -0.181  -0.987  1.00 24.89 ? 1934 ARG A CB  1 
ATOM   620  C CG  . ARG A 1 79  ? -5.841  -0.395  -2.466  1.00 28.67 ? 1934 ARG A CG  1 
ATOM   621  C CD  . ARG A 1 79  ? -6.737  -1.472  -3.053  1.00 27.70 ? 1934 ARG A CD  1 
ATOM   622  N NE  . ARG A 1 79  ? -6.363  -1.665  -4.443  1.00 27.50 ? 1934 ARG A NE  1 
ATOM   623  C CZ  . ARG A 1 79  ? -6.452  -2.815  -5.096  1.00 31.99 ? 1934 ARG A CZ  1 
ATOM   624  N NH1 . ARG A 1 79  ? -6.930  -3.896  -4.490  1.00 28.28 ? 1934 ARG A NH1 1 
ATOM   625  N NH2 . ARG A 1 79  ? -6.066  -2.873  -6.361  1.00 29.80 ? 1934 ARG A NH2 1 
ATOM   626  N N   . LEU A 1 80  ? -4.973  0.400   2.007   1.00 21.69 ? 1935 LEU A N   1 
ATOM   627  C CA  . LEU A 1 80  ? -5.233  0.802   3.382   1.00 19.84 ? 1935 LEU A CA  1 
ATOM   628  C C   . LEU A 1 80  ? -4.528  2.114   3.738   1.00 21.13 ? 1935 LEU A C   1 
ATOM   629  O O   . LEU A 1 80  ? -5.072  2.943   4.476   1.00 20.99 ? 1935 LEU A O   1 
ATOM   630  C CB  . LEU A 1 80  ? -4.796  -0.301  4.340   1.00 23.41 ? 1935 LEU A CB  1 
ATOM   631  C CG  . LEU A 1 80  ? -4.856  -0.022  5.843   1.00 23.78 ? 1935 LEU A CG  1 
ATOM   632  C CD1 . LEU A 1 80  ? -6.292  0.327   6.303   1.00 23.99 ? 1935 LEU A CD1 1 
ATOM   633  C CD2 . LEU A 1 80  ? -4.324  -1.241  6.596   1.00 22.14 ? 1935 LEU A CD2 1 
ATOM   634  N N   . VAL A 1 81  ? -3.322  2.301   3.207   1.00 20.04 ? 1936 VAL A N   1 
ATOM   635  C CA  . VAL A 1 81  ? -2.572  3.544   3.421   1.00 18.34 ? 1936 VAL A CA  1 
ATOM   636  C C   . VAL A 1 81  ? -3.377  4.761   2.945   1.00 20.09 ? 1936 VAL A C   1 
ATOM   637  O O   . VAL A 1 81  ? -3.453  5.785   3.633   1.00 20.00 ? 1936 VAL A O   1 
ATOM   638  C CB  . VAL A 1 81  ? -1.204  3.522   2.687   1.00 19.57 ? 1936 VAL A CB  1 
ATOM   639  C CG1 . VAL A 1 81  ? -0.528  4.922   2.708   1.00 17.94 ? 1936 VAL A CG1 1 
ATOM   640  C CG2 . VAL A 1 81  ? -0.292  2.481   3.293   1.00 17.04 ? 1936 VAL A CG2 1 
ATOM   641  N N   . PHE A 1 82  ? -3.994  4.637   1.776   1.00 17.87 ? 1937 PHE A N   1 
ATOM   642  C CA  . PHE A 1 82  ? -4.657  5.781   1.156   1.00 22.18 ? 1937 PHE A CA  1 
ATOM   643  C C   . PHE A 1 82  ? -6.085  5.958   1.688   1.00 22.23 ? 1937 PHE A C   1 
ATOM   644  O O   . PHE A 1 82  ? -6.573  7.082   1.793   1.00 24.92 ? 1937 PHE A O   1 
ATOM   645  C CB  . PHE A 1 82  ? -4.620  5.623   -0.379  1.00 23.05 ? 1937 PHE A CB  1 
ATOM   646  C CG  . PHE A 1 82  ? -3.219  5.439   -0.921  1.00 21.29 ? 1937 PHE A CG  1 
ATOM   647  C CD1 . PHE A 1 82  ? -2.197  6.298   -0.526  1.00 19.67 ? 1937 PHE A CD1 1 
ATOM   648  C CD2 . PHE A 1 82  ? -2.914  4.390   -1.777  1.00 19.68 ? 1937 PHE A CD2 1 
ATOM   649  C CE1 . PHE A 1 82  ? -0.893  6.122   -0.982  1.00 20.17 ? 1937 PHE A CE1 1 
ATOM   650  C CE2 . PHE A 1 82  ? -1.617  4.212   -2.259  1.00 20.71 ? 1937 PHE A CE2 1 
ATOM   651  C CZ  . PHE A 1 82  ? -0.598  5.081   -1.854  1.00 21.19 ? 1937 PHE A CZ  1 
ATOM   652  N N   . ASP A 1 83  ? -6.735  4.849   2.046   1.00 19.63 ? 1938 ASP A N   1 
ATOM   653  C CA  . ASP A 1 83  ? -7.996  4.878   2.790   1.00 23.21 ? 1938 ASP A CA  1 
ATOM   654  C C   . ASP A 1 83  ? -7.836  5.584   4.147   1.00 26.36 ? 1938 ASP A C   1 
ATOM   655  O O   . ASP A 1 83  ? -8.637  6.450   4.496   1.00 23.37 ? 1938 ASP A O   1 
ATOM   656  C CB  . ASP A 1 83  ? -8.533  3.456   2.994   1.00 23.51 ? 1938 ASP A CB  1 
ATOM   657  C CG  . ASP A 1 83  ? -8.978  2.816   1.690   1.00 29.13 ? 1938 ASP A CG  1 
ATOM   658  O OD1 . ASP A 1 83  ? -8.998  3.548   0.671   1.00 28.08 ? 1938 ASP A OD1 1 
ATOM   659  O OD2 . ASP A 1 83  ? -9.309  1.598   1.679   1.00 28.22 ? 1938 ASP A OD2 1 
ATOM   660  N N   . ASN A 1 84  ? -6.799  5.227   4.907   1.00 23.52 ? 1939 ASN A N   1 
ATOM   661  C CA  . ASN A 1 84  ? -6.492  5.956   6.137   1.00 21.87 ? 1939 ASN A CA  1 
ATOM   662  C C   . ASN A 1 84  ? -6.267  7.434   5.871   1.00 23.21 ? 1939 ASN A C   1 
ATOM   663  O O   . ASN A 1 84  ? -6.755  8.276   6.619   1.00 20.96 ? 1939 ASN A O   1 
ATOM   664  C CB  . ASN A 1 84  ? -5.262  5.383   6.839   1.00 22.68 ? 1939 ASN A CB  1 
ATOM   665  C CG  . ASN A 1 84  ? -5.517  4.011   7.445   1.00 22.53 ? 1939 ASN A CG  1 
ATOM   666  O OD1 . ASN A 1 84  ? -6.664  3.586   7.563   1.00 20.35 ? 1939 ASN A OD1 1 
ATOM   667  N ND2 . ASN A 1 84  ? -4.441  3.316   7.839   1.00 19.64 ? 1939 ASN A ND2 1 
ATOM   668  N N   . CYS A 1 85  ? -5.539  7.745   4.800   1.00 21.79 ? 1940 CYS A N   1 
ATOM   669  C CA  . CYS A 1 85  ? -5.222  9.132   4.486   1.00 23.69 ? 1940 CYS A CA  1 
ATOM   670  C C   . CYS A 1 85  ? -6.503  9.950   4.278   1.00 26.83 ? 1940 CYS A C   1 
ATOM   671  O O   . CYS A 1 85  ? -6.627  11.061  4.803   1.00 25.24 ? 1940 CYS A O   1 
ATOM   672  C CB  . CYS A 1 85  ? -4.328  9.216   3.256   1.00 20.67 ? 1940 CYS A CB  1 
ATOM   673  S SG  . CYS A 1 85  ? -3.785  10.902  2.819   1.00 21.12 ? 1940 CYS A SG  1 
ATOM   674  N N   . GLU A 1 86  ? -7.454  9.381   3.539   1.00 22.92 ? 1941 GLU A N   1 
ATOM   675  C CA  . GLU A 1 86  ? -8.727  10.050  3.251   1.00 28.32 ? 1941 GLU A CA  1 
ATOM   676  C C   . GLU A 1 86  ? -9.590  10.256  4.480   1.00 27.17 ? 1941 GLU A C   1 
ATOM   677  O O   . GLU A 1 86  ? -10.322 11.236  4.572   1.00 28.44 ? 1941 GLU A O   1 
ATOM   678  C CB  . GLU A 1 86  ? -9.542  9.258   2.237   1.00 24.88 ? 1941 GLU A CB  1 
ATOM   679  C CG  . GLU A 1 86  ? -9.007  9.322   0.849   1.00 31.94 ? 1941 GLU A CG  1 
ATOM   680  C CD  . GLU A 1 86  ? -10.077 9.018   -0.175  1.00 38.49 ? 1941 GLU A CD  1 
ATOM   681  O OE1 . GLU A 1 86  ? -11.219 9.510   0.000   1.00 41.84 ? 1941 GLU A OE1 1 
ATOM   682  O OE2 . GLU A 1 86  ? -9.773  8.276   -1.141  1.00 33.48 ? 1941 GLU A OE2 1 
ATOM   683  N N   . THR A 1 87  ? -9.539  9.299   5.395   1.00 24.60 ? 1942 THR A N   1 
ATOM   684  C CA  . THR A 1 87  ? -10.295 9.383   6.631   1.00 25.72 ? 1942 THR A CA  1 
ATOM   685  C C   . THR A 1 87  ? -9.867  10.572  7.492   1.00 28.35 ? 1942 THR A C   1 
ATOM   686  O O   . THR A 1 87  ? -10.693 11.228  8.107   1.00 30.27 ? 1942 THR A O   1 
ATOM   687  C CB  . THR A 1 87  ? -10.147 8.090   7.447   1.00 26.61 ? 1942 THR A CB  1 
ATOM   688  O OG1 . THR A 1 87  ? -10.754 7.017   6.731   1.00 24.84 ? 1942 THR A OG1 1 
ATOM   689  C CG2 . THR A 1 87  ? -10.845 8.219   8.801   1.00 27.97 ? 1942 THR A CG2 1 
ATOM   690  N N   . PHE A 1 88  ? -8.571  10.855  7.526   1.00 25.67 ? 1943 PHE A N   1 
ATOM   691  C CA  . PHE A 1 88  ? -8.046  11.807  8.485   1.00 27.11 ? 1943 PHE A CA  1 
ATOM   692  C C   . PHE A 1 88  ? -7.731  13.186  7.895   1.00 26.79 ? 1943 PHE A C   1 
ATOM   693  O O   . PHE A 1 88  ? -7.525  14.142  8.637   1.00 29.87 ? 1943 PHE A O   1 
ATOM   694  C CB  . PHE A 1 88  ? -6.786  11.224  9.127   1.00 27.89 ? 1943 PHE A CB  1 
ATOM   695  C CG  . PHE A 1 88  ? -6.439  11.827  10.466  1.00 24.22 ? 1943 PHE A CG  1 
ATOM   696  C CD1 . PHE A 1 88  ? -7.072  11.392  11.614  1.00 26.48 ? 1943 PHE A CD1 1 
ATOM   697  C CD2 . PHE A 1 88  ? -5.447  12.784  10.577  1.00 27.55 ? 1943 PHE A CD2 1 
ATOM   698  C CE1 . PHE A 1 88  ? -6.739  11.912  12.857  1.00 26.24 ? 1943 PHE A CE1 1 
ATOM   699  C CE2 . PHE A 1 88  ? -5.103  13.313  11.818  1.00 29.69 ? 1943 PHE A CE2 1 
ATOM   700  C CZ  . PHE A 1 88  ? -5.752  12.876  12.960  1.00 26.88 ? 1943 PHE A CZ  1 
ATOM   701  N N   . ASN A 1 89  ? -7.669  13.279  6.571   1.00 24.53 ? 1944 ASN A N   1 
ATOM   702  C CA  . ASN A 1 89  ? -7.198  14.494  5.913   1.00 26.98 ? 1944 ASN A CA  1 
ATOM   703  C C   . ASN A 1 89  ? -8.241  15.058  4.954   1.00 29.95 ? 1944 ASN A C   1 
ATOM   704  O O   . ASN A 1 89  ? -8.893  14.308  4.221   1.00 29.17 ? 1944 ASN A O   1 
ATOM   705  C CB  . ASN A 1 89  ? -5.895  14.223  5.147   1.00 26.62 ? 1944 ASN A CB  1 
ATOM   706  C CG  . ASN A 1 89  ? -4.734  13.836  6.063   1.00 29.53 ? 1944 ASN A CG  1 
ATOM   707  O OD1 . ASN A 1 89  ? -4.008  14.702  6.569   1.00 25.96 ? 1944 ASN A OD1 1 
ATOM   708  N ND2 . ASN A 1 89  ? -4.553  12.534  6.274   1.00 23.45 ? 1944 ASN A ND2 1 
ATOM   709  N N   . GLU A 1 90  ? -8.390  16.378  4.952   1.00 31.88 ? 1945 GLU A N   1 
ATOM   710  C CA  . GLU A 1 90  ? -9.282  17.025  3.999   1.00 33.84 ? 1945 GLU A CA  1 
ATOM   711  C C   . GLU A 1 90  ? -8.746  16.849  2.585   1.00 29.12 ? 1945 GLU A C   1 
ATOM   712  O O   . GLU A 1 90  ? -7.526  16.857  2.376   1.00 27.33 ? 1945 GLU A O   1 
ATOM   713  C CB  A GLU A 1 90  ? -9.435  18.519  4.335   0.52 33.00 ? 1945 GLU A CB  1 
ATOM   714  C CB  B GLU A 1 90  ? -9.467  18.506  4.339   0.48 33.19 ? 1945 GLU A CB  1 
ATOM   715  C CG  A GLU A 1 90  ? -9.841  18.804  5.792   0.52 34.09 ? 1945 GLU A CG  1 
ATOM   716  C CG  B GLU A 1 90  ? -10.523 18.748  5.420   0.48 34.27 ? 1945 GLU A CG  1 
ATOM   717  C CD  A GLU A 1 90  ? -10.021 20.294  6.088   0.52 37.14 ? 1945 GLU A CD  1 
ATOM   718  C CD  B GLU A 1 90  ? -11.931 18.373  4.967   0.48 34.22 ? 1945 GLU A CD  1 
ATOM   719  O OE1 A GLU A 1 90  ? -10.754 20.975  5.339   0.52 38.69 ? 1945 GLU A OE1 1 
ATOM   720  O OE1 B GLU A 1 90  ? -12.170 18.296  3.744   0.48 34.23 ? 1945 GLU A OE1 1 
ATOM   721  O OE2 A GLU A 1 90  ? -9.419  20.790  7.065   0.52 35.66 ? 1945 GLU A OE2 1 
ATOM   722  O OE2 B GLU A 1 90  ? -12.802 18.154  5.832   0.48 34.39 ? 1945 GLU A OE2 1 
ATOM   723  N N   . ASP A 1 91  ? -9.646  16.657  1.619   1.00 29.44 ? 1946 ASP A N   1 
ATOM   724  C CA  . ASP A 1 91  ? -9.236  16.515  0.217   1.00 33.59 ? 1946 ASP A CA  1 
ATOM   725  C C   . ASP A 1 91  ? -8.402  17.715  -0.240  1.00 31.69 ? 1946 ASP A C   1 
ATOM   726  O O   . ASP A 1 91  ? -7.403  17.561  -0.950  1.00 33.71 ? 1946 ASP A O   1 
ATOM   727  C CB  . ASP A 1 91  ? -10.450 16.345  -0.699  1.00 32.00 ? 1946 ASP A CB  1 
ATOM   728  C CG  . ASP A 1 91  ? -11.108 14.984  -0.550  1.00 39.97 ? 1946 ASP A CG  1 
ATOM   729  O OD1 . ASP A 1 91  ? -10.431 14.041  -0.088  1.00 41.44 ? 1946 ASP A OD1 1 
ATOM   730  O OD2 . ASP A 1 91  ? -12.302 14.855  -0.899  1.00 40.12 ? 1946 ASP A OD2 1 
ATOM   731  N N   . ASP A 1 92  ? -8.827  18.901  0.183   1.00 30.66 ? 1947 ASP A N   1 
ATOM   732  C CA  . ASP A 1 92  ? -8.148  20.162  -0.102  1.00 32.88 ? 1947 ASP A CA  1 
ATOM   733  C C   . ASP A 1 92  ? -7.068  20.462  0.953   1.00 35.84 ? 1947 ASP A C   1 
ATOM   734  O O   . ASP A 1 92  ? -7.169  21.408  1.734   1.00 38.50 ? 1947 ASP A O   1 
ATOM   735  C CB  . ASP A 1 92  ? -9.191  21.290  -0.163  1.00 35.89 ? 1947 ASP A CB  1 
ATOM   736  C CG  . ASP A 1 92  ? -8.595  22.648  -0.523  1.00 45.82 ? 1947 ASP A CG  1 
ATOM   737  O OD1 . ASP A 1 92  ? -7.488  22.709  -1.098  1.00 45.12 ? 1947 ASP A OD1 1 
ATOM   738  O OD2 . ASP A 1 92  ? -9.254  23.667  -0.219  1.00 48.17 ? 1947 ASP A OD2 1 
ATOM   739  N N   . SER A 1 93  ? -6.043  19.625  0.977   1.00 31.48 ? 1948 SER A N   1 
ATOM   740  C CA  . SER A 1 93  ? -4.878  19.811  1.831   1.00 29.94 ? 1948 SER A CA  1 
ATOM   741  C C   . SER A 1 93  ? -3.725  19.188  1.078   1.00 28.90 ? 1948 SER A C   1 
ATOM   742  O O   . SER A 1 93  ? -3.958  18.416  0.145   1.00 25.60 ? 1948 SER A O   1 
ATOM   743  C CB  . SER A 1 93  ? -5.069  19.157  3.203   1.00 28.70 ? 1948 SER A CB  1 
ATOM   744  O OG  . SER A 1 93  ? -5.063  17.741  3.091   1.00 28.34 ? 1948 SER A OG  1 
ATOM   745  N N   . ASP A 1 94  ? -2.493  19.526  1.449   1.00 28.60 ? 1949 ASP A N   1 
ATOM   746  C CA  . ASP A 1 94  ? -1.335  18.932  0.779   1.00 27.69 ? 1949 ASP A CA  1 
ATOM   747  C C   . ASP A 1 94  ? -1.314  17.415  0.941   1.00 26.90 ? 1949 ASP A C   1 
ATOM   748  O O   . ASP A 1 94  ? -1.075  16.698  -0.025  1.00 25.23 ? 1949 ASP A O   1 
ATOM   749  C CB  . ASP A 1 94  ? -0.033  19.533  1.303   1.00 28.66 ? 1949 ASP A CB  1 
ATOM   750  C CG  . ASP A 1 94  ? 0.140   20.991  0.887   1.00 37.68 ? 1949 ASP A CG  1 
ATOM   751  O OD1 . ASP A 1 94  ? 0.599   21.248  -0.256  1.00 32.35 ? 1949 ASP A OD1 1 
ATOM   752  O OD2 . ASP A 1 94  ? -0.198  21.876  1.704   1.00 37.66 ? 1949 ASP A OD2 1 
ATOM   753  N N   . ILE A 1 95  ? -1.585  16.933  2.152   1.00 24.76 ? 1950 ILE A N   1 
ATOM   754  C CA  . ILE A 1 95  ? -1.539  15.495  2.415   1.00 25.66 ? 1950 ILE A CA  1 
ATOM   755  C C   . ILE A 1 95  ? -2.710  14.784  1.733   1.00 25.53 ? 1950 ILE A C   1 
ATOM   756  O O   . ILE A 1 95  ? -2.537  13.709  1.144   1.00 25.09 ? 1950 ILE A O   1 
ATOM   757  C CB  . ILE A 1 95  ? -1.541  15.185  3.928   1.00 23.52 ? 1950 ILE A CB  1 
ATOM   758  C CG1 . ILE A 1 95  ? -0.244  15.696  4.565   1.00 24.14 ? 1950 ILE A CG1 1 
ATOM   759  C CG2 . ILE A 1 95  ? -1.673  13.659  4.170   1.00 22.58 ? 1950 ILE A CG2 1 
ATOM   760  C CD1 . ILE A 1 95  ? -0.151  15.494  6.087   1.00 27.34 ? 1950 ILE A CD1 1 
ATOM   761  N N   . GLY A 1 96  ? -3.889  15.393  1.793   1.00 26.52 ? 1951 GLY A N   1 
ATOM   762  C CA  . GLY A 1 96  ? -5.050  14.900  1.070   1.00 25.32 ? 1951 GLY A CA  1 
ATOM   763  C C   . GLY A 1 96  ? -4.802  14.716  -0.421  1.00 26.51 ? 1951 GLY A C   1 
ATOM   764  O O   . GLY A 1 96  ? -5.136  13.671  -0.987  1.00 23.04 ? 1951 GLY A O   1 
ATOM   765  N N   . ARG A 1 97  ? -4.204  15.719  -1.061  1.00 26.45 ? 1952 ARG A N   1 
ATOM   766  C CA  . ARG A 1 97  ? -3.913  15.631  -2.494  1.00 24.40 ? 1952 ARG A CA  1 
ATOM   767  C C   . ARG A 1 97  ? -2.805  14.611  -2.764  1.00 22.41 ? 1952 ARG A C   1 
ATOM   768  O O   . ARG A 1 97  ? -2.858  13.884  -3.754  1.00 22.19 ? 1952 ARG A O   1 
ATOM   769  C CB  . ARG A 1 97  ? -3.528  17.009  -3.071  1.00 24.15 ? 1952 ARG A CB  1 
ATOM   770  C CG  . ARG A 1 97  ? -4.718  17.973  -3.269  1.00 30.11 ? 1952 ARG A CG  1 
ATOM   771  C CD  . ARG A 1 97  ? -4.322  19.293  -3.968  1.00 30.90 ? 1952 ARG A CD  1 
ATOM   772  N NE  . ARG A 1 97  ? -3.513  20.150  -3.112  1.00 31.25 ? 1952 ARG A NE  1 
ATOM   773  C CZ  . ARG A 1 97  ? -4.009  21.005  -2.220  1.00 34.92 ? 1952 ARG A CZ  1 
ATOM   774  N NH1 . ARG A 1 97  ? -3.193  21.736  -1.462  1.00 34.50 ? 1952 ARG A NH1 1 
ATOM   775  N NH2 . ARG A 1 97  ? -5.320  21.125  -2.082  1.00 31.75 ? 1952 ARG A NH2 1 
ATOM   776  N N   . ALA A 1 98  ? -1.820  14.539  -1.874  1.00 20.99 ? 1953 ALA A N   1 
ATOM   777  C CA  . ALA A 1 98  ? -0.758  13.539  -1.999  1.00 22.16 ? 1953 ALA A CA  1 
ATOM   778  C C   . ALA A 1 98  ? -1.336  12.117  -2.031  1.00 22.34 ? 1953 ALA A C   1 
ATOM   779  O O   . ALA A 1 98  ? -0.910  11.277  -2.845  1.00 21.04 ? 1953 ALA A O   1 
ATOM   780  C CB  . ALA A 1 98  ? 0.233   13.679  -0.865  1.00 17.93 ? 1953 ALA A CB  1 
ATOM   781  N N   . GLY A 1 99  ? -2.315  11.868  -1.163  1.00 20.20 ? 1954 GLY A N   1 
ATOM   782  C CA  . GLY A 1 99  ? -2.950  10.562  -1.063  1.00 20.65 ? 1954 GLY A CA  1 
ATOM   783  C C   . GLY A 1 99  ? -3.652  10.164  -2.354  1.00 23.62 ? 1954 GLY A C   1 
ATOM   784  O O   . GLY A 1 99  ? -3.472  9.045   -2.854  1.00 19.93 ? 1954 GLY A O   1 
ATOM   785  N N   . HIS A 1 100 ? -4.440  11.090  -2.899  1.00 20.56 ? 1955 HIS A N   1 
ATOM   786  C CA  . HIS A 1 100 ? -5.165  10.859  -4.142  1.00 25.27 ? 1955 HIS A CA  1 
ATOM   787  C C   . HIS A 1 100 ? -4.216  10.601  -5.301  1.00 23.67 ? 1955 HIS A C   1 
ATOM   788  O O   . HIS A 1 100 ? -4.446  9.686   -6.092  1.00 22.81 ? 1955 HIS A O   1 
ATOM   789  C CB  . HIS A 1 100 ? -6.081  12.041  -4.457  1.00 25.62 ? 1955 HIS A CB  1 
ATOM   790  C CG  . HIS A 1 100 ? -7.275  12.121  -3.564  1.00 30.06 ? 1955 HIS A CG  1 
ATOM   791  N ND1 . HIS A 1 100 ? -8.250  11.147  -3.543  1.00 36.16 ? 1955 HIS A ND1 1 
ATOM   792  C CD2 . HIS A 1 100 ? -7.662  13.058  -2.666  1.00 30.44 ? 1955 HIS A CD2 1 
ATOM   793  C CE1 . HIS A 1 100 ? -9.178  11.474  -2.660  1.00 34.09 ? 1955 HIS A CE1 1 
ATOM   794  N NE2 . HIS A 1 100 ? -8.843  12.629  -2.113  1.00 34.82 ? 1955 HIS A NE2 1 
ATOM   795  N N   . ASN A 1 101 ? -3.156  11.407  -5.397  1.00 23.23 ? 1956 ASN A N   1 
ATOM   796  C CA  . ASN A 1 101 ? -2.127  11.220  -6.429  1.00 22.44 ? 1956 ASN A CA  1 
ATOM   797  C C   . ASN A 1 101 ? -1.443  9.853   -6.371  1.00 22.50 ? 1956 ASN A C   1 
ATOM   798  O O   . ASN A 1 101 ? -1.304  9.178   -7.397  1.00 23.96 ? 1956 ASN A O   1 
ATOM   799  C CB  . ASN A 1 101 ? -1.048  12.298  -6.317  1.00 23.99 ? 1956 ASN A CB  1 
ATOM   800  C CG  . ASN A 1 101 ? -1.501  13.650  -6.844  1.00 25.46 ? 1956 ASN A CG  1 
ATOM   801  O OD1 . ASN A 1 101 ? -2.539  13.763  -7.493  1.00 25.33 ? 1956 ASN A OD1 1 
ATOM   802  N ND2 . ASN A 1 101 ? -0.702  14.683  -6.582  1.00 27.79 ? 1956 ASN A ND2 1 
ATOM   803  N N   . MET A 1 102 ? -1.003  9.464   -5.167  1.00 21.00 ? 1957 MET A N   1 
ATOM   804  C CA  . MET A 1 102 ? -0.288  8.201   -4.961  1.00 22.21 ? 1957 MET A CA  1 
ATOM   805  C C   . MET A 1 102 ? -1.173  6.979   -5.240  1.00 20.59 ? 1957 MET A C   1 
ATOM   806  O O   . MET A 1 102 ? -0.695  5.965   -5.743  1.00 22.53 ? 1957 MET A O   1 
ATOM   807  C CB  . MET A 1 102 ? 0.263   8.109   -3.529  1.00 17.46 ? 1957 MET A CB  1 
ATOM   808  C CG  . MET A 1 102 ? 1.385   9.086   -3.169  1.00 23.66 ? 1957 MET A CG  1 
ATOM   809  S SD  . MET A 1 102 ? 2.829   8.997   -4.250  1.00 31.89 ? 1957 MET A SD  1 
ATOM   810  C CE  . MET A 1 102 ? 3.347   7.300   -4.045  1.00 27.00 ? 1957 MET A CE  1 
ATOM   811  N N   . ARG A 1 103 ? -2.447  7.068   -4.888  1.00 18.92 ? 1958 ARG A N   1 
ATOM   812  C CA  . ARG A 1 103 ? -3.371  5.960   -5.141  1.00 22.51 ? 1958 ARG A CA  1 
ATOM   813  C C   . ARG A 1 103 ? -3.483  5.730   -6.642  1.00 26.31 ? 1958 ARG A C   1 
ATOM   814  O O   . ARG A 1 103 ? -3.360  4.604   -7.117  1.00 23.48 ? 1958 ARG A O   1 
ATOM   815  C CB  . ARG A 1 103 ? -4.757  6.231   -4.547  1.00 20.75 ? 1958 ARG A CB  1 
ATOM   816  C CG  . ARG A 1 103 ? -5.746  5.092   -4.765  1.00 24.38 ? 1958 ARG A CG  1 
ATOM   817  C CD  . ARG A 1 103 ? -7.198  5.501   -4.544  1.00 24.57 ? 1958 ARG A CD  1 
ATOM   818  N NE  . ARG A 1 103 ? -7.500  5.928   -3.173  1.00 22.60 ? 1958 ARG A NE  1 
ATOM   819  C CZ  . ARG A 1 103 ? -7.824  5.104   -2.176  1.00 27.52 ? 1958 ARG A CZ  1 
ATOM   820  N NH1 . ARG A 1 103 ? -7.879  3.782   -2.362  1.00 28.80 ? 1958 ARG A NH1 1 
ATOM   821  N NH2 . ARG A 1 103 ? -8.093  5.602   -0.985  1.00 25.27 ? 1958 ARG A NH2 1 
ATOM   822  N N   . LYS A 1 104 ? -3.697  6.815   -7.382  1.00 25.13 ? 1959 LYS A N   1 
ATOM   823  C CA  . LYS A 1 104 ? -3.789  6.759   -8.843  1.00 23.75 ? 1959 LYS A CA  1 
ATOM   824  C C   . LYS A 1 104 ? -2.503  6.184   -9.463  1.00 27.21 ? 1959 LYS A C   1 
ATOM   825  O O   . LYS A 1 104 ? -2.534  5.323   -10.344 1.00 25.69 ? 1959 LYS A O   1 
ATOM   826  C CB  . LYS A 1 104 ? -4.079  8.162   -9.387  1.00 25.64 ? 1959 LYS A CB  1 
ATOM   827  C CG  . LYS A 1 104 ? -4.226  8.230   -10.888 1.00 34.20 ? 1959 LYS A CG  1 
ATOM   828  C CD  . LYS A 1 104 ? -5.411  7.399   -11.331 1.00 37.73 ? 1959 LYS A CD  1 
ATOM   829  C CE  . LYS A 1 104 ? -5.685  7.574   -12.814 1.00 55.03 ? 1959 LYS A CE  1 
ATOM   830  N NZ  . LYS A 1 104 ? -6.700  6.602   -13.336 1.00 57.48 ? 1959 LYS A NZ  1 
ATOM   831  N N   . TYR A 1 105 ? -1.366  6.665   -8.982  1.00 23.73 ? 1960 TYR A N   1 
ATOM   832  C CA  . TYR A 1 105 ? -0.076  6.149   -9.403  1.00 21.67 ? 1960 TYR A CA  1 
ATOM   833  C C   . TYR A 1 105 ? 0.030   4.637   -9.152  1.00 25.87 ? 1960 TYR A C   1 
ATOM   834  O O   . TYR A 1 105 ? 0.488   3.884   -10.019 1.00 24.95 ? 1960 TYR A O   1 
ATOM   835  C CB  . TYR A 1 105 ? 1.026   6.903   -8.663  1.00 22.26 ? 1960 TYR A CB  1 
ATOM   836  C CG  . TYR A 1 105 ? 2.430   6.715   -9.182  1.00 26.53 ? 1960 TYR A CG  1 
ATOM   837  C CD1 . TYR A 1 105 ? 2.839   7.266   -10.401 1.00 25.40 ? 1960 TYR A CD1 1 
ATOM   838  C CD2 . TYR A 1 105 ? 3.367   6.027   -8.429  1.00 27.68 ? 1960 TYR A CD2 1 
ATOM   839  C CE1 . TYR A 1 105 ? 4.144   7.112   -10.849 1.00 27.56 ? 1960 TYR A CE1 1 
ATOM   840  C CE2 . TYR A 1 105 ? 4.659   5.871   -8.863  1.00 29.65 ? 1960 TYR A CE2 1 
ATOM   841  C CZ  . TYR A 1 105 ? 5.048   6.406   -10.072 1.00 30.30 ? 1960 TYR A CZ  1 
ATOM   842  O OH  . TYR A 1 105 ? 6.351   6.218   -10.476 1.00 35.46 ? 1960 TYR A OH  1 
ATOM   843  N N   . PHE A 1 106 ? -0.400  4.190   -7.972  1.00 24.24 ? 1961 PHE A N   1 
ATOM   844  C CA  . PHE A 1 106 ? -0.332  2.765   -7.627  1.00 22.36 ? 1961 PHE A CA  1 
ATOM   845  C C   . PHE A 1 106 ? -1.207  1.898   -8.525  1.00 23.69 ? 1961 PHE A C   1 
ATOM   846  O O   . PHE A 1 106 ? -0.760  0.871   -9.025  1.00 25.22 ? 1961 PHE A O   1 
ATOM   847  C CB  . PHE A 1 106 ? -0.748  2.514   -6.174  1.00 20.46 ? 1961 PHE A CB  1 
ATOM   848  C CG  . PHE A 1 106 ? -0.951  1.040   -5.846  1.00 24.77 ? 1961 PHE A CG  1 
ATOM   849  C CD1 . PHE A 1 106 ? 0.143   0.172   -5.735  1.00 22.98 ? 1961 PHE A CD1 1 
ATOM   850  C CD2 . PHE A 1 106 ? -2.224  0.522   -5.667  1.00 22.44 ? 1961 PHE A CD2 1 
ATOM   851  C CE1 . PHE A 1 106 ? -0.036  -1.181  -5.431  1.00 20.46 ? 1961 PHE A CE1 1 
ATOM   852  C CE2 . PHE A 1 106 ? -2.413  -0.840  -5.371  1.00 23.46 ? 1961 PHE A CE2 1 
ATOM   853  C CZ  . PHE A 1 106 ? -1.320  -1.688  -5.255  1.00 19.28 ? 1961 PHE A CZ  1 
ATOM   854  N N   . GLU A 1 107 ? -2.462  2.298   -8.699  1.00 22.70 ? 1962 GLU A N   1 
ATOM   855  C CA  . GLU A 1 107 ? -3.424  1.442   -9.386  1.00 27.67 ? 1962 GLU A CA  1 
ATOM   856  C C   . GLU A 1 107 ? -3.043  1.243   -10.852 1.00 28.19 ? 1962 GLU A C   1 
ATOM   857  O O   . GLU A 1 107 ? -3.279  0.175   -11.419 1.00 28.07 ? 1962 GLU A O   1 
ATOM   858  C CB  . GLU A 1 107 ? -4.838  2.008   -9.252  1.00 25.33 ? 1962 GLU A CB  1 
ATOM   859  C CG  . GLU A 1 107 ? -5.356  2.061   -7.801  1.00 24.12 ? 1962 GLU A CG  1 
ATOM   860  C CD  . GLU A 1 107 ? -5.530  0.681   -7.142  1.00 32.02 ? 1962 GLU A CD  1 
ATOM   861  O OE1 . GLU A 1 107 ? -5.397  -0.354  -7.833  1.00 33.86 ? 1962 GLU A OE1 1 
ATOM   862  O OE2 . GLU A 1 107 ? -5.808  0.626   -5.921  1.00 28.68 ? 1962 GLU A OE2 1 
ATOM   863  N N   . LYS A 1 108 ? -2.419  2.253   -11.449 1.00 27.90 ? 1963 LYS A N   1 
ATOM   864  C CA  . LYS A 1 108 ? -1.904  2.124   -12.803 1.00 30.71 ? 1963 LYS A CA  1 
ATOM   865  C C   . LYS A 1 108 ? -0.787  1.077   -12.878 1.00 31.82 ? 1963 LYS A C   1 
ATOM   866  O O   . LYS A 1 108 ? -0.840  0.172   -13.713 1.00 33.51 ? 1963 LYS A O   1 
ATOM   867  C CB  . LYS A 1 108 ? -1.399  3.472   -13.312 1.00 33.93 ? 1963 LYS A CB  1 
ATOM   868  C CG  . LYS A 1 108 ? -0.528  3.392   -14.566 1.00 33.54 ? 1963 LYS A CG  1 
ATOM   869  C CD  . LYS A 1 108 ? -1.304  3.638   -15.829 1.00 43.46 ? 1963 LYS A CD  1 
ATOM   870  C CE  . LYS A 1 108 ? -0.380  4.189   -16.921 1.00 44.78 ? 1963 LYS A CE  1 
ATOM   871  N NZ  . LYS A 1 108 ? 0.019   3.166   -17.928 1.00 39.29 ? 1963 LYS A NZ  1 
ATOM   872  N N   . LYS A 1 109 ? 0.218   1.194   -12.014 1.00 28.89 ? 1964 LYS A N   1 
ATOM   873  C CA  . LYS A 1 109 ? 1.283   0.187   -11.962 1.00 30.00 ? 1964 LYS A CA  1 
ATOM   874  C C   . LYS A 1 109 ? 0.710   -1.200  -11.743 1.00 32.43 ? 1964 LYS A C   1 
ATOM   875  O O   . LYS A 1 109 ? 1.181   -2.175  -12.327 1.00 35.56 ? 1964 LYS A O   1 
ATOM   876  C CB  . LYS A 1 109 ? 2.277   0.472   -10.839 1.00 32.60 ? 1964 LYS A CB  1 
ATOM   877  C CG  . LYS A 1 109 ? 2.879   1.844   -10.847 1.00 30.95 ? 1964 LYS A CG  1 
ATOM   878  C CD  . LYS A 1 109 ? 4.051   1.914   -11.773 1.00 41.06 ? 1964 LYS A CD  1 
ATOM   879  C CE  . LYS A 1 109 ? 4.758   3.249   -11.625 1.00 41.31 ? 1964 LYS A CE  1 
ATOM   880  N NZ  . LYS A 1 109 ? 5.724   3.439   -12.735 1.00 45.33 ? 1964 LYS A NZ  1 
ATOM   881  N N   . TRP A 1 110 ? -0.294  -1.284  -10.878 1.00 29.31 ? 1965 TRP A N   1 
ATOM   882  C CA  . TRP A 1 110 ? -0.887  -2.565  -10.524 1.00 30.44 ? 1965 TRP A CA  1 
ATOM   883  C C   . TRP A 1 110 ? -1.513  -3.227  -11.754 1.00 35.65 ? 1965 TRP A C   1 
ATOM   884  O O   . TRP A 1 110 ? -1.262  -4.392  -12.040 1.00 33.40 ? 1965 TRP A O   1 
ATOM   885  C CB  . TRP A 1 110 ? -1.934  -2.384  -9.433  1.00 25.81 ? 1965 TRP A CB  1 
ATOM   886  C CG  . TRP A 1 110 ? -2.377  -3.677  -8.808  1.00 29.80 ? 1965 TRP A CG  1 
ATOM   887  C CD1 . TRP A 1 110 ? -3.593  -4.280  -8.938  1.00 29.91 ? 1965 TRP A CD1 1 
ATOM   888  C CD2 . TRP A 1 110 ? -1.598  -4.527  -7.952  1.00 27.88 ? 1965 TRP A CD2 1 
ATOM   889  N NE1 . TRP A 1 110 ? -3.624  -5.446  -8.211  1.00 32.10 ? 1965 TRP A NE1 1 
ATOM   890  C CE2 . TRP A 1 110 ? -2.410  -5.626  -7.602  1.00 30.84 ? 1965 TRP A CE2 1 
ATOM   891  C CE3 . TRP A 1 110 ? -0.291  -4.471  -7.459  1.00 26.14 ? 1965 TRP A CE3 1 
ATOM   892  C CZ2 . TRP A 1 110 ? -1.957  -6.663  -6.781  1.00 28.51 ? 1965 TRP A CZ2 1 
ATOM   893  C CZ3 . TRP A 1 110 ? 0.157   -5.499  -6.627  1.00 28.42 ? 1965 TRP A CZ3 1 
ATOM   894  C CH2 . TRP A 1 110 ? -0.676  -6.579  -6.298  1.00 26.50 ? 1965 TRP A CH2 1 
ATOM   895  N N   . THR A 1 111 ? -2.321  -2.453  -12.467 1.00 34.07 ? 1966 THR A N   1 
ATOM   896  C CA  . THR A 1 111 ? -2.978  -2.895  -13.685 1.00 36.54 ? 1966 THR A CA  1 
ATOM   897  C C   . THR A 1 111 ? -1.984  -3.309  -14.764 1.00 39.13 ? 1966 THR A C   1 
ATOM   898  O O   . THR A 1 111 ? -2.107  -4.385  -15.339 1.00 41.41 ? 1966 THR A O   1 
ATOM   899  C CB  . THR A 1 111 ? -3.892  -1.792  -14.237 1.00 35.75 ? 1966 THR A CB  1 
ATOM   900  O OG1 . THR A 1 111 ? -4.982  -1.591  -13.331 1.00 36.29 ? 1966 THR A OG1 1 
ATOM   901  C CG2 . THR A 1 111 ? -4.437  -2.178  -15.605 1.00 39.94 ? 1966 THR A CG2 1 
ATOM   902  N N   . ASP A 1 112 ? -0.994  -2.464  -15.031 1.00 37.13 ? 1967 ASP A N   1 
ATOM   903  C CA  . ASP A 1 112 ? -0.022  -2.762  -16.080 1.00 36.82 ? 1967 ASP A CA  1 
ATOM   904  C C   . ASP A 1 112 ? 0.841   -3.983  -15.758 1.00 43.16 ? 1967 ASP A C   1 
ATOM   905  O O   . ASP A 1 112 ? 1.335   -4.648  -16.667 1.00 45.74 ? 1967 ASP A O   1 
ATOM   906  C CB  . ASP A 1 112 ? 0.889   -1.552  -16.337 1.00 36.07 ? 1967 ASP A CB  1 
ATOM   907  C CG  . ASP A 1 112 ? 0.118   -0.323  -16.794 1.00 41.99 ? 1967 ASP A CG  1 
ATOM   908  O OD1 . ASP A 1 112 ? -1.100  -0.447  -17.064 1.00 40.02 ? 1967 ASP A OD1 1 
ATOM   909  O OD2 . ASP A 1 112 ? 0.730   0.769   -16.873 1.00 39.74 ? 1967 ASP A OD2 1 
ATOM   910  N N   . THR A 1 113 ? 1.034   -4.274  -14.475 1.00 37.63 ? 1968 THR A N   1 
ATOM   911  C CA  . THR A 1 113 ? 1.951   -5.341  -14.079 1.00 37.03 ? 1968 THR A CA  1 
ATOM   912  C C   . THR A 1 113 ? 1.264   -6.695  -13.999 1.00 38.66 ? 1968 THR A C   1 
ATOM   913  O O   . THR A 1 113 ? 1.860   -7.710  -14.339 1.00 43.49 ? 1968 THR A O   1 
ATOM   914  C CB  . THR A 1 113 ? 2.610   -5.050  -12.711 1.00 34.14 ? 1968 THR A CB  1 
ATOM   915  O OG1 . THR A 1 113 ? 3.294   -3.796  -12.763 1.00 36.43 ? 1968 THR A OG1 1 
ATOM   916  C CG2 . THR A 1 113 ? 3.600   -6.144  -12.332 1.00 35.52 ? 1968 THR A CG2 1 
ATOM   917  N N   . PHE A 1 114 ? 0.012   -6.717  -13.549 1.00 39.24 ? 1969 PHE A N   1 
ATOM   918  C CA  . PHE A 1 114 ? -0.654  -7.985  -13.254 1.00 41.28 ? 1969 PHE A CA  1 
ATOM   919  C C   . PHE A 1 114 ? -1.963  -8.229  -14.012 1.00 44.82 ? 1969 PHE A C   1 
ATOM   920  O O   . PHE A 1 114 ? -2.338  -9.378  -14.225 1.00 51.67 ? 1969 PHE A O   1 
ATOM   921  C CB  . PHE A 1 114 ? -0.929  -8.097  -11.752 1.00 37.92 ? 1969 PHE A CB  1 
ATOM   922  C CG  . PHE A 1 114 ? 0.318   -8.115  -10.901 1.00 38.98 ? 1969 PHE A CG  1 
ATOM   923  C CD1 . PHE A 1 114 ? 1.208   -9.181  -10.966 1.00 37.01 ? 1969 PHE A CD1 1 
ATOM   924  C CD2 . PHE A 1 114 ? 0.585   -7.078  -10.018 1.00 32.96 ? 1969 PHE A CD2 1 
ATOM   925  C CE1 . PHE A 1 114 ? 2.351   -9.202  -10.179 1.00 34.31 ? 1969 PHE A CE1 1 
ATOM   926  C CE2 . PHE A 1 114 ? 1.727   -7.085  -9.229  1.00 30.12 ? 1969 PHE A CE2 1 
ATOM   927  C CZ  . PHE A 1 114 ? 2.611   -8.148  -9.306  1.00 34.17 ? 1969 PHE A CZ  1 
ATOM   928  N N   . LYS A 1 115 ? -2.662  -7.170  -14.408 1.00 50.63 ? 1970 LYS A N   1 
ATOM   929  C CA  . LYS A 1 115 ? -3.959  -7.334  -15.078 1.00 56.49 ? 1970 LYS A CA  1 
ATOM   930  C C   . LYS A 1 115 ? -3.853  -7.214  -16.600 1.00 55.89 ? 1970 LYS A C   1 
ATOM   931  O O   . LYS A 1 115 ? -2.914  -7.724  -17.216 1.00 62.10 ? 1970 LYS A O   1 
ATOM   932  C CB  . LYS A 1 115 ? -4.976  -6.311  -14.550 1.00 51.23 ? 1970 LYS A CB  1 
HETATM 933  C C01 . 2LY B 2 .   ? -0.708  9.931   5.710   0.82 27.40 ? 2001 2LY A C01 1 
HETATM 934  N N02 . 2LY B 2 .   ? -0.292  10.900  6.709   0.82 29.61 ? 2001 2LY A N02 1 
HETATM 935  C C03 . 2LY B 2 .   ? -1.159  11.452  7.561   0.82 28.70 ? 2001 2LY A C03 1 
HETATM 936  C C04 . 2LY B 2 .   ? -0.596  12.402  8.543   0.82 29.99 ? 2001 2LY A C04 1 
HETATM 937  C C05 . 2LY B 2 .   ? 0.708   12.892  8.643   0.82 35.33 ? 2001 2LY A C05 1 
HETATM 938  C C06 . 2LY B 2 .   ? 0.869   13.783  9.718   0.82 33.64 ? 2001 2LY A C06 1 
HETATM 939  C C07 . 2LY B 2 .   ? -0.296  13.980  10.437  0.82 35.70 ? 2001 2LY A C07 1 
HETATM 940  S S08 . 2LY B 2 .   ? -1.540  13.060  9.771   0.82 34.12 ? 2001 2LY A S08 1 
HETATM 941  O O09 . 2LY B 2 .   ? 2.166   14.428  10.003  0.82 42.07 ? 2001 2LY A O09 1 
HETATM 942  C C10 . 2LY B 2 .   ? 3.032   14.316  8.853   0.82 38.89 ? 2001 2LY A C10 1 
HETATM 943  C C11 . 2LY B 2 .   ? 3.080   12.916  8.327   0.82 36.59 ? 2001 2LY A C11 1 
HETATM 944  O O12 . 2LY B 2 .   ? 1.823   12.524  7.741   0.82 32.85 ? 2001 2LY A O12 1 
HETATM 945  O O13 . 2LY B 2 .   ? -2.373  11.199  7.540   0.82 26.24 ? 2001 2LY A O13 1 
HETATM 946  C C1  . EDO C 3 .   ? 7.359   -2.163  -11.996 1.00 48.12 ? 2002 EDO A C1  1 
HETATM 947  O O1  . EDO C 3 .   ? 6.270   -1.244  -12.175 1.00 46.63 ? 2002 EDO A O1  1 
HETATM 948  C C2  . EDO C 3 .   ? 6.845   -3.600  -12.032 1.00 45.10 ? 2002 EDO A C2  1 
HETATM 949  O O2  . EDO C 3 .   ? 6.114   -3.810  -13.252 1.00 53.41 ? 2002 EDO A O2  1 
HETATM 950  O O   . HOH D 4 .   ? -1.921  -6.292  -18.627 1.00 52.86 ? 2101 HOH A O   1 
HETATM 951  O O   . HOH D 4 .   ? -11.695 21.776  3.315   1.00 44.05 ? 2102 HOH A O   1 
HETATM 952  O O   . HOH D 4 .   ? 2.648   1.189   -15.463 1.00 41.31 ? 2103 HOH A O   1 
HETATM 953  O O   . HOH D 4 .   ? 9.976   1.662   2.986   1.00 34.73 ? 2104 HOH A O   1 
HETATM 954  O O   . HOH D 4 .   ? 9.683   -8.285  10.103  1.00 34.57 ? 2105 HOH A O   1 
HETATM 955  O O   . HOH D 4 .   ? 6.686   7.665   13.177  1.00 38.96 ? 2106 HOH A O   1 
HETATM 956  O O   . HOH D 4 .   ? -14.805 -32.161 -7.536  1.00 26.15 ? 2107 HOH A O   1 
HETATM 957  O O   . HOH D 4 .   ? -6.880  24.532  -2.729  1.00 45.30 ? 2108 HOH A O   1 
HETATM 958  O O   . HOH D 4 .   ? -4.669  3.200   15.944  1.00 32.35 ? 2109 HOH A O   1 
HETATM 959  O O   . HOH D 4 .   ? -11.448 19.349  1.532   1.00 37.39 ? 2110 HOH A O   1 
HETATM 960  O O   . HOH D 4 .   ? -3.251  8.815   7.282   1.00 25.61 ? 2111 HOH A O   1 
HETATM 961  O O   . HOH D 4 .   ? 7.125   -5.265  -15.112 1.00 51.35 ? 2112 HOH A O   1 
HETATM 962  O O   . HOH D 4 .   ? -6.772  8.775   -6.728  1.00 28.60 ? 2113 HOH A O   1 
HETATM 963  O O   . HOH D 4 .   ? 9.914   9.898   -2.132  1.00 32.13 ? 2114 HOH A O   1 
HETATM 964  O O   . HOH D 4 .   ? -2.857  9.875   18.353  1.00 33.91 ? 2115 HOH A O   1 
HETATM 965  O O   . HOH D 4 .   ? 0.921   -14.246 -5.456  1.00 32.58 ? 2116 HOH A O   1 
HETATM 966  O O   . HOH D 4 .   ? -7.634  2.147   -4.834  1.00 31.77 ? 2117 HOH A O   1 
HETATM 967  O O   . HOH D 4 .   ? -6.192  4.709   -15.065 1.00 48.40 ? 2118 HOH A O   1 
HETATM 968  O O   . HOH D 4 .   ? -12.397 16.237  2.144   1.00 38.29 ? 2119 HOH A O   1 
HETATM 969  O O   . HOH D 4 .   ? -5.468  -1.278  -10.295 1.00 33.97 ? 2120 HOH A O   1 
HETATM 970  O O   . HOH D 4 .   ? 0.533   6.168   6.180   1.00 20.50 ? 2121 HOH A O   1 
HETATM 971  O O   . HOH D 4 .   ? 8.653   6.942   -8.652  1.00 32.42 ? 2122 HOH A O   1 
HETATM 972  O O   . HOH D 4 .   ? -8.651  -0.142  3.572   1.00 31.20 ? 2123 HOH A O   1 
HETATM 973  O O   . HOH D 4 .   ? 12.465  -3.579  6.037   1.00 37.79 ? 2124 HOH A O   1 
HETATM 974  O O   . HOH D 4 .   ? 0.907   5.145   13.152  1.00 24.63 ? 2125 HOH A O   1 
HETATM 975  O O   . HOH D 4 .   ? -2.410  -1.839  11.214  1.00 35.75 ? 2126 HOH A O   1 
HETATM 976  O O   . HOH D 4 .   ? -5.052  14.240  -6.670  1.00 41.13 ? 2127 HOH A O   1 
HETATM 977  O O   . HOH D 4 .   ? 12.354  -6.529  -7.188  1.00 41.00 ? 2128 HOH A O   1 
HETATM 978  O O   . HOH D 4 .   ? -7.306  8.540   -2.202  1.00 31.55 ? 2129 HOH A O   1 
HETATM 979  O O   . HOH D 4 .   ? 10.976  -1.034  6.289   1.00 30.41 ? 2130 HOH A O   1 
HETATM 980  O O   . HOH D 4 .   ? -2.065  21.467  3.626   1.00 34.13 ? 2131 HOH A O   1 
HETATM 981  O O   . HOH D 4 .   ? -1.775  5.074   8.553   1.00 23.47 ? 2132 HOH A O   1 
HETATM 982  O O   . HOH D 4 .   ? -2.609  -5.130  7.641   1.00 29.66 ? 2133 HOH A O   1 
HETATM 983  O O   . HOH D 4 .   ? -3.764  17.340  5.961   1.00 33.35 ? 2134 HOH A O   1 
HETATM 984  O O   . HOH D 4 .   ? -1.941  6.898   5.599   1.00 22.34 ? 2135 HOH A O   1 
HETATM 985  O O   . HOH D 4 .   ? -6.893  20.675  6.068   1.00 41.76 ? 2136 HOH A O   1 
HETATM 986  O O   . HOH D 4 .   ? -6.762  -26.919 -15.913 1.00 31.70 ? 2137 HOH A O   1 
HETATM 987  O O   . HOH D 4 .   ? 5.225   16.729  -2.488  1.00 26.63 ? 2138 HOH A O   1 
HETATM 988  O O   . HOH D 4 .   ? -9.116  3.149   6.432   1.00 35.17 ? 2139 HOH A O   1 
HETATM 989  O O   . HOH D 4 .   ? 2.703   -14.765 4.703   1.00 32.95 ? 2140 HOH A O   1 
HETATM 990  O O   . HOH D 4 .   ? 4.683   -14.126 -11.170 1.00 34.92 ? 2141 HOH A O   1 
HETATM 991  O O   . HOH D 4 .   ? -3.278  -7.177  3.878   1.00 28.48 ? 2142 HOH A O   1 
HETATM 992  O O   . HOH D 4 .   ? -9.918  0.215   -0.617  1.00 37.09 ? 2143 HOH A O   1 
HETATM 993  O O   . HOH D 4 .   ? -8.576  -23.292 -10.047 1.00 45.64 ? 2144 HOH A O   1 
HETATM 994  O O   . HOH D 4 .   ? -14.128 -20.637 -10.825 1.00 35.08 ? 2145 HOH A O   1 
HETATM 995  O O   . HOH D 4 .   ? 11.324  -6.317  -0.136  1.00 35.48 ? 2146 HOH A O   1 
HETATM 996  O O   . HOH D 4 .   ? 2.353   7.753   7.215   1.00 20.63 ? 2147 HOH A O   1 
HETATM 997  O O   . HOH D 4 .   ? 13.236  2.397   -2.310  1.00 44.81 ? 2148 HOH A O   1 
HETATM 998  O O   . HOH D 4 .   ? -7.311  20.293  -3.819  1.00 42.66 ? 2149 HOH A O   1 
HETATM 999  O O   . HOH D 4 .   ? 1.405   4.738   -12.495 1.00 29.43 ? 2150 HOH A O   1 
HETATM 1000 O O   . HOH D 4 .   ? -7.531  -2.235  2.176   1.00 27.11 ? 2151 HOH A O   1 
HETATM 1001 O O   . HOH D 4 .   ? 2.114   -14.778 -14.483 1.00 44.29 ? 2152 HOH A O   1 
HETATM 1002 O O   . HOH D 4 .   ? 1.776   2.659   10.021  1.00 22.45 ? 2153 HOH A O   1 
HETATM 1003 O O   . HOH D 4 .   ? -4.728  -22.937 -10.781 1.00 45.28 ? 2154 HOH A O   1 
HETATM 1004 O O   . HOH D 4 .   ? 14.138  -0.526  -2.818  1.00 36.79 ? 2155 HOH A O   1 
HETATM 1005 O O   . HOH D 4 .   ? -13.606 17.047  -2.055  1.00 44.81 ? 2156 HOH A O   1 
HETATM 1006 O O   . HOH D 4 .   ? 3.747   11.786  12.338  1.00 35.31 ? 2157 HOH A O   1 
HETATM 1007 O O   . HOH D 4 .   ? 13.823  -10.614 2.000   1.00 40.08 ? 2158 HOH A O   1 
HETATM 1008 O O   . HOH D 4 .   ? 6.338   0.785   -14.119 1.00 49.78 ? 2159 HOH A O   1 
HETATM 1009 O O   . HOH D 4 .   ? -14.549 5.403   23.520  1.00 37.33 ? 2160 HOH A O   1 
HETATM 1010 O O   . HOH D 4 .   ? -10.122 4.615   8.061   1.00 44.29 ? 2161 HOH A O   1 
HETATM 1011 O O   . HOH D 4 .   ? -4.933  -4.748  4.787   1.00 32.19 ? 2162 HOH A O   1 
HETATM 1012 O O   . HOH D 4 .   ? 9.759   -13.166 -7.086  1.00 28.16 ? 2163 HOH A O   1 
HETATM 1013 O O   . HOH D 4 .   ? -9.018  -3.896  -2.589  1.00 40.58 ? 2164 HOH A O   1 
HETATM 1014 O O   . HOH D 4 .   ? -5.775  9.054   -0.067  1.00 23.70 ? 2165 HOH A O   1 
HETATM 1015 O O   . HOH D 4 .   ? -8.322  13.177  1.589   1.00 28.07 ? 2166 HOH A O   1 
HETATM 1016 O O   . HOH D 4 .   ? 1.352   -17.371 -15.873 1.00 43.96 ? 2167 HOH A O   1 
HETATM 1017 O O   . HOH D 4 .   ? -10.991 -25.745 -4.732  1.00 41.42 ? 2168 HOH A O   1 
HETATM 1018 O O   . HOH D 4 .   ? -13.498 10.802  7.909   1.00 29.81 ? 2169 HOH A O   1 
HETATM 1019 O O   . HOH D 4 .   ? 3.445   3.682   -14.417 1.00 42.23 ? 2170 HOH A O   1 
HETATM 1020 O O   . HOH D 4 .   ? -6.658  12.656  20.775  1.00 36.20 ? 2171 HOH A O   1 
HETATM 1021 O O   . HOH D 4 .   ? 1.515   -10.400 9.341   1.00 42.93 ? 2172 HOH A O   1 
HETATM 1022 O O   . HOH D 4 .   ? -6.318  11.595  0.588   1.00 24.28 ? 2173 HOH A O   1 
HETATM 1023 O O   . HOH D 4 .   ? 0.062   23.616  -1.803  1.00 39.81 ? 2174 HOH A O   1 
HETATM 1024 O O   . HOH D 4 .   ? 2.300   -16.525 -4.433  1.00 34.21 ? 2175 HOH A O   1 
HETATM 1025 O O   . HOH D 4 .   ? -8.163  2.847   18.345  1.00 42.06 ? 2176 HOH A O   1 
HETATM 1026 O O   . HOH D 4 .   ? 12.166  6.897   -0.050  1.00 44.71 ? 2177 HOH A O   1 
HETATM 1027 O O   . HOH D 4 .   ? 7.058   -7.057  11.016  1.00 34.10 ? 2178 HOH A O   1 
HETATM 1028 O O   . HOH D 4 .   ? -1.617  18.616  4.525   1.00 29.51 ? 2179 HOH A O   1 
HETATM 1029 O O   . HOH D 4 .   ? -4.572  23.590  0.322   1.00 39.99 ? 2180 HOH A O   1 
HETATM 1030 O O   . HOH D 4 .   ? 13.121  -2.917  -6.055  1.00 41.90 ? 2181 HOH A O   1 
HETATM 1031 O O   . HOH D 4 .   ? -6.490  17.970  6.535   1.00 32.53 ? 2182 HOH A O   1 
HETATM 1032 O O   . HOH D 4 .   ? 8.456   4.476   -12.373 1.00 47.99 ? 2183 HOH A O   1 
HETATM 1033 O O   . HOH D 4 .   ? 7.816   12.099  14.711  1.00 48.07 ? 2184 HOH A O   1 
HETATM 1034 O O   . HOH D 4 .   ? 8.664   12.299  5.252   1.00 39.02 ? 2185 HOH A O   1 
HETATM 1035 O O   . HOH D 4 .   ? -4.567  15.115  -9.177  1.00 36.78 ? 2186 HOH A O   1 
HETATM 1036 O O   . HOH D 4 .   ? 13.713  -4.560  3.814   1.00 38.76 ? 2187 HOH A O   1 
HETATM 1037 O O   . HOH D 4 .   ? -7.868  1.843   9.667   1.00 21.52 ? 2188 HOH A O   1 
HETATM 1038 O O   . HOH D 4 .   ? -1.929  -16.314 -8.584  1.00 44.59 ? 2189 HOH A O   1 
HETATM 1039 O O   . HOH D 4 .   ? 7.802   11.896  -8.496  1.00 26.29 ? 2190 HOH A O   1 
HETATM 1040 O O   . HOH D 4 .   ? -3.836  -20.229 -11.059 1.00 47.78 ? 2191 HOH A O   1 
HETATM 1041 O O   . HOH D 4 .   ? -10.923 7.365   -3.757  1.00 45.93 ? 2192 HOH A O   1 
HETATM 1042 O O   . HOH D 4 .   ? 5.737   -11.349 1.833   1.00 23.00 ? 2193 HOH A O   1 
HETATM 1043 O O   . HOH D 4 .   ? 6.274   9.848   6.877   1.00 29.90 ? 2194 HOH A O   1 
HETATM 1044 O O   . HOH D 4 .   ? 1.707   17.182  19.771  1.00 48.57 ? 2195 HOH A O   1 
HETATM 1045 O O   . HOH D 4 .   ? 0.077   -5.434  10.001  1.00 32.78 ? 2196 HOH A O   1 
HETATM 1046 O O   . HOH D 4 .   ? -6.148  9.514   19.342  1.00 36.03 ? 2197 HOH A O   1 
HETATM 1047 O O   . HOH D 4 .   ? 7.640   0.142   10.554  1.00 42.23 ? 2198 HOH A O   1 
HETATM 1048 O O   . HOH D 4 .   ? -4.187  -13.387 -4.575  1.00 41.99 ? 2199 HOH A O   1 
HETATM 1049 O O   . HOH D 4 .   ? -11.113 -22.797 -10.020 1.00 43.65 ? 2200 HOH A O   1 
HETATM 1050 O O   . HOH D 4 .   ? -0.775  -9.958  5.596   1.00 39.20 ? 2201 HOH A O   1 
HETATM 1051 O O   . HOH D 4 .   ? 0.622   -1.103  11.896  1.00 40.17 ? 2202 HOH A O   1 
HETATM 1052 O O   . HOH D 4 .   ? -11.153 2.984   -1.452  1.00 46.45 ? 2203 HOH A O   1 
HETATM 1053 O O   . HOH D 4 .   ? -7.348  -5.135  -8.014  1.00 49.97 ? 2204 HOH A O   1 
HETATM 1054 O O   . HOH D 4 .   ? -6.059  -13.395 -0.109  1.00 44.24 ? 2205 HOH A O   1 
HETATM 1055 O O   . HOH D 4 .   ? -0.508  -13.627 -15.018 1.00 55.27 ? 2206 HOH A O   1 
HETATM 1056 O O   . HOH D 4 .   ? -1.845  -8.093  5.773   1.00 33.68 ? 2207 HOH A O   1 
HETATM 1057 O O   . HOH D 4 .   ? -7.520  19.765  9.293   1.00 46.36 ? 2208 HOH A O   1 
HETATM 1058 O O   . HOH D 4 .   ? 9.707   4.212   3.298   1.00 32.84 ? 2209 HOH A O   1 
HETATM 1059 O O   . HOH D 4 .   ? 0.672   4.994   10.115  1.00 21.86 ? 2210 HOH A O   1 
HETATM 1060 O O   . HOH D 4 .   ? -10.033 3.079   10.674  1.00 31.95 ? 2211 HOH A O   1 
HETATM 1061 O O   . HOH D 4 .   ? -7.629  16.200  -3.808  1.00 40.56 ? 2212 HOH A O   1 
HETATM 1062 O O   . HOH D 4 .   ? 11.217  -1.826  9.661   1.00 49.90 ? 2213 HOH A O   1 
HETATM 1063 O O   . HOH D 4 .   ? 3.967   5.903   16.551  1.00 34.06 ? 2214 HOH A O   1 
HETATM 1064 O O   . HOH D 4 .   ? -6.280  22.387  4.725   1.00 46.33 ? 2215 HOH A O   1 
HETATM 1065 O O   . HOH D 4 .   ? -5.104  -8.367  -8.868  1.00 50.79 ? 2216 HOH A O   1 
HETATM 1066 O O   . HOH D 4 .   ? 0.480   -11.486 -14.299 1.00 45.63 ? 2217 HOH A O   1 
HETATM 1067 O O   . HOH D 4 .   ? 9.314   11.972  -0.532  1.00 33.29 ? 2218 HOH A O   1 
HETATM 1068 O O   . HOH D 4 .   ? 4.903   10.246  9.045   1.00 33.61 ? 2219 HOH A O   1 
HETATM 1069 O O   . HOH D 4 .   ? -10.886 14.502  -4.488  1.00 46.20 ? 2220 HOH A O   1 
HETATM 1070 O O   . HOH D 4 .   ? -6.382  -7.256  -5.890  1.00 46.49 ? 2221 HOH A O   1 
HETATM 1071 O O   . HOH D 4 .   ? -9.635  0.575   -3.109  1.00 41.91 ? 2222 HOH A O   1 
HETATM 1072 O O   . HOH D 4 .   ? 6.114   -4.812  10.001  1.00 40.70 ? 2223 HOH A O   1 
HETATM 1073 O O   . HOH D 4 .   ? -5.648  2.440   -13.391 1.00 41.78 ? 2224 HOH A O   1 
HETATM 1074 O O   . HOH D 4 .   ? -5.143  -9.375  -6.329  1.00 38.22 ? 2225 HOH A O   1 
HETATM 1075 O O   . HOH D 4 .   ? 7.288   9.920   -10.212 1.00 37.21 ? 2226 HOH A O   1 
HETATM 1076 O O   . HOH D 4 .   ? -9.215  -0.725  -7.444  1.00 46.08 ? 2227 HOH A O   1 
HETATM 1077 O O   . HOH D 4 .   ? -7.479  3.863   -10.729 1.00 45.72 ? 2228 HOH A O   1 
HETATM 1078 O O   . HOH D 4 .   ? -1.528  6.544   -19.232 1.00 43.53 ? 2229 HOH A O   1 
HETATM 1079 O O   . HOH D 4 .   ? -10.314 -1.748  -4.353  1.00 43.40 ? 2230 HOH A O   1 
HETATM 1080 O O   . HOH D 4 .   ? -7.196  5.314   -8.514  1.00 42.17 ? 2231 HOH A O   1 
HETATM 1081 O O   . HOH D 4 .   ? -10.027 -2.855  -6.844  1.00 46.94 ? 2232 HOH A O   1 
HETATM 1082 O O   . HOH D 4 .   ? 2.284   1.067   12.140  1.00 26.17 ? 2233 HOH A O   1 
HETATM 1083 O O   . HOH D 4 .   ? -1.325  -15.202 -5.946  1.00 38.94 ? 2234 HOH A O   1 
HETATM 1084 O O   . HOH D 4 .   ? 3.368   -11.628 -13.913 1.00 45.22 ? 2235 HOH A O   1 
HETATM 1085 O O   . HOH D 4 .   ? 9.046   10.736  6.886   1.00 40.51 ? 2236 HOH A O   1 
HETATM 1086 O O   . HOH D 4 .   ? -7.354  -3.955  4.696   1.00 35.33 ? 2237 HOH A O   1 
HETATM 1087 O O   . HOH D 4 .   ? 6.465   -7.764  13.143  1.00 40.59 ? 2238 HOH A O   1 
HETATM 1088 O O   . HOH D 4 .   ? -2.591  12.417  21.457  1.00 39.15 ? 2239 HOH A O   1 
HETATM 1089 O O   . HOH D 4 .   ? -8.994  -2.152  -0.046  1.00 30.23 ? 2240 HOH A O   1 
HETATM 1090 O O   . HOH D 4 .   ? 6.156   6.963   15.455  1.00 42.35 ? 2241 HOH A O   1 
HETATM 1091 O O   . HOH D 4 .   ? -7.114  -3.553  -10.353 1.00 45.80 ? 2242 HOH A O   1 
HETATM 1092 O O   . HOH D 4 .   ? -9.684  13.905  -6.477  1.00 42.11 ? 2243 HOH A O   1 
HETATM 1093 O O   . HOH D 4 .   ? 11.757  -8.736  -1.134  1.00 39.02 ? 2244 HOH A O   1 
HETATM 1094 O O   . HOH D 4 .   ? -8.820  3.460   -7.101  1.00 45.99 ? 2245 HOH A O   1 
HETATM 1095 O O   . HOH D 4 .   ? 13.788  5.208   -0.953  1.00 50.10 ? 2246 HOH A O   1 
HETATM 1096 O O   . HOH D 4 .   ? -9.088  -0.263  8.630   1.00 31.85 ? 2247 HOH A O   1 
HETATM 1097 O O   . HOH D 4 .   ? 11.956  0.757   4.607   1.00 33.32 ? 2248 HOH A O   1 
HETATM 1098 O O   . HOH D 4 .   ? 4.509   13.745  13.824  1.00 50.26 ? 2249 HOH A O   1 
HETATM 1099 O O   . HOH D 4 .   ? -10.108 0.807   6.063   1.00 39.47 ? 2250 HOH A O   1 
HETATM 1100 O O   . HOH D 4 .   ? -2.888  1.565   16.775  1.00 36.94 ? 2251 HOH A O   1 
HETATM 1101 O O   . HOH D 4 .   ? -2.745  -4.144  9.889   1.00 39.06 ? 2252 HOH A O   1 
HETATM 1102 O O   . HOH D 4 .   ? 1.344   2.797   14.242  1.00 27.19 ? 2253 HOH A O   1 
HETATM 1103 O O   . HOH D 4 .   ? -5.251  -8.951  4.308   1.00 44.14 ? 2254 HOH A O   1 
HETATM 1104 O O   . HOH D 4 .   ? -6.751  15.681  -5.765  1.00 41.17 ? 2255 HOH A O   1 
HETATM 1105 O O   . HOH D 4 .   ? 3.732   -5.247  11.007  1.00 39.30 ? 2256 HOH A O   1 
HETATM 1106 O O   . HOH D 4 .   ? 1.027   18.979  5.568   1.00 30.52 ? 2257 HOH A O   1 
HETATM 1107 O O   . HOH D 4 .   ? -10.762 -5.905  -2.489  1.00 48.30 ? 2258 HOH A O   1 
HETATM 1108 O O   . HOH D 4 .   ? 1.225   -3.716  11.155  1.00 39.90 ? 2259 HOH A O   1 
HETATM 1109 O O   . HOH D 4 .   ? 12.311  5.259   2.070   1.00 49.99 ? 2260 HOH A O   1 
HETATM 1110 O O   . HOH D 4 .   ? 12.390  7.478   5.592   1.00 41.96 ? 2261 HOH A O   1 
HETATM 1111 O O   . HOH D 4 .   ? -0.370  1.051   15.599  1.00 33.60 ? 2262 HOH A O   1 
HETATM 1112 O O   . HOH D 4 .   ? 7.356   4.281   15.048  1.00 43.13 ? 2263 HOH A O   1 
HETATM 1113 O O   . HOH D 4 .   ? 11.460  9.582   5.986   1.00 40.47 ? 2264 HOH A O   1 
HETATM 1114 O O   . HOH D 4 .   ? 5.779   2.401   14.874  1.00 43.43 ? 2265 HOH A O   1 
HETATM 1115 O O   . HOH D 4 .   ? 9.607   11.846  9.276   1.00 49.32 ? 2266 HOH A O   1 
# 
